data_5SJL
#
_entry.id   5SJL
#
_cell.length_a   135.938
_cell.length_b   135.938
_cell.length_c   235.673
_cell.angle_alpha   90.000
_cell.angle_beta   90.000
_cell.angle_gamma   120.000
#
_symmetry.space_group_name_H-M   'H 3'
#
loop_
_entity.id
_entity.type
_entity.pdbx_description
1 polymer "cAMP and cAMP-inhibited cGMP 3',5'-cyclic phosphodiesterase 10A"
2 non-polymer 'ZINC ION'
3 non-polymer 'MAGNESIUM ION'
4 non-polymer 6-cyclopropyl-N-{4-[(2-hydroxy-2-methylpropyl)carbamoyl]pyridin-3-yl}-3-[(pyrimidin-5-yl)amino]pyridine-2-carboxamide
5 water water
#
_entity_poly.entity_id   1
_entity_poly.type   'polypeptide(L)'
_entity_poly.pdbx_seq_one_letter_code
;GSSICTSEEWQGLMQFTLPVRLCKEIELFHFDIGPFENMWPGIFVYMVHRSCGTSCFELEKL(CME)RFIMSVKKNYRRV
PYHNWKHAVTVAHCMYAILQNNHTLFTDLERKGLLIACLCHDLDHRGFSNSYLQKFDHPLAALYSTSTMEQHHFSQTVSI
LQLEGHNIFSTLSSSEYEQVLEIIRKAIIATDLALYFGNRKQLEEMYQTGSLNLNNQSHRDRVIGLMMTACDLCSVTKLW
PVTKLTANDIYAEFWAEGDEMKKLGIQPIPMMDRDKKDEVPQGQLGFYNAVAIPCYTTLTQILPPTEPLLKACRDNLSQW
EKVIRGEETATWISSPSVAQKAAASED
;
_entity_poly.pdbx_strand_id   A,B,C,D
#
loop_
_chem_comp.id
_chem_comp.type
_chem_comp.name
_chem_comp.formula
K49 non-polymer 6-cyclopropyl-N-{4-[(2-hydroxy-2-methylpropyl)carbamoyl]pyridin-3-yl}-3-[(pyrimidin-5-yl)amino]pyridine-2-carboxamide 'C23 H25 N7 O3'
MG non-polymer 'MAGNESIUM ION' 'Mg 2'
ZN non-polymer 'ZINC ION' 'Zn 2'
#
# COMPACT_ATOMS: atom_id res chain seq x y z
N GLY A 12 2.84 47.45 -5.55
CA GLY A 12 3.43 48.27 -4.45
C GLY A 12 2.47 48.47 -3.27
N LEU A 13 1.17 48.66 -3.58
CA LEU A 13 0.04 48.84 -2.61
C LEU A 13 -0.64 47.50 -2.27
N MET A 14 -0.05 46.36 -2.67
CA MET A 14 -0.43 45.01 -2.19
C MET A 14 0.34 44.74 -0.90
N GLN A 15 -0.39 44.61 0.22
CA GLN A 15 0.13 44.19 1.53
C GLN A 15 -0.25 42.73 1.79
N PHE A 16 0.65 41.97 2.38
CA PHE A 16 0.38 40.64 2.97
C PHE A 16 -0.26 40.86 4.34
N THR A 17 -1.33 40.13 4.62
CA THR A 17 -1.98 40.07 5.97
C THR A 17 -2.23 38.62 6.36
N LEU A 18 -2.20 38.38 7.66
CA LEU A 18 -2.27 37.04 8.24
C LEU A 18 -3.58 36.96 9.01
N PRO A 19 -4.11 35.75 9.25
CA PRO A 19 -5.18 35.57 10.22
C PRO A 19 -4.82 36.26 11.55
N VAL A 20 -5.83 36.64 12.30
CA VAL A 20 -5.70 37.46 13.53
C VAL A 20 -4.76 36.78 14.54
N ARG A 21 -4.90 35.48 14.81
CA ARG A 21 -4.11 34.80 15.87
C ARG A 21 -2.63 34.87 15.51
N LEU A 22 -2.32 34.68 14.23
CA LEU A 22 -0.94 34.65 13.69
C LEU A 22 -0.39 36.07 13.74
N CYS A 23 -1.18 37.01 13.25
CA CYS A 23 -0.88 38.47 13.25
C CYS A 23 -0.48 38.93 14.66
N LYS A 24 -1.18 38.48 15.70
CA LYS A 24 -0.83 38.76 17.12
C LYS A 24 0.40 37.96 17.52
N GLU A 25 0.33 36.63 17.46
CA GLU A 25 1.39 35.71 17.97
C GLU A 25 2.73 35.93 17.23
N ILE A 26 2.77 36.33 15.97
CA ILE A 26 4.03 36.42 15.15
C ILE A 26 4.99 37.48 15.72
N GLU A 27 4.50 38.42 16.52
CA GLU A 27 5.32 39.52 17.10
C GLU A 27 5.99 39.00 18.37
N LEU A 28 5.55 37.85 18.88
CA LEU A 28 6.09 37.22 20.10
C LEU A 28 7.31 36.36 19.73
N PHE A 29 8.28 36.26 20.62
CA PHE A 29 9.56 35.53 20.39
C PHE A 29 9.25 34.05 20.24
N HIS A 30 8.22 33.55 20.91
CA HIS A 30 7.94 32.10 21.05
C HIS A 30 6.90 31.66 20.01
N PHE A 31 6.58 32.49 19.01
CA PHE A 31 5.70 32.11 17.88
C PHE A 31 6.19 30.80 17.26
N ASP A 32 5.27 29.89 16.95
CA ASP A 32 5.55 28.61 16.23
C ASP A 32 4.87 28.71 14.86
N ILE A 33 5.63 28.57 13.76
CA ILE A 33 5.15 28.92 12.38
C ILE A 33 4.09 27.93 11.89
N GLY A 34 3.93 26.77 12.53
CA GLY A 34 2.76 25.92 12.25
C GLY A 34 3.06 24.89 11.17
N PRO A 35 2.17 23.89 10.99
CA PRO A 35 2.45 22.71 10.18
C PRO A 35 2.01 22.87 8.73
N PHE A 36 1.59 24.07 8.31
CA PHE A 36 1.09 24.34 6.94
C PHE A 36 2.25 24.92 6.14
N GLU A 37 3.00 24.05 5.46
CA GLU A 37 4.16 24.42 4.60
C GLU A 37 3.79 25.64 3.76
N ASN A 38 2.61 25.65 3.14
CA ASN A 38 2.28 26.60 2.04
C ASN A 38 2.04 28.02 2.60
N MET A 39 1.95 28.16 3.93
CA MET A 39 1.77 29.46 4.63
C MET A 39 3.13 30.10 4.92
N TRP A 40 4.23 29.34 4.88
CA TRP A 40 5.53 29.83 5.40
C TRP A 40 6.07 30.96 4.54
N PRO A 41 6.04 30.87 3.17
CA PRO A 41 6.51 31.97 2.32
C PRO A 41 5.80 33.32 2.56
N GLY A 42 4.47 33.30 2.69
CA GLY A 42 3.66 34.49 3.02
C GLY A 42 4.00 35.02 4.42
N ILE A 43 4.28 34.10 5.36
CA ILE A 43 4.71 34.48 6.73
C ILE A 43 6.04 35.20 6.59
N PHE A 44 6.98 34.64 5.82
CA PHE A 44 8.33 35.24 5.65
C PHE A 44 8.18 36.63 5.02
N VAL A 45 7.36 36.77 3.97
CA VAL A 45 7.30 38.03 3.17
C VAL A 45 6.56 39.08 4.01
N TYR A 46 5.68 38.65 4.89
CA TYR A 46 4.93 39.55 5.79
C TYR A 46 5.90 40.15 6.81
N MET A 47 6.95 39.42 7.20
CA MET A 47 7.98 39.85 8.18
C MET A 47 8.98 40.79 7.51
N VAL A 48 9.41 40.50 6.28
CA VAL A 48 10.28 41.40 5.49
C VAL A 48 9.56 42.75 5.40
N HIS A 49 8.31 42.72 4.91
CA HIS A 49 7.47 43.92 4.71
C HIS A 49 7.45 44.78 5.99
N ARG A 50 7.25 44.17 7.16
CA ARG A 50 7.05 44.89 8.45
C ARG A 50 8.40 45.22 9.09
N SER A 51 9.43 44.44 8.79
CA SER A 51 10.76 44.58 9.41
C SER A 51 11.63 45.52 8.59
N CYS A 52 11.39 45.59 7.28
CA CYS A 52 12.29 46.20 6.27
C CYS A 52 11.54 47.32 5.55
N GLY A 53 10.37 47.00 4.97
CA GLY A 53 9.52 47.90 4.18
C GLY A 53 8.92 47.16 2.99
N THR A 54 7.83 47.70 2.42
CA THR A 54 7.13 47.14 1.23
C THR A 54 7.97 47.33 -0.04
N SER A 55 8.90 48.29 -0.02
CA SER A 55 9.72 48.78 -1.17
C SER A 55 11.13 48.16 -1.20
N CYS A 56 11.56 47.50 -0.11
CA CYS A 56 12.87 46.81 0.04
C CYS A 56 13.15 45.93 -1.18
N PHE A 57 12.22 45.06 -1.57
CA PHE A 57 12.44 43.99 -2.58
C PHE A 57 11.28 43.97 -3.58
N GLU A 58 11.58 43.87 -4.88
CA GLU A 58 10.55 43.57 -5.92
C GLU A 58 9.89 42.25 -5.52
N LEU A 59 8.58 42.28 -5.28
CA LEU A 59 7.79 41.15 -4.74
C LEU A 59 7.89 39.92 -5.66
N GLU A 60 7.90 40.13 -6.99
CA GLU A 60 8.09 39.08 -8.02
C GLU A 60 9.47 38.42 -7.84
N LYS A 61 10.54 39.22 -7.69
CA LYS A 61 11.93 38.71 -7.51
C LYS A 61 12.07 38.03 -6.14
N LEU A 62 11.41 38.55 -5.10
CA LEU A 62 11.52 38.03 -3.71
C LEU A 62 10.95 36.62 -3.64
N CME A 63 9.76 36.43 -4.21
CA CME A 63 8.99 35.16 -4.24
CB CME A 63 7.62 35.35 -4.86
SG CME A 63 6.36 35.98 -3.71
SD CME A 63 6.22 34.47 -2.36
CE CME A 63 4.56 33.76 -2.61
CZ CME A 63 3.70 33.90 -1.38
OH CME A 63 2.60 32.99 -1.37
C CME A 63 9.80 34.06 -4.92
O CME A 63 9.87 32.93 -4.40
N ARG A 64 10.40 34.38 -6.07
CA ARG A 64 11.20 33.39 -6.85
C ARG A 64 12.48 33.05 -6.08
N PHE A 65 13.04 33.99 -5.30
CA PHE A 65 14.17 33.72 -4.38
C PHE A 65 13.72 32.79 -3.25
N ILE A 66 12.61 33.10 -2.58
CA ILE A 66 12.05 32.25 -1.49
C ILE A 66 11.78 30.83 -1.99
N MET A 67 11.14 30.68 -3.15
CA MET A 67 10.78 29.36 -3.69
C MET A 67 12.03 28.57 -4.12
N SER A 68 13.08 29.22 -4.62
CA SER A 68 14.34 28.54 -5.03
C SER A 68 15.13 28.11 -3.80
N VAL A 69 15.12 28.93 -2.75
CA VAL A 69 15.70 28.56 -1.43
C VAL A 69 14.94 27.33 -0.87
N LYS A 70 13.61 27.37 -0.79
CA LYS A 70 12.80 26.24 -0.28
C LYS A 70 13.21 24.96 -1.01
N LYS A 71 13.41 25.08 -2.33
CA LYS A 71 13.67 23.92 -3.22
C LYS A 71 15.00 23.28 -2.80
N ASN A 72 16.02 24.07 -2.45
CA ASN A 72 17.40 23.58 -2.12
C ASN A 72 17.58 23.27 -0.62
N TYR A 73 16.50 23.28 0.17
CA TYR A 73 16.51 22.65 1.51
C TYR A 73 16.13 21.18 1.30
N ARG A 74 16.74 20.26 2.05
CA ARG A 74 16.50 18.81 1.85
C ARG A 74 15.43 18.33 2.82
N ARG A 75 14.96 17.10 2.62
CA ARG A 75 13.91 16.47 3.47
C ARG A 75 14.63 15.76 4.61
N VAL A 76 15.31 16.55 5.46
CA VAL A 76 15.96 16.06 6.71
C VAL A 76 15.02 16.33 7.89
N PRO A 77 15.18 15.56 9.00
CA PRO A 77 14.33 15.69 10.18
C PRO A 77 14.34 17.07 10.86
N TYR A 78 15.46 17.79 10.83
CA TYR A 78 15.65 19.03 11.63
C TYR A 78 16.10 20.20 10.76
N HIS A 79 17.22 20.07 10.06
CA HIS A 79 17.88 21.17 9.32
C HIS A 79 17.18 21.36 7.98
N ASN A 80 15.90 21.69 8.06
CA ASN A 80 14.96 21.67 6.91
C ASN A 80 14.38 23.07 6.68
N TRP A 81 13.48 23.16 5.71
CA TRP A 81 12.79 24.41 5.32
C TRP A 81 12.14 25.09 6.53
N LYS A 82 11.49 24.33 7.41
CA LYS A 82 10.79 24.88 8.59
C LYS A 82 11.82 25.52 9.53
N HIS A 83 12.99 24.92 9.68
CA HIS A 83 14.09 25.48 10.52
C HIS A 83 14.53 26.82 9.95
N ALA A 84 14.69 26.92 8.63
CA ALA A 84 15.08 28.18 7.98
C ALA A 84 14.07 29.27 8.37
N VAL A 85 12.78 28.99 8.19
CA VAL A 85 11.73 30.02 8.39
C VAL A 85 11.63 30.30 9.89
N THR A 86 11.73 29.27 10.73
CA THR A 86 11.67 29.41 12.22
C THR A 86 12.77 30.38 12.68
N VAL A 87 14.00 30.17 12.19
CA VAL A 87 15.19 31.00 12.56
C VAL A 87 15.01 32.45 12.05
N ALA A 88 14.64 32.65 10.78
CA ALA A 88 14.28 33.96 10.21
C ALA A 88 13.24 34.69 11.08
N HIS A 89 12.19 34.02 11.56
CA HIS A 89 11.20 34.68 12.44
C HIS A 89 11.88 35.14 13.73
N CYS A 90 12.70 34.30 14.37
CA CYS A 90 13.39 34.74 15.60
C CYS A 90 14.20 36.02 15.32
N MET A 91 14.81 36.18 14.13
CA MET A 91 15.59 37.40 13.77
C MET A 91 14.63 38.60 13.64
N TYR A 92 13.44 38.36 13.07
CA TYR A 92 12.33 39.35 12.95
C TYR A 92 11.95 39.91 14.33
N ALA A 93 11.69 39.04 15.28
CA ALA A 93 11.30 39.41 16.66
C ALA A 93 12.38 40.30 17.27
N ILE A 94 13.66 39.94 17.13
CA ILE A 94 14.83 40.72 17.65
C ILE A 94 14.91 42.08 16.94
N LEU A 95 14.74 42.13 15.63
CA LEU A 95 14.84 43.41 14.89
C LEU A 95 13.64 44.31 15.26
N GLN A 96 12.47 43.72 15.52
CA GLN A 96 11.22 44.48 15.78
C GLN A 96 11.25 45.04 17.19
N ASN A 97 12.08 44.49 18.08
CA ASN A 97 12.19 44.88 19.51
C ASN A 97 13.47 45.69 19.71
N ASN A 98 14.22 45.94 18.63
CA ASN A 98 15.43 46.80 18.62
C ASN A 98 15.37 47.70 17.36
N HIS A 99 14.25 48.42 17.21
CA HIS A 99 13.84 49.28 16.06
C HIS A 99 15.00 50.15 15.56
N THR A 100 15.70 50.82 16.45
CA THR A 100 16.55 52.00 16.09
C THR A 100 18.01 51.58 15.98
N LEU A 101 18.37 50.33 16.32
CA LEU A 101 19.77 49.90 16.53
C LEU A 101 20.41 49.44 15.22
N PHE A 102 19.62 49.12 14.20
CA PHE A 102 20.15 48.49 12.96
C PHE A 102 19.87 49.38 11.75
N THR A 103 20.83 49.37 10.81
CA THR A 103 20.76 50.11 9.52
C THR A 103 19.74 49.40 8.63
N ASP A 104 19.52 49.94 7.42
CA ASP A 104 18.53 49.43 6.46
C ASP A 104 19.10 48.15 5.78
N LEU A 105 20.41 48.13 5.50
CA LEU A 105 21.11 46.99 4.84
C LEU A 105 21.18 45.77 5.78
N GLU A 106 21.39 45.99 7.08
CA GLU A 106 21.45 44.89 8.09
C GLU A 106 20.06 44.25 8.23
N ARG A 107 18.98 45.01 8.07
CA ARG A 107 17.62 44.46 8.24
C ARG A 107 17.27 43.56 7.05
N LYS A 108 17.63 43.99 5.83
CA LYS A 108 17.50 43.22 4.56
C LYS A 108 18.39 41.97 4.60
N GLY A 109 19.68 42.15 4.92
CA GLY A 109 20.71 41.10 4.85
C GLY A 109 20.49 39.97 5.83
N LEU A 110 20.14 40.29 7.08
CA LEU A 110 19.97 39.31 8.20
C LEU A 110 18.72 38.44 8.01
N LEU A 111 17.59 39.00 7.58
CA LEU A 111 16.37 38.18 7.31
C LEU A 111 16.65 37.17 6.18
N ILE A 112 17.40 37.58 5.14
CA ILE A 112 17.83 36.69 4.02
C ILE A 112 18.94 35.75 4.50
N ALA A 113 19.91 36.26 5.27
CA ALA A 113 20.97 35.41 5.89
C ALA A 113 20.32 34.20 6.62
N CYS A 114 19.32 34.43 7.46
CA CYS A 114 18.68 33.36 8.29
C CYS A 114 17.95 32.35 7.41
N LEU A 115 17.19 32.82 6.41
CA LEU A 115 16.43 31.89 5.54
C LEU A 115 17.42 30.94 4.85
N CYS A 116 18.60 31.44 4.51
CA CYS A 116 19.63 30.76 3.68
C CYS A 116 20.65 29.99 4.50
N HIS A 117 20.67 30.16 5.84
CA HIS A 117 21.81 29.84 6.71
C HIS A 117 22.12 28.33 6.71
N ASP A 118 21.13 27.47 6.44
CA ASP A 118 21.36 26.00 6.44
C ASP A 118 21.09 25.40 5.05
N LEU A 119 21.27 26.19 4.00
CA LEU A 119 20.98 25.78 2.60
C LEU A 119 21.73 24.49 2.29
N ASP A 120 20.98 23.46 1.91
CA ASP A 120 21.54 22.19 1.37
C ASP A 120 22.24 21.43 2.49
N HIS A 121 21.70 21.50 3.70
CA HIS A 121 22.14 20.65 4.83
C HIS A 121 21.79 19.18 4.53
N ARG A 122 22.72 18.26 4.78
CA ARG A 122 22.50 16.80 4.56
C ARG A 122 22.08 16.13 5.87
N GLY A 123 22.22 16.80 7.02
CA GLY A 123 21.86 16.26 8.34
C GLY A 123 23.08 15.73 9.09
N PHE A 124 24.29 16.18 8.71
CA PHE A 124 25.57 15.74 9.30
C PHE A 124 26.45 16.95 9.66
N SER A 125 27.05 16.91 10.84
CA SER A 125 28.01 17.93 11.36
C SER A 125 29.28 18.00 10.51
N ASN A 126 30.05 19.07 10.72
CA ASN A 126 31.40 19.27 10.14
C ASN A 126 32.33 18.11 10.54
N SER A 127 32.20 17.57 11.76
CA SER A 127 33.06 16.47 12.26
C SER A 127 33.01 15.32 11.26
N TYR A 128 31.79 14.84 10.98
CA TYR A 128 31.51 13.68 10.10
C TYR A 128 31.97 13.95 8.67
N LEU A 129 31.78 15.15 8.14
CA LEU A 129 32.34 15.46 6.81
C LEU A 129 33.86 15.22 6.83
N GLN A 130 34.53 15.62 7.92
CA GLN A 130 36.02 15.59 8.02
C GLN A 130 36.45 14.13 8.13
N LYS A 131 35.78 13.35 8.97
CA LYS A 131 36.03 11.90 9.17
C LYS A 131 35.62 11.10 7.93
N PHE A 132 34.47 11.42 7.31
CA PHE A 132 34.05 10.77 6.06
C PHE A 132 35.03 11.10 4.93
N ASP A 133 35.74 12.23 5.03
CA ASP A 133 36.61 12.76 3.95
C ASP A 133 35.72 13.18 2.76
N HIS A 134 34.67 13.95 3.02
CA HIS A 134 33.75 14.49 1.98
C HIS A 134 34.51 15.55 1.21
N PRO A 135 34.34 15.67 -0.13
CA PRO A 135 35.04 16.68 -0.92
C PRO A 135 34.89 18.10 -0.32
N LEU A 136 33.73 18.45 0.23
CA LEU A 136 33.45 19.81 0.80
C LEU A 136 34.43 20.10 1.95
N ALA A 137 34.96 19.08 2.63
CA ALA A 137 35.98 19.21 3.70
C ALA A 137 37.36 19.53 3.11
N ALA A 138 37.62 19.15 1.85
CA ALA A 138 38.88 19.46 1.13
C ALA A 138 38.87 20.93 0.71
N LEU A 139 37.71 21.40 0.26
CA LEU A 139 37.48 22.76 -0.26
C LEU A 139 37.44 23.78 0.89
N TYR A 140 36.75 23.45 1.97
CA TYR A 140 36.53 24.33 3.15
C TYR A 140 36.95 23.58 4.40
N SER A 141 38.13 23.89 4.94
CA SER A 141 38.78 23.19 6.08
C SER A 141 38.21 23.64 7.45
N THR A 142 37.60 24.83 7.55
CA THR A 142 36.85 25.22 8.77
C THR A 142 35.49 25.78 8.39
N SER A 143 34.52 25.59 9.29
CA SER A 143 33.09 25.91 9.09
C SER A 143 32.67 25.31 7.74
N THR A 144 33.01 24.04 7.51
CA THR A 144 32.80 23.32 6.22
C THR A 144 31.36 23.58 5.74
N MET A 145 30.35 23.05 6.44
CA MET A 145 28.92 23.19 6.04
C MET A 145 28.58 24.67 5.85
N GLU A 146 29.04 25.54 6.75
CA GLU A 146 28.57 26.95 6.82
C GLU A 146 29.07 27.71 5.60
N GLN A 147 30.33 27.53 5.22
CA GLN A 147 30.87 28.13 3.97
C GLN A 147 30.11 27.57 2.77
N HIS A 148 29.70 26.29 2.79
CA HIS A 148 28.90 25.69 1.68
C HIS A 148 27.56 26.40 1.61
N HIS A 149 26.93 26.66 2.75
CA HIS A 149 25.59 27.31 2.87
C HIS A 149 25.64 28.67 2.18
N PHE A 150 26.69 29.44 2.47
CA PHE A 150 26.92 30.77 1.83
C PHE A 150 27.04 30.61 0.31
N SER A 151 27.80 29.60 -0.14
CA SER A 151 28.07 29.36 -1.56
C SER A 151 26.76 29.09 -2.31
N GLN A 152 25.84 28.34 -1.71
CA GLN A 152 24.49 28.05 -2.25
C GLN A 152 23.65 29.33 -2.32
N THR A 153 23.69 30.15 -1.27
CA THR A 153 23.03 31.48 -1.21
C THR A 153 23.50 32.36 -2.37
N VAL A 154 24.81 32.44 -2.64
CA VAL A 154 25.34 33.27 -3.77
C VAL A 154 24.88 32.65 -5.10
N SER A 155 24.81 31.33 -5.20
CA SER A 155 24.37 30.59 -6.41
C SER A 155 22.93 30.99 -6.74
N ILE A 156 22.06 30.93 -5.74
CA ILE A 156 20.62 31.23 -5.94
C ILE A 156 20.48 32.72 -6.25
N LEU A 157 21.32 33.57 -5.65
CA LEU A 157 21.29 35.03 -5.91
C LEU A 157 21.61 35.34 -7.39
N GLN A 158 22.35 34.45 -8.08
CA GLN A 158 22.86 34.71 -9.46
C GLN A 158 22.06 33.96 -10.53
N LEU A 159 21.12 33.09 -10.14
CA LEU A 159 20.09 32.56 -11.07
C LEU A 159 19.28 33.74 -11.64
N GLU A 160 18.96 33.71 -12.93
CA GLU A 160 18.21 34.82 -13.56
C GLU A 160 16.85 35.00 -12.86
N GLY A 161 16.51 36.26 -12.61
CA GLY A 161 15.27 36.68 -11.93
C GLY A 161 15.36 36.54 -10.41
N HIS A 162 16.55 36.29 -9.85
CA HIS A 162 16.70 35.99 -8.40
C HIS A 162 17.47 37.08 -7.67
N ASN A 163 17.94 38.14 -8.34
CA ASN A 163 18.80 39.15 -7.68
C ASN A 163 17.94 40.22 -7.01
N ILE A 164 17.39 39.85 -5.86
CA ILE A 164 16.56 40.68 -4.93
C ILE A 164 17.29 41.97 -4.52
N PHE A 165 18.59 42.10 -4.78
CA PHE A 165 19.39 43.27 -4.33
C PHE A 165 19.70 44.19 -5.51
N SER A 166 19.09 43.93 -6.68
CA SER A 166 19.38 44.61 -7.97
C SER A 166 19.37 46.14 -7.86
N THR A 167 18.65 46.74 -6.90
CA THR A 167 18.53 48.21 -6.72
C THR A 167 19.69 48.76 -5.90
N LEU A 168 20.45 47.90 -5.21
CA LEU A 168 21.63 48.33 -4.41
C LEU A 168 22.74 48.73 -5.37
N SER A 169 23.65 49.59 -4.92
CA SER A 169 24.88 50.00 -5.64
C SER A 169 25.86 48.83 -5.65
N SER A 170 26.93 48.94 -6.45
CA SER A 170 28.10 48.05 -6.41
C SER A 170 28.52 47.81 -4.93
N SER A 171 28.63 48.88 -4.13
CA SER A 171 29.26 48.84 -2.77
C SER A 171 28.28 48.34 -1.70
N GLU A 172 27.01 48.79 -1.74
CA GLU A 172 25.94 48.27 -0.83
C GLU A 172 25.76 46.77 -1.08
N TYR A 173 25.63 46.35 -2.35
CA TYR A 173 25.60 44.92 -2.73
C TYR A 173 26.73 44.18 -2.00
N GLU A 174 27.96 44.69 -2.07
CA GLU A 174 29.15 44.05 -1.46
C GLU A 174 29.03 44.11 0.07
N GLN A 175 28.47 45.18 0.61
CA GLN A 175 28.30 45.32 2.07
C GLN A 175 27.31 44.27 2.57
N VAL A 176 26.23 44.05 1.84
CA VAL A 176 25.16 43.12 2.30
C VAL A 176 25.67 41.68 2.16
N LEU A 177 26.26 41.28 1.03
CA LEU A 177 26.75 39.90 0.86
C LEU A 177 27.80 39.63 1.93
N GLU A 178 28.51 40.67 2.39
CA GLU A 178 29.52 40.56 3.48
C GLU A 178 28.82 40.39 4.84
N ILE A 179 27.74 41.14 5.10
CA ILE A 179 26.84 40.92 6.27
C ILE A 179 26.42 39.46 6.28
N ILE A 180 25.89 38.97 5.15
CA ILE A 180 25.32 37.60 5.03
C ILE A 180 26.44 36.57 5.28
N ARG A 181 27.62 36.79 4.70
CA ARG A 181 28.72 35.81 4.83
C ARG A 181 29.07 35.69 6.32
N LYS A 182 29.38 36.80 6.97
CA LYS A 182 29.73 36.77 8.42
C LYS A 182 28.54 36.19 9.18
N ALA A 183 27.34 36.63 8.88
CA ALA A 183 26.10 36.15 9.56
C ALA A 183 26.00 34.63 9.46
N ILE A 184 26.28 34.05 8.30
CA ILE A 184 26.09 32.58 8.03
C ILE A 184 27.24 31.82 8.66
N ILE A 185 28.49 32.27 8.50
CA ILE A 185 29.68 31.64 9.15
C ILE A 185 29.43 31.49 10.65
N ALA A 186 28.85 32.50 11.31
CA ALA A 186 28.70 32.56 12.79
C ALA A 186 27.85 31.39 13.30
N THR A 187 26.93 30.89 12.47
CA THR A 187 26.00 29.78 12.80
C THR A 187 26.83 28.50 13.03
N ASP A 188 28.13 28.50 12.70
CA ASP A 188 29.09 27.45 13.13
C ASP A 188 29.30 27.56 14.64
N LEU A 189 28.63 26.72 15.43
CA LEU A 189 28.68 26.81 16.92
C LEU A 189 30.13 26.78 17.44
N ALA A 190 31.09 26.21 16.71
CA ALA A 190 32.48 26.08 17.19
C ALA A 190 33.02 27.50 17.41
N LEU A 191 32.54 28.45 16.63
CA LEU A 191 32.93 29.88 16.70
C LEU A 191 32.17 30.62 17.82
N TYR A 192 31.00 30.11 18.25
CA TYR A 192 30.09 30.78 19.22
C TYR A 192 30.83 31.02 20.55
N PHE A 193 31.51 30.00 21.08
CA PHE A 193 32.07 29.97 22.46
C PHE A 193 33.05 31.12 22.66
N GLY A 194 34.04 31.23 21.78
CA GLY A 194 34.98 32.36 21.76
C GLY A 194 34.26 33.68 21.58
N ASN A 195 33.34 33.79 20.61
CA ASN A 195 32.66 35.05 20.21
C ASN A 195 31.90 35.60 21.43
N ARG A 196 31.16 34.75 22.12
CA ARG A 196 30.41 35.19 23.32
C ARG A 196 31.41 35.69 24.39
N LYS A 197 32.42 34.89 24.74
CA LYS A 197 33.44 35.24 25.78
C LYS A 197 34.11 36.59 25.48
N GLN A 198 34.27 36.98 24.22
CA GLN A 198 34.80 38.32 23.85
C GLN A 198 33.73 39.39 24.10
N LEU A 199 32.46 39.18 23.72
CA LEU A 199 31.35 40.12 24.02
C LEU A 199 31.14 40.22 25.55
N GLU A 200 31.21 39.09 26.25
CA GLU A 200 31.07 39.02 27.72
C GLU A 200 32.05 40.04 28.32
N GLU A 201 33.36 39.83 28.12
CA GLU A 201 34.45 40.73 28.60
C GLU A 201 34.15 42.17 28.19
N MET A 202 34.06 42.44 26.88
CA MET A 202 33.85 43.82 26.33
C MET A 202 32.75 44.54 27.10
N TYR A 203 31.62 43.86 27.35
CA TYR A 203 30.42 44.42 28.01
C TYR A 203 30.70 44.73 29.50
N GLN A 204 31.58 43.95 30.14
CA GLN A 204 31.86 43.95 31.60
C GLN A 204 33.03 44.91 31.95
N THR A 205 33.86 45.24 30.97
CA THR A 205 34.86 46.34 31.03
C THR A 205 34.23 47.60 30.46
N GLY A 206 33.12 47.46 29.74
CA GLY A 206 32.34 48.57 29.15
C GLY A 206 33.02 49.18 27.93
N SER A 207 33.75 48.37 27.14
CA SER A 207 34.38 48.79 25.86
C SER A 207 33.48 48.40 24.66
N LEU A 208 32.33 47.79 24.90
CA LEU A 208 31.38 47.47 23.80
C LEU A 208 30.97 48.78 23.13
N ASN A 209 31.21 48.91 21.84
CA ASN A 209 30.98 50.16 21.06
C ASN A 209 30.24 49.81 19.77
N LEU A 210 28.93 50.06 19.73
CA LEU A 210 28.08 49.62 18.59
C LEU A 210 28.40 50.41 17.31
N ASN A 211 29.29 51.42 17.37
CA ASN A 211 29.76 52.18 16.17
C ASN A 211 31.07 51.61 15.62
N ASN A 212 31.80 50.83 16.41
CA ASN A 212 32.95 49.98 15.99
C ASN A 212 32.39 48.81 15.15
N GLN A 213 32.71 48.78 13.84
CA GLN A 213 32.23 47.72 12.91
C GLN A 213 32.61 46.30 13.37
N SER A 214 33.77 46.09 13.97
CA SER A 214 34.23 44.75 14.43
C SER A 214 33.40 44.30 15.65
N HIS A 215 32.74 45.24 16.34
CA HIS A 215 31.91 44.97 17.54
C HIS A 215 30.49 44.61 17.09
N ARG A 216 29.97 45.33 16.08
CA ARG A 216 28.70 44.97 15.40
C ARG A 216 28.80 43.54 14.89
N ASP A 217 29.88 43.23 14.16
CA ASP A 217 30.07 41.89 13.56
C ASP A 217 29.85 40.84 14.66
N ARG A 218 30.57 40.98 15.76
CA ARG A 218 30.50 40.06 16.91
C ARG A 218 29.05 39.93 17.42
N VAL A 219 28.31 41.05 17.47
CA VAL A 219 26.93 41.13 18.06
C VAL A 219 25.96 40.43 17.11
N ILE A 220 26.00 40.78 15.82
CA ILE A 220 25.22 40.05 14.77
C ILE A 220 25.50 38.55 14.91
N GLY A 221 26.76 38.18 15.10
CA GLY A 221 27.18 36.79 15.33
C GLY A 221 26.43 36.21 16.51
N LEU A 222 26.34 36.95 17.63
CA LEU A 222 25.71 36.43 18.86
C LEU A 222 24.20 36.28 18.64
N MET A 223 23.57 37.22 17.93
CA MET A 223 22.18 37.10 17.43
C MET A 223 22.02 35.81 16.60
N MET A 224 22.86 35.57 15.58
CA MET A 224 22.69 34.41 14.66
C MET A 224 22.67 33.13 15.49
N THR A 225 23.54 32.99 16.50
CA THR A 225 23.54 31.80 17.39
C THR A 225 22.19 31.67 18.09
N ALA A 226 21.72 32.77 18.68
CA ALA A 226 20.47 32.91 19.45
C ALA A 226 19.29 32.45 18.60
N CYS A 227 19.19 32.96 17.38
CA CYS A 227 18.11 32.65 16.40
C CYS A 227 18.19 31.20 15.94
N ASP A 228 19.40 30.68 15.81
CA ASP A 228 19.64 29.32 15.30
C ASP A 228 19.17 28.32 16.37
N LEU A 229 19.30 28.64 17.65
CA LEU A 229 18.97 27.66 18.73
C LEU A 229 17.55 27.91 19.26
N CYS A 230 16.76 28.76 18.58
CA CYS A 230 15.58 29.43 19.19
C CYS A 230 14.48 28.41 19.47
N SER A 231 14.62 27.17 18.98
CA SER A 231 13.63 26.10 19.28
C SER A 231 13.74 25.73 20.77
N VAL A 232 14.82 26.10 21.46
CA VAL A 232 14.99 25.89 22.94
C VAL A 232 14.25 27.00 23.71
N THR A 233 13.76 28.04 23.03
CA THR A 233 13.13 29.24 23.64
C THR A 233 11.62 29.27 23.34
N LYS A 234 11.03 28.15 22.95
CA LYS A 234 9.59 28.04 22.60
C LYS A 234 8.82 27.50 23.81
N LEU A 235 7.52 27.31 23.68
CA LEU A 235 6.72 26.68 24.76
C LEU A 235 7.16 25.21 24.86
N TRP A 236 7.03 24.62 26.04
CA TRP A 236 7.63 23.29 26.35
C TRP A 236 7.18 22.25 25.33
N PRO A 237 5.88 22.11 24.99
CA PRO A 237 5.45 21.10 24.02
C PRO A 237 6.10 21.24 22.64
N VAL A 238 6.43 22.46 22.20
CA VAL A 238 7.13 22.74 20.91
C VAL A 238 8.62 22.36 21.02
N THR A 239 9.28 22.72 22.11
CA THR A 239 10.72 22.46 22.35
C THR A 239 10.91 20.95 22.49
N LYS A 240 10.03 20.34 23.28
CA LYS A 240 10.03 18.88 23.56
C LYS A 240 9.97 18.13 22.23
N LEU A 241 8.99 18.42 21.38
CA LEU A 241 8.77 17.72 20.09
C LEU A 241 9.85 18.14 19.07
N THR A 242 10.42 19.35 19.15
CA THR A 242 11.53 19.73 18.23
C THR A 242 12.80 18.94 18.58
N ALA A 243 13.06 18.67 19.87
CA ALA A 243 14.18 17.81 20.34
C ALA A 243 14.15 16.46 19.62
N ASN A 244 12.97 15.85 19.45
CA ASN A 244 12.79 14.55 18.73
C ASN A 244 13.39 14.67 17.33
N ASP A 245 13.17 15.80 16.67
CA ASP A 245 13.67 16.01 15.29
C ASP A 245 15.19 16.15 15.30
N ILE A 246 15.77 16.88 16.26
CA ILE A 246 17.23 17.15 16.26
C ILE A 246 17.96 15.85 16.57
N TYR A 247 17.38 14.98 17.40
CA TYR A 247 18.06 13.74 17.87
C TYR A 247 17.97 12.72 16.75
N ALA A 248 16.89 12.76 15.97
CA ALA A 248 16.71 11.89 14.77
C ALA A 248 17.94 12.07 13.86
N GLU A 249 18.39 13.31 13.65
CA GLU A 249 19.58 13.64 12.84
C GLU A 249 20.83 13.10 13.53
N PHE A 250 21.03 13.43 14.81
CA PHE A 250 22.22 13.05 15.62
C PHE A 250 22.39 11.53 15.57
N TRP A 251 21.30 10.78 15.74
CA TRP A 251 21.33 9.30 15.81
C TRP A 251 21.67 8.68 14.45
N ALA A 252 21.17 9.24 13.33
CA ALA A 252 21.54 8.80 11.96
C ALA A 252 23.03 9.02 11.76
N GLU A 253 23.56 10.15 12.22
CA GLU A 253 25.00 10.47 12.09
C GLU A 253 25.79 9.49 12.94
N GLY A 254 25.31 9.17 14.15
CA GLY A 254 25.94 8.15 15.01
C GLY A 254 26.08 6.83 14.28
N ASP A 255 25.01 6.43 13.58
CA ASP A 255 24.91 5.18 12.79
C ASP A 255 25.98 5.24 11.70
N GLU A 256 26.12 6.40 11.05
CA GLU A 256 27.10 6.59 9.94
C GLU A 256 28.51 6.56 10.52
N MET A 257 28.68 7.05 11.74
CA MET A 257 29.99 7.05 12.46
C MET A 257 30.43 5.59 12.68
N LYS A 258 29.52 4.75 13.19
CA LYS A 258 29.72 3.30 13.44
C LYS A 258 30.08 2.62 12.11
N LYS A 259 29.39 2.97 11.03
CA LYS A 259 29.70 2.47 9.67
C LYS A 259 31.15 2.80 9.28
N LEU A 260 31.76 3.88 9.80
CA LEU A 260 33.21 4.18 9.55
C LEU A 260 34.11 3.44 10.56
N GLY A 261 33.51 2.66 11.47
CA GLY A 261 34.25 2.00 12.57
C GLY A 261 34.72 3.04 13.58
N ILE A 262 33.80 3.89 14.05
CA ILE A 262 34.07 4.91 15.09
C ILE A 262 32.89 4.95 16.07
N GLN A 263 33.10 4.50 17.30
CA GLN A 263 32.06 4.63 18.36
C GLN A 263 31.75 6.12 18.47
N PRO A 264 30.49 6.54 18.24
CA PRO A 264 30.14 7.95 18.30
C PRO A 264 29.97 8.42 19.75
N ILE A 265 29.96 9.73 19.97
CA ILE A 265 29.71 10.34 21.31
C ILE A 265 28.29 9.92 21.72
N PRO A 266 27.95 9.89 23.02
CA PRO A 266 26.63 9.43 23.47
C PRO A 266 25.40 10.15 22.88
N MET A 267 25.47 11.49 22.84
CA MET A 267 24.52 12.39 22.15
C MET A 267 24.03 11.69 20.86
N MET A 268 24.95 11.10 20.08
CA MET A 268 24.71 10.59 18.70
C MET A 268 24.49 9.06 18.69
N ASP A 269 24.63 8.38 19.83
CA ASP A 269 24.36 6.92 19.93
C ASP A 269 22.89 6.69 20.34
N ARG A 270 22.12 6.00 19.49
CA ARG A 270 20.68 5.76 19.74
C ARG A 270 20.52 4.63 20.78
N ASP A 271 21.61 3.99 21.20
CA ASP A 271 21.57 2.98 22.29
C ASP A 271 21.65 3.66 23.66
N LYS A 272 21.82 4.99 23.69
CA LYS A 272 22.06 5.83 24.90
C LYS A 272 21.01 6.95 25.00
N LYS A 273 19.73 6.62 24.81
CA LYS A 273 18.61 7.61 24.85
C LYS A 273 18.30 7.96 26.31
N ASP A 274 18.61 7.05 27.24
CA ASP A 274 18.51 7.27 28.71
C ASP A 274 19.31 8.53 29.10
N GLU A 275 20.43 8.82 28.43
CA GLU A 275 21.32 9.97 28.78
C GLU A 275 20.78 11.32 28.25
N VAL A 276 19.69 11.34 27.45
CA VAL A 276 19.26 12.56 26.71
C VAL A 276 18.88 13.66 27.69
N PRO A 277 17.94 13.41 28.63
CA PRO A 277 17.56 14.44 29.61
C PRO A 277 18.78 15.09 30.28
N GLN A 278 19.77 14.29 30.68
CA GLN A 278 21.02 14.81 31.27
C GLN A 278 21.83 15.55 30.21
N GLY A 279 21.94 15.03 28.98
CA GLY A 279 22.60 15.71 27.84
C GLY A 279 21.99 17.08 27.55
N GLN A 280 20.67 17.23 27.59
CA GLN A 280 19.96 18.53 27.42
C GLN A 280 20.38 19.54 28.50
N LEU A 281 20.44 19.11 29.77
CA LEU A 281 20.90 19.96 30.90
C LEU A 281 22.23 20.65 30.55
N GLY A 282 23.25 19.85 30.19
CA GLY A 282 24.61 20.33 29.89
C GLY A 282 24.61 21.33 28.75
N PHE A 283 23.85 21.05 27.68
CA PHE A 283 23.57 21.98 26.55
C PHE A 283 22.95 23.30 27.01
N TYR A 284 21.85 23.25 27.77
CA TYR A 284 21.19 24.46 28.31
C TYR A 284 22.20 25.22 29.19
N ASN A 285 22.93 24.52 30.07
CA ASN A 285 23.92 25.16 30.98
C ASN A 285 25.13 25.64 30.17
N ALA A 286 25.71 24.81 29.30
CA ALA A 286 26.99 25.09 28.59
C ALA A 286 26.83 26.06 27.43
N VAL A 287 25.65 26.12 26.78
CA VAL A 287 25.44 26.80 25.46
C VAL A 287 24.28 27.79 25.49
N ALA A 288 23.06 27.32 25.69
CA ALA A 288 21.83 28.13 25.46
C ALA A 288 21.75 29.24 26.51
N ILE A 289 21.79 28.90 27.80
CA ILE A 289 21.56 29.91 28.86
C ILE A 289 22.61 31.01 28.72
N PRO A 290 23.91 30.69 28.55
CA PRO A 290 24.92 31.72 28.30
C PRO A 290 24.68 32.56 27.03
N CYS A 291 24.35 31.94 25.88
CA CYS A 291 24.05 32.64 24.60
C CYS A 291 23.04 33.76 24.86
N TYR A 292 21.90 33.40 25.44
CA TYR A 292 20.73 34.29 25.69
C TYR A 292 20.96 35.20 26.90
N THR A 293 21.87 34.86 27.83
CA THR A 293 22.30 35.77 28.94
C THR A 293 23.01 36.98 28.31
N THR A 294 24.16 36.78 27.68
CA THR A 294 24.98 37.84 27.04
C THR A 294 24.15 38.62 26.02
N LEU A 295 23.22 38.00 25.27
CA LEU A 295 22.38 38.75 24.28
C LEU A 295 21.45 39.72 25.02
N THR A 296 20.89 39.34 26.17
CA THR A 296 20.00 40.18 27.00
C THR A 296 20.76 41.34 27.65
N GLN A 297 22.05 41.12 27.97
CA GLN A 297 22.99 42.18 28.44
C GLN A 297 23.24 43.18 27.31
N ILE A 298 23.38 42.73 26.06
CA ILE A 298 23.68 43.62 24.89
C ILE A 298 22.38 44.21 24.34
N LEU A 299 21.33 43.40 24.17
CA LEU A 299 20.01 43.84 23.65
C LEU A 299 18.94 43.50 24.68
N PRO A 300 18.66 44.42 25.62
CA PRO A 300 17.78 44.13 26.75
C PRO A 300 16.36 43.70 26.37
N PRO A 301 15.73 44.29 25.32
CA PRO A 301 14.41 43.86 24.86
C PRO A 301 14.30 42.41 24.34
N THR A 302 15.36 41.60 24.44
CA THR A 302 15.39 40.20 23.96
C THR A 302 15.28 39.27 25.17
N GLU A 303 14.91 39.83 26.32
CA GLU A 303 14.88 39.14 27.63
C GLU A 303 13.97 37.92 27.55
N PRO A 304 12.79 38.00 26.90
CA PRO A 304 11.91 36.85 26.79
C PRO A 304 12.61 35.55 26.38
N LEU A 305 13.51 35.60 25.40
CA LEU A 305 14.25 34.40 24.89
C LEU A 305 14.99 33.74 26.05
N LEU A 306 15.58 34.53 26.97
CA LEU A 306 16.26 33.99 28.17
C LEU A 306 15.25 33.28 29.08
N LYS A 307 14.17 33.99 29.43
CA LYS A 307 13.10 33.47 30.32
C LYS A 307 12.60 32.12 29.76
N ALA A 308 12.27 32.07 28.46
CA ALA A 308 11.78 30.85 27.78
C ALA A 308 12.84 29.74 27.93
N CYS A 309 14.08 30.04 27.58
CA CYS A 309 15.22 29.10 27.71
C CYS A 309 15.23 28.53 29.14
N ARG A 310 15.18 29.40 30.15
CA ARG A 310 15.21 29.03 31.59
CA ARG A 310 15.22 29.03 31.60
C ARG A 310 14.04 28.10 31.94
N ASP A 311 12.85 28.41 31.43
CA ASP A 311 11.63 27.60 31.66
C ASP A 311 11.84 26.18 31.12
N ASN A 312 12.45 26.06 29.94
CA ASN A 312 12.66 24.75 29.27
C ASN A 312 13.76 23.98 30.00
N LEU A 313 14.86 24.60 30.40
CA LEU A 313 15.87 24.00 31.31
C LEU A 313 15.13 23.41 32.51
N SER A 314 14.20 24.15 33.12
CA SER A 314 13.48 23.69 34.32
C SER A 314 12.59 22.48 33.98
N GLN A 315 11.99 22.45 32.78
CA GLN A 315 11.19 21.27 32.33
C GLN A 315 12.05 20.01 32.19
N TRP A 316 13.30 20.12 31.75
CA TRP A 316 14.22 18.94 31.60
C TRP A 316 14.64 18.39 32.96
N GLU A 317 14.87 19.27 33.93
CA GLU A 317 15.13 18.85 35.33
C GLU A 317 13.93 18.02 35.82
N LYS A 318 12.70 18.39 35.42
CA LYS A 318 11.46 17.66 35.82
C LYS A 318 11.36 16.32 35.11
N VAL A 319 12.00 16.15 33.96
CA VAL A 319 12.06 14.82 33.28
C VAL A 319 13.00 13.93 34.10
N ILE A 320 14.17 14.45 34.48
CA ILE A 320 15.19 13.70 35.28
C ILE A 320 14.58 13.30 36.63
N ARG A 321 13.87 14.21 37.30
CA ARG A 321 13.26 13.96 38.63
C ARG A 321 12.04 13.05 38.51
N GLY A 322 11.86 12.38 37.37
CA GLY A 322 10.75 11.44 37.10
C GLY A 322 9.37 12.06 37.26
N GLU A 323 9.24 13.39 37.21
CA GLU A 323 7.92 14.11 37.29
C GLU A 323 7.32 14.22 35.88
N GLU A 324 8.11 13.86 34.85
CA GLU A 324 7.64 13.39 33.52
C GLU A 324 8.84 12.97 32.65
N GLN B 11 -11.74 3.57 -31.85
CA GLN B 11 -11.14 3.11 -30.55
C GLN B 11 -12.18 3.22 -29.43
N GLY B 12 -13.44 2.84 -29.69
CA GLY B 12 -14.58 3.05 -28.78
C GLY B 12 -14.93 1.81 -27.96
N LEU B 13 -14.82 0.61 -28.55
CA LEU B 13 -15.23 -0.70 -27.95
C LEU B 13 -14.05 -1.31 -27.16
N MET B 14 -13.29 -0.47 -26.44
CA MET B 14 -12.24 -0.85 -25.45
C MET B 14 -12.94 -1.02 -24.09
N GLN B 15 -12.62 -2.07 -23.36
CA GLN B 15 -13.10 -2.28 -21.97
C GLN B 15 -11.91 -2.71 -21.09
N PHE B 16 -11.88 -2.20 -19.87
CA PHE B 16 -10.79 -2.46 -18.89
C PHE B 16 -10.98 -3.85 -18.29
N THR B 17 -9.90 -4.63 -18.26
CA THR B 17 -9.86 -5.96 -17.61
C THR B 17 -8.89 -5.91 -16.43
N LEU B 18 -9.32 -6.46 -15.29
CA LEU B 18 -8.45 -6.69 -14.11
C LEU B 18 -7.93 -8.13 -14.19
N PRO B 19 -6.81 -8.44 -13.52
CA PRO B 19 -6.46 -9.80 -13.15
C PRO B 19 -7.58 -10.54 -12.41
N VAL B 20 -7.69 -11.84 -12.67
CA VAL B 20 -8.75 -12.73 -12.12
C VAL B 20 -9.01 -12.38 -10.66
N ARG B 21 -8.00 -12.45 -9.78
CA ARG B 21 -8.23 -12.38 -8.31
C ARG B 21 -8.90 -11.04 -8.01
N LEU B 22 -8.37 -9.94 -8.54
CA LEU B 22 -8.98 -8.59 -8.33
C LEU B 22 -10.40 -8.64 -8.89
N CYS B 23 -10.56 -9.21 -10.07
CA CYS B 23 -11.81 -9.18 -10.87
C CYS B 23 -12.98 -9.67 -10.03
N LYS B 24 -12.77 -10.74 -9.26
CA LYS B 24 -13.81 -11.45 -8.48
C LYS B 24 -13.90 -10.88 -7.06
N GLU B 25 -12.79 -10.37 -6.51
CA GLU B 25 -12.72 -9.80 -5.15
C GLU B 25 -13.42 -8.44 -5.15
N ILE B 26 -13.36 -7.71 -6.26
CA ILE B 26 -13.69 -6.25 -6.31
C ILE B 26 -15.18 -6.08 -6.05
N GLU B 27 -15.99 -7.08 -6.44
CA GLU B 27 -17.45 -7.11 -6.20
C GLU B 27 -17.75 -7.27 -4.70
N LEU B 28 -16.76 -7.67 -3.90
CA LEU B 28 -16.95 -7.86 -2.44
C LEU B 28 -16.75 -6.51 -1.76
N PHE B 29 -17.58 -6.23 -0.76
CA PHE B 29 -17.47 -5.00 0.08
C PHE B 29 -16.09 -4.98 0.74
N HIS B 30 -15.59 -6.11 1.23
CA HIS B 30 -14.35 -6.17 2.07
C HIS B 30 -13.09 -6.17 1.21
N PHE B 31 -13.21 -6.04 -0.11
CA PHE B 31 -12.07 -5.90 -1.06
C PHE B 31 -11.10 -4.81 -0.60
N ASP B 32 -9.81 -5.09 -0.67
CA ASP B 32 -8.70 -4.11 -0.45
C ASP B 32 -8.05 -3.83 -1.81
N ILE B 33 -7.78 -2.55 -2.14
CA ILE B 33 -7.31 -2.17 -3.52
C ILE B 33 -5.79 -2.39 -3.67
N GLY B 34 -5.09 -2.84 -2.63
CA GLY B 34 -3.72 -3.33 -2.80
C GLY B 34 -2.72 -2.17 -2.75
N PRO B 35 -1.40 -2.49 -2.62
CA PRO B 35 -0.33 -1.49 -2.49
C PRO B 35 0.26 -0.89 -3.77
N PHE B 36 -0.28 -1.20 -4.94
CA PHE B 36 0.28 -0.83 -6.26
C PHE B 36 -0.46 0.40 -6.78
N GLU B 37 0.01 1.58 -6.38
CA GLU B 37 -0.54 2.91 -6.75
C GLU B 37 -0.97 2.92 -8.22
N ASN B 38 -0.15 2.36 -9.11
CA ASN B 38 -0.30 2.57 -10.58
C ASN B 38 -1.45 1.70 -11.12
N MET B 39 -2.08 0.89 -10.27
CA MET B 39 -3.26 0.07 -10.65
C MET B 39 -4.55 0.79 -10.23
N TRP B 40 -4.45 1.70 -9.26
CA TRP B 40 -5.66 2.32 -8.66
C TRP B 40 -6.46 3.04 -9.75
N PRO B 41 -5.82 3.77 -10.71
CA PRO B 41 -6.57 4.44 -11.77
C PRO B 41 -7.32 3.44 -12.65
N GLY B 42 -6.65 2.40 -13.15
CA GLY B 42 -7.29 1.30 -13.89
C GLY B 42 -8.45 0.70 -13.11
N ILE B 43 -8.32 0.56 -11.79
CA ILE B 43 -9.36 -0.03 -10.89
C ILE B 43 -10.57 0.90 -10.90
N PHE B 44 -10.34 2.20 -10.71
CA PHE B 44 -11.42 3.21 -10.70
C PHE B 44 -12.12 3.23 -12.07
N VAL B 45 -11.37 3.34 -13.18
CA VAL B 45 -11.94 3.45 -14.57
C VAL B 45 -12.79 2.21 -14.85
N TYR B 46 -12.30 1.04 -14.45
CA TYR B 46 -13.00 -0.26 -14.57
C TYR B 46 -14.36 -0.13 -13.89
N MET B 47 -14.34 0.20 -12.60
CA MET B 47 -15.53 0.40 -11.74
C MET B 47 -16.50 1.41 -12.35
N VAL B 48 -16.00 2.49 -12.95
CA VAL B 48 -16.88 3.50 -13.61
C VAL B 48 -17.61 2.81 -14.77
N HIS B 49 -16.87 2.12 -15.63
CA HIS B 49 -17.39 1.50 -16.88
C HIS B 49 -18.46 0.48 -16.51
N ARG B 50 -18.18 -0.38 -15.53
CA ARG B 50 -19.09 -1.47 -15.10
C ARG B 50 -20.23 -0.86 -14.28
N SER B 51 -19.97 0.22 -13.57
CA SER B 51 -21.02 0.85 -12.71
C SER B 51 -22.04 1.61 -13.57
N CYS B 52 -21.60 2.35 -14.62
CA CYS B 52 -22.53 3.19 -15.42
C CYS B 52 -22.22 3.21 -16.94
N GLY B 53 -21.20 2.50 -17.43
CA GLY B 53 -21.01 2.25 -18.88
C GLY B 53 -19.72 2.83 -19.44
N THR B 54 -19.32 2.35 -20.61
CA THR B 54 -18.12 2.80 -21.37
C THR B 54 -18.41 4.14 -22.04
N SER B 55 -19.69 4.40 -22.27
CA SER B 55 -20.25 5.64 -22.89
C SER B 55 -20.43 6.77 -21.85
N CYS B 56 -20.36 6.47 -20.55
CA CYS B 56 -20.53 7.43 -19.41
C CYS B 56 -19.60 8.63 -19.59
N PHE B 57 -18.32 8.38 -19.89
CA PHE B 57 -17.24 9.38 -19.88
C PHE B 57 -16.28 9.17 -21.05
N GLU B 58 -15.90 10.25 -21.74
CA GLU B 58 -14.80 10.21 -22.73
C GLU B 58 -13.53 9.84 -21.94
N LEU B 59 -13.05 8.61 -22.13
CA LEU B 59 -11.87 8.02 -21.44
C LEU B 59 -10.71 9.03 -21.37
N GLU B 60 -10.35 9.71 -22.46
CA GLU B 60 -9.17 10.60 -22.53
C GLU B 60 -9.27 11.71 -21.47
N LYS B 61 -10.44 12.39 -21.34
CA LYS B 61 -10.71 13.40 -20.28
C LYS B 61 -10.75 12.72 -18.90
N LEU B 62 -11.41 11.57 -18.77
CA LEU B 62 -11.55 10.90 -17.45
C LEU B 62 -10.16 10.60 -16.89
N CME B 63 -9.28 10.01 -17.70
CA CME B 63 -7.90 9.60 -17.29
CB CME B 63 -7.24 8.73 -18.34
SG CME B 63 -7.75 6.97 -18.35
SD CME B 63 -7.03 6.26 -16.54
CE CME B 63 -5.31 5.75 -16.80
CZ CME B 63 -5.13 4.53 -17.68
OH CME B 63 -3.98 4.64 -18.49
C CME B 63 -7.10 10.84 -16.91
O CME B 63 -6.27 10.77 -15.99
N ARG B 64 -7.38 11.97 -17.56
CA ARG B 64 -6.72 13.27 -17.29
C ARG B 64 -7.22 13.79 -15.95
N PHE B 65 -8.55 13.76 -15.79
CA PHE B 65 -9.28 14.08 -14.53
C PHE B 65 -8.73 13.24 -13.36
N ILE B 66 -8.59 11.93 -13.54
CA ILE B 66 -8.11 11.03 -12.45
C ILE B 66 -6.70 11.44 -12.01
N MET B 67 -5.77 11.66 -12.95
CA MET B 67 -4.36 11.99 -12.61
C MET B 67 -4.26 13.37 -11.95
N SER B 68 -5.10 14.32 -12.35
CA SER B 68 -5.14 15.68 -11.74
C SER B 68 -5.72 15.59 -10.33
N VAL B 69 -6.63 14.64 -10.09
CA VAL B 69 -7.22 14.42 -8.75
C VAL B 69 -6.11 13.83 -7.89
N LYS B 70 -5.46 12.77 -8.37
CA LYS B 70 -4.35 12.08 -7.66
C LYS B 70 -3.33 13.11 -7.19
N LYS B 71 -2.90 13.97 -8.11
CA LYS B 71 -1.85 15.00 -7.91
C LYS B 71 -2.25 15.95 -6.78
N ASN B 72 -3.54 16.19 -6.57
CA ASN B 72 -4.06 17.19 -5.60
C ASN B 72 -4.42 16.53 -4.25
N TYR B 73 -4.12 15.24 -4.05
CA TYR B 73 -4.08 14.59 -2.72
C TYR B 73 -2.63 14.57 -2.19
N ARG B 74 -2.47 14.57 -0.89
CA ARG B 74 -1.16 14.77 -0.22
C ARG B 74 -0.62 13.45 0.35
N ARG B 75 0.68 13.44 0.60
CA ARG B 75 1.42 12.28 1.13
C ARG B 75 1.24 12.29 2.63
N VAL B 76 0.04 11.95 3.08
CA VAL B 76 -0.34 11.86 4.51
C VAL B 76 -0.58 10.39 4.83
N PRO B 77 -0.58 10.02 6.14
CA PRO B 77 -0.78 8.64 6.54
C PRO B 77 -2.12 8.06 6.08
N TYR B 78 -3.24 8.77 6.17
CA TYR B 78 -4.59 8.16 5.99
C TYR B 78 -5.40 8.86 4.90
N HIS B 79 -5.47 10.19 4.92
CA HIS B 79 -6.40 11.01 4.09
C HIS B 79 -5.74 11.25 2.72
N ASN B 80 -5.42 10.16 2.05
CA ASN B 80 -4.58 10.16 0.84
C ASN B 80 -5.34 9.54 -0.35
N TRP B 81 -4.69 9.56 -1.51
CA TRP B 81 -5.16 8.99 -2.78
C TRP B 81 -5.70 7.56 -2.56
N LYS B 82 -5.01 6.72 -1.79
CA LYS B 82 -5.49 5.34 -1.49
C LYS B 82 -6.86 5.41 -0.82
N HIS B 83 -7.07 6.36 0.11
CA HIS B 83 -8.36 6.51 0.85
C HIS B 83 -9.46 6.92 -0.13
N ALA B 84 -9.16 7.80 -1.09
CA ALA B 84 -10.12 8.24 -2.12
C ALA B 84 -10.62 7.01 -2.89
N VAL B 85 -9.71 6.23 -3.46
CA VAL B 85 -10.05 5.08 -4.35
C VAL B 85 -10.80 4.03 -3.52
N THR B 86 -10.35 3.79 -2.28
CA THR B 86 -11.00 2.85 -1.31
C THR B 86 -12.45 3.26 -1.06
N VAL B 87 -12.70 4.55 -0.86
CA VAL B 87 -14.06 5.07 -0.57
C VAL B 87 -14.93 4.97 -1.83
N ALA B 88 -14.39 5.30 -3.00
CA ALA B 88 -15.05 5.15 -4.32
C ALA B 88 -15.41 3.69 -4.54
N HIS B 89 -14.54 2.76 -4.15
CA HIS B 89 -14.80 1.32 -4.38
C HIS B 89 -16.09 0.94 -3.65
N CYS B 90 -16.11 1.28 -2.36
CA CYS B 90 -17.21 0.92 -1.43
C CYS B 90 -18.49 1.40 -2.08
N MET B 91 -18.45 2.64 -2.59
CA MET B 91 -19.61 3.28 -3.26
C MET B 91 -19.94 2.45 -4.50
N TYR B 92 -18.95 2.09 -5.32
CA TYR B 92 -19.12 1.12 -6.45
C TYR B 92 -19.90 -0.12 -5.98
N ALA B 93 -19.48 -0.76 -4.88
CA ALA B 93 -20.16 -1.99 -4.38
C ALA B 93 -21.65 -1.72 -4.09
N ILE B 94 -22.00 -0.56 -3.55
CA ILE B 94 -23.39 -0.23 -3.11
C ILE B 94 -24.24 -0.02 -4.35
N LEU B 95 -23.78 0.86 -5.23
CA LEU B 95 -24.40 1.08 -6.57
C LEU B 95 -24.63 -0.28 -7.25
N GLN B 96 -23.64 -1.18 -7.21
CA GLN B 96 -23.70 -2.47 -7.97
C GLN B 96 -24.72 -3.45 -7.36
N ASN B 97 -25.07 -3.32 -6.08
CA ASN B 97 -26.04 -4.20 -5.38
C ASN B 97 -27.40 -3.48 -5.21
N ASN B 98 -27.56 -2.29 -5.77
CA ASN B 98 -28.83 -1.53 -5.69
C ASN B 98 -28.99 -0.74 -6.98
N HIS B 99 -28.79 -1.37 -8.15
CA HIS B 99 -28.53 -0.66 -9.44
C HIS B 99 -29.80 0.02 -9.97
N THR B 100 -30.99 -0.45 -9.61
CA THR B 100 -32.27 0.13 -10.12
C THR B 100 -32.68 1.38 -9.34
N LEU B 101 -32.16 1.55 -8.12
CA LEU B 101 -32.52 2.66 -7.19
C LEU B 101 -32.03 4.01 -7.71
N PHE B 102 -30.81 4.09 -8.25
CA PHE B 102 -30.13 5.36 -8.59
C PHE B 102 -30.18 5.60 -10.10
N THR B 103 -30.27 6.88 -10.47
CA THR B 103 -30.34 7.38 -11.87
C THR B 103 -28.93 7.38 -12.47
N ASP B 104 -28.82 7.74 -13.73
CA ASP B 104 -27.53 7.71 -14.48
C ASP B 104 -26.67 8.87 -13.98
N LEU B 105 -27.31 10.02 -13.66
CA LEU B 105 -26.64 11.20 -13.10
C LEU B 105 -26.05 10.83 -11.73
N GLU B 106 -26.85 10.22 -10.87
CA GLU B 106 -26.41 9.86 -9.48
C GLU B 106 -25.25 8.88 -9.57
N ARG B 107 -25.30 7.89 -10.47
CA ARG B 107 -24.20 6.88 -10.58
C ARG B 107 -22.91 7.58 -11.00
N LYS B 108 -22.96 8.53 -11.94
CA LYS B 108 -21.77 9.27 -12.45
C LYS B 108 -21.19 10.14 -11.32
N GLY B 109 -22.04 10.98 -10.74
CA GLY B 109 -21.70 11.99 -9.72
C GLY B 109 -21.15 11.36 -8.44
N LEU B 110 -21.77 10.29 -7.95
CA LEU B 110 -21.45 9.70 -6.63
C LEU B 110 -20.03 9.14 -6.64
N LEU B 111 -19.66 8.38 -7.68
CA LEU B 111 -18.33 7.76 -7.78
C LEU B 111 -17.28 8.86 -7.90
N ILE B 112 -17.57 9.92 -8.65
CA ILE B 112 -16.66 11.09 -8.80
C ILE B 112 -16.65 11.83 -7.47
N ALA B 113 -17.81 11.98 -6.82
CA ALA B 113 -17.89 12.63 -5.49
C ALA B 113 -16.92 11.93 -4.54
N CYS B 114 -16.96 10.60 -4.55
CA CYS B 114 -16.12 9.75 -3.68
C CYS B 114 -14.63 10.00 -3.97
N LEU B 115 -14.27 10.12 -5.24
CA LEU B 115 -12.84 10.14 -5.63
C LEU B 115 -12.24 11.44 -5.11
N CYS B 116 -13.05 12.49 -5.04
CA CYS B 116 -12.65 13.89 -4.73
C CYS B 116 -12.94 14.27 -3.27
N HIS B 117 -13.66 13.46 -2.50
CA HIS B 117 -14.33 13.94 -1.27
C HIS B 117 -13.32 14.47 -0.24
N ASP B 118 -12.02 14.15 -0.36
CA ASP B 118 -10.97 14.59 0.60
C ASP B 118 -9.89 15.40 -0.13
N LEU B 119 -10.18 15.94 -1.32
CA LEU B 119 -9.15 16.63 -2.14
C LEU B 119 -8.35 17.62 -1.28
N ASP B 120 -7.04 17.45 -1.19
CA ASP B 120 -6.08 18.43 -0.62
C ASP B 120 -6.14 18.40 0.92
N HIS B 121 -6.57 17.28 1.50
CA HIS B 121 -6.57 17.06 2.96
C HIS B 121 -5.14 17.21 3.46
N ARG B 122 -4.93 18.04 4.49
CA ARG B 122 -3.61 18.23 5.13
C ARG B 122 -3.45 17.21 6.25
N GLY B 123 -4.52 16.48 6.58
CA GLY B 123 -4.57 15.47 7.65
C GLY B 123 -5.03 16.05 8.97
N PHE B 124 -5.53 17.29 8.96
CA PHE B 124 -5.98 18.02 10.17
C PHE B 124 -7.51 18.19 10.08
N SER B 125 -8.19 18.09 11.22
CA SER B 125 -9.67 18.20 11.34
C SER B 125 -10.08 19.65 11.12
N ASN B 126 -11.39 19.89 11.08
CA ASN B 126 -11.98 21.25 11.02
C ASN B 126 -11.65 21.99 12.33
N SER B 127 -11.85 21.36 13.48
CA SER B 127 -11.54 21.97 14.80
C SER B 127 -10.12 22.55 14.79
N TYR B 128 -9.14 21.77 14.36
CA TYR B 128 -7.72 22.21 14.39
C TYR B 128 -7.54 23.43 13.48
N LEU B 129 -8.10 23.43 12.25
CA LEU B 129 -8.04 24.58 11.30
C LEU B 129 -8.70 25.82 11.97
N GLN B 130 -9.80 25.62 12.68
CA GLN B 130 -10.55 26.70 13.41
C GLN B 130 -9.63 27.28 14.50
N LYS B 131 -9.09 26.43 15.38
CA LYS B 131 -8.21 26.86 16.51
C LYS B 131 -6.92 27.49 15.99
N PHE B 132 -6.34 26.92 14.95
CA PHE B 132 -5.10 27.46 14.34
C PHE B 132 -5.36 28.86 13.77
N ASP B 133 -6.60 29.09 13.34
CA ASP B 133 -6.98 30.26 12.50
C ASP B 133 -6.40 30.06 11.10
N HIS B 134 -6.54 28.87 10.52
CA HIS B 134 -6.20 28.67 9.09
C HIS B 134 -7.08 29.60 8.27
N PRO B 135 -6.56 30.27 7.21
CA PRO B 135 -7.38 31.05 6.27
C PRO B 135 -8.71 30.40 5.82
N LEU B 136 -8.69 29.11 5.48
CA LEU B 136 -9.91 28.34 5.15
C LEU B 136 -10.97 28.40 6.27
N ALA B 137 -10.62 28.68 7.53
CA ALA B 137 -11.62 28.66 8.63
C ALA B 137 -12.45 29.94 8.61
N ALA B 138 -11.87 31.04 8.10
CA ALA B 138 -12.55 32.33 7.90
C ALA B 138 -13.34 32.32 6.59
N LEU B 139 -12.81 31.67 5.56
CA LEU B 139 -13.46 31.52 4.24
C LEU B 139 -14.69 30.60 4.36
N TYR B 140 -14.63 29.58 5.22
CA TYR B 140 -15.67 28.53 5.29
C TYR B 140 -16.03 28.23 6.75
N SER B 141 -16.93 29.02 7.33
CA SER B 141 -17.33 28.97 8.77
C SER B 141 -17.59 27.52 9.21
N THR B 142 -18.43 26.74 8.50
CA THR B 142 -18.73 25.32 8.84
C THR B 142 -18.33 24.35 7.70
N SER B 143 -18.25 23.07 8.03
CA SER B 143 -17.76 21.98 7.16
C SER B 143 -16.56 22.50 6.36
N THR B 144 -15.62 23.13 7.05
CA THR B 144 -14.45 23.85 6.47
C THR B 144 -13.78 22.97 5.41
N MET B 145 -13.21 21.83 5.80
CA MET B 145 -12.42 20.99 4.87
C MET B 145 -13.36 20.53 3.74
N GLU B 146 -14.61 20.21 4.06
CA GLU B 146 -15.54 19.58 3.08
C GLU B 146 -15.94 20.62 2.02
N GLN B 147 -16.12 21.88 2.42
CA GLN B 147 -16.31 22.99 1.44
C GLN B 147 -15.03 23.17 0.62
N HIS B 148 -13.84 23.09 1.23
CA HIS B 148 -12.54 23.20 0.50
C HIS B 148 -12.42 22.07 -0.53
N HIS B 149 -12.82 20.85 -0.19
CA HIS B 149 -12.70 19.66 -1.08
C HIS B 149 -13.59 19.88 -2.30
N PHE B 150 -14.73 20.56 -2.16
CA PHE B 150 -15.65 20.75 -3.31
C PHE B 150 -15.06 21.80 -4.24
N SER B 151 -14.67 22.92 -3.65
CA SER B 151 -13.90 23.99 -4.32
C SER B 151 -12.76 23.38 -5.14
N GLN B 152 -12.01 22.44 -4.59
CA GLN B 152 -10.87 21.80 -5.29
C GLN B 152 -11.36 20.99 -6.50
N THR B 153 -12.49 20.31 -6.34
CA THR B 153 -13.19 19.50 -7.39
C THR B 153 -13.62 20.42 -8.53
N VAL B 154 -14.31 21.52 -8.20
CA VAL B 154 -14.81 22.47 -9.23
C VAL B 154 -13.60 23.06 -9.99
N SER B 155 -12.50 23.35 -9.31
CA SER B 155 -11.24 23.87 -9.92
C SER B 155 -10.77 22.87 -10.95
N ILE B 156 -10.63 21.60 -10.55
CA ILE B 156 -10.06 20.56 -11.44
C ILE B 156 -10.96 20.37 -12.66
N LEU B 157 -12.29 20.40 -12.50
CA LEU B 157 -13.28 20.18 -13.61
C LEU B 157 -13.10 21.26 -14.69
N GLN B 158 -12.57 22.42 -14.32
CA GLN B 158 -12.49 23.59 -15.22
C GLN B 158 -11.09 23.69 -15.80
N LEU B 159 -10.16 22.81 -15.40
CA LEU B 159 -8.83 22.70 -16.05
C LEU B 159 -9.07 22.23 -17.49
N GLU B 160 -8.30 22.76 -18.45
CA GLU B 160 -8.34 22.42 -19.90
C GLU B 160 -8.37 20.90 -20.09
N GLY B 161 -9.41 20.41 -20.78
CA GLY B 161 -9.58 18.98 -21.10
C GLY B 161 -10.03 18.15 -19.92
N HIS B 162 -10.43 18.76 -18.80
CA HIS B 162 -10.76 18.03 -17.54
C HIS B 162 -12.26 17.97 -17.33
N ASN B 163 -13.09 18.59 -18.17
CA ASN B 163 -14.57 18.55 -17.99
C ASN B 163 -15.11 17.24 -18.53
N ILE B 164 -15.23 16.26 -17.63
CA ILE B 164 -15.79 14.89 -17.86
C ILE B 164 -17.31 14.94 -18.07
N PHE B 165 -17.96 16.09 -17.90
CA PHE B 165 -19.43 16.25 -18.00
C PHE B 165 -19.79 17.16 -19.18
N SER B 166 -18.91 17.23 -20.20
CA SER B 166 -19.08 18.17 -21.33
C SER B 166 -20.29 17.74 -22.17
N THR B 167 -20.64 16.45 -22.17
CA THR B 167 -21.73 15.91 -23.03
C THR B 167 -23.12 16.21 -22.45
N LEU B 168 -23.21 16.72 -21.20
CA LEU B 168 -24.50 16.87 -20.48
C LEU B 168 -25.13 18.24 -20.78
N SER B 169 -26.46 18.34 -20.72
CA SER B 169 -27.16 19.65 -20.86
C SER B 169 -26.69 20.57 -19.73
N SER B 170 -26.86 21.88 -19.89
CA SER B 170 -26.60 22.88 -18.82
C SER B 170 -27.28 22.45 -17.51
N SER B 171 -28.53 21.97 -17.58
CA SER B 171 -29.40 21.56 -16.44
C SER B 171 -28.86 20.28 -15.80
N GLU B 172 -28.63 19.23 -16.59
CA GLU B 172 -27.99 17.99 -16.12
C GLU B 172 -26.68 18.36 -15.41
N TYR B 173 -25.76 19.04 -16.10
CA TYR B 173 -24.43 19.45 -15.55
C TYR B 173 -24.62 20.03 -14.15
N GLU B 174 -25.65 20.84 -14.00
CA GLU B 174 -25.89 21.58 -12.73
C GLU B 174 -26.42 20.62 -11.68
N GLN B 175 -27.31 19.69 -12.07
CA GLN B 175 -27.82 18.66 -11.15
C GLN B 175 -26.62 17.85 -10.65
N VAL B 176 -25.75 17.37 -11.55
CA VAL B 176 -24.66 16.42 -11.17
C VAL B 176 -23.72 17.17 -10.22
N LEU B 177 -23.35 18.41 -10.50
CA LEU B 177 -22.53 19.21 -9.56
C LEU B 177 -23.28 19.42 -8.25
N GLU B 178 -24.61 19.46 -8.29
CA GLU B 178 -25.40 19.66 -7.03
C GLU B 178 -25.37 18.36 -6.21
N ILE B 179 -25.44 17.21 -6.87
CA ILE B 179 -25.28 15.87 -6.22
C ILE B 179 -23.92 15.82 -5.52
N ILE B 180 -22.85 16.16 -6.25
CA ILE B 180 -21.43 16.03 -5.81
C ILE B 180 -21.20 16.95 -4.60
N ARG B 181 -21.71 18.19 -4.66
CA ARG B 181 -21.56 19.17 -3.55
C ARG B 181 -22.17 18.58 -2.28
N LYS B 182 -23.43 18.12 -2.34
CA LYS B 182 -24.17 17.61 -1.17
C LYS B 182 -23.53 16.31 -0.71
N ALA B 183 -23.06 15.47 -1.63
CA ALA B 183 -22.35 14.23 -1.27
C ALA B 183 -21.10 14.60 -0.45
N ILE B 184 -20.33 15.61 -0.86
CA ILE B 184 -19.04 15.95 -0.20
C ILE B 184 -19.31 16.59 1.17
N ILE B 185 -20.29 17.49 1.27
CA ILE B 185 -20.60 18.13 2.58
C ILE B 185 -21.03 17.04 3.55
N ALA B 186 -21.70 16.00 3.06
CA ALA B 186 -22.22 14.88 3.87
C ALA B 186 -21.08 14.14 4.57
N THR B 187 -19.84 14.22 4.09
CA THR B 187 -18.70 13.44 4.64
C THR B 187 -18.12 14.17 5.85
N ASP B 188 -18.71 15.31 6.23
CA ASP B 188 -18.47 16.00 7.53
C ASP B 188 -19.23 15.26 8.64
N LEU B 189 -18.56 14.36 9.38
CA LEU B 189 -19.22 13.49 10.40
C LEU B 189 -19.98 14.29 11.46
N ALA B 190 -19.72 15.59 11.62
CA ALA B 190 -20.50 16.48 12.49
C ALA B 190 -21.97 16.47 12.05
N LEU B 191 -22.24 16.24 10.75
CA LEU B 191 -23.60 16.30 10.14
C LEU B 191 -24.23 14.91 10.06
N TYR B 192 -23.45 13.85 10.25
CA TYR B 192 -23.92 12.47 10.12
C TYR B 192 -24.97 12.20 11.20
N PHE B 193 -24.65 12.53 12.45
CA PHE B 193 -25.48 12.15 13.63
C PHE B 193 -26.94 12.59 13.42
N GLY B 194 -27.13 13.85 13.05
CA GLY B 194 -28.46 14.41 12.78
C GLY B 194 -29.11 13.69 11.62
N ASN B 195 -28.34 13.43 10.55
CA ASN B 195 -28.85 12.88 9.28
C ASN B 195 -29.35 11.46 9.51
N ARG B 196 -28.58 10.66 10.23
CA ARG B 196 -28.91 9.24 10.49
C ARG B 196 -30.17 9.19 11.35
N LYS B 197 -30.34 10.15 12.26
CA LYS B 197 -31.47 10.20 13.22
C LYS B 197 -32.77 10.41 12.43
N GLN B 198 -32.80 11.39 11.52
CA GLN B 198 -33.99 11.66 10.64
C GLN B 198 -34.29 10.49 9.69
N LEU B 199 -33.29 9.74 9.27
CA LEU B 199 -33.48 8.57 8.35
C LEU B 199 -34.03 7.38 9.13
N GLU B 200 -33.40 7.06 10.27
CA GLU B 200 -33.82 5.99 11.23
C GLU B 200 -35.29 6.19 11.62
N GLU B 201 -35.72 7.45 11.74
CA GLU B 201 -37.08 7.82 12.16
C GLU B 201 -38.01 7.67 10.95
N MET B 202 -37.61 8.21 9.80
CA MET B 202 -38.41 8.12 8.56
C MET B 202 -38.64 6.65 8.19
N TYR B 203 -37.62 5.82 8.30
CA TYR B 203 -37.70 4.40 7.91
C TYR B 203 -38.67 3.67 8.84
N GLN B 204 -38.48 3.83 10.13
CA GLN B 204 -39.18 2.99 11.15
C GLN B 204 -40.64 3.40 11.28
N THR B 205 -40.99 4.64 10.90
CA THR B 205 -42.38 5.18 10.80
C THR B 205 -42.96 4.81 9.43
N GLY B 206 -42.10 4.52 8.45
CA GLY B 206 -42.52 4.18 7.08
C GLY B 206 -42.81 5.41 6.25
N SER B 207 -42.36 6.59 6.66
CA SER B 207 -42.51 7.86 5.90
C SER B 207 -41.41 8.02 4.84
N LEU B 208 -40.39 7.16 4.85
CA LEU B 208 -39.21 7.30 3.94
C LEU B 208 -39.67 7.00 2.52
N ASN B 209 -39.48 7.96 1.62
CA ASN B 209 -39.96 7.89 0.22
C ASN B 209 -38.83 8.35 -0.71
N LEU B 210 -38.18 7.40 -1.40
CA LEU B 210 -36.97 7.69 -2.24
C LEU B 210 -37.34 8.50 -3.49
N ASN B 211 -38.60 8.84 -3.73
CA ASN B 211 -39.01 9.73 -4.84
C ASN B 211 -39.03 11.18 -4.31
N ASN B 212 -39.06 11.34 -2.99
CA ASN B 212 -38.86 12.64 -2.31
C ASN B 212 -37.37 13.02 -2.43
N GLN B 213 -37.03 14.13 -3.06
CA GLN B 213 -35.62 14.52 -3.37
C GLN B 213 -34.86 14.76 -2.07
N SER B 214 -35.53 15.39 -1.11
CA SER B 214 -35.05 15.66 0.27
C SER B 214 -34.81 14.35 1.03
N HIS B 215 -35.51 13.27 0.68
CA HIS B 215 -35.25 11.94 1.31
C HIS B 215 -34.04 11.29 0.63
N ARG B 216 -33.97 11.32 -0.71
CA ARG B 216 -32.84 10.72 -1.48
C ARG B 216 -31.54 11.39 -1.01
N ASP B 217 -31.55 12.72 -0.94
CA ASP B 217 -30.43 13.53 -0.43
C ASP B 217 -29.92 12.96 0.91
N ARG B 218 -30.83 12.69 1.84
CA ARG B 218 -30.48 12.16 3.18
C ARG B 218 -29.84 10.77 3.05
N VAL B 219 -30.37 9.93 2.16
CA VAL B 219 -29.91 8.52 1.99
C VAL B 219 -28.54 8.56 1.33
N ILE B 220 -28.34 9.50 0.40
CA ILE B 220 -27.04 9.62 -0.28
C ILE B 220 -26.02 10.06 0.78
N GLY B 221 -26.44 10.95 1.67
CA GLY B 221 -25.61 11.45 2.77
C GLY B 221 -25.08 10.27 3.56
N LEU B 222 -25.99 9.38 3.95
CA LEU B 222 -25.64 8.19 4.76
C LEU B 222 -24.71 7.30 3.96
N MET B 223 -25.07 7.03 2.71
CA MET B 223 -24.22 6.23 1.81
C MET B 223 -22.79 6.79 1.79
N MET B 224 -22.63 8.12 1.81
CA MET B 224 -21.29 8.78 1.77
C MET B 224 -20.57 8.55 3.10
N THR B 225 -21.24 8.70 4.25
CA THR B 225 -20.63 8.43 5.58
C THR B 225 -20.17 6.98 5.62
N ALA B 226 -21.05 6.09 5.19
CA ALA B 226 -20.85 4.62 5.17
C ALA B 226 -19.57 4.30 4.42
N CYS B 227 -19.47 4.82 3.19
CA CYS B 227 -18.33 4.62 2.26
C CYS B 227 -17.07 5.19 2.90
N ASP B 228 -17.21 6.38 3.49
CA ASP B 228 -16.09 7.11 4.10
C ASP B 228 -15.52 6.32 5.27
N LEU B 229 -16.36 5.65 6.06
CA LEU B 229 -15.91 4.87 7.25
C LEU B 229 -15.67 3.40 6.88
N CYS B 230 -15.64 3.05 5.59
CA CYS B 230 -15.67 1.63 5.12
C CYS B 230 -14.40 0.86 5.52
N SER B 231 -13.41 1.53 6.11
CA SER B 231 -12.19 0.86 6.63
C SER B 231 -12.54 0.06 7.89
N VAL B 232 -13.65 0.36 8.54
CA VAL B 232 -14.06 -0.36 9.77
C VAL B 232 -14.89 -1.61 9.40
N THR B 233 -15.02 -1.91 8.09
CA THR B 233 -15.79 -3.04 7.52
C THR B 233 -14.95 -3.92 6.60
N LYS B 234 -13.62 -3.83 6.69
CA LYS B 234 -12.69 -4.76 6.00
C LYS B 234 -12.51 -5.96 6.91
N LEU B 235 -11.77 -6.97 6.47
CA LEU B 235 -11.41 -8.12 7.33
C LEU B 235 -10.44 -7.58 8.38
N TRP B 236 -10.37 -8.23 9.53
CA TRP B 236 -9.64 -7.73 10.73
C TRP B 236 -8.22 -7.28 10.37
N PRO B 237 -7.40 -8.08 9.68
CA PRO B 237 -6.00 -7.67 9.42
C PRO B 237 -5.88 -6.34 8.65
N VAL B 238 -6.80 -6.07 7.71
CA VAL B 238 -6.87 -4.80 6.92
C VAL B 238 -7.34 -3.66 7.83
N THR B 239 -8.30 -3.92 8.70
CA THR B 239 -8.90 -2.89 9.59
C THR B 239 -7.89 -2.51 10.67
N LYS B 240 -7.19 -3.50 11.19
CA LYS B 240 -6.16 -3.34 12.25
C LYS B 240 -5.02 -2.43 11.76
N LEU B 241 -4.53 -2.63 10.55
CA LEU B 241 -3.38 -1.88 9.98
C LEU B 241 -3.81 -0.48 9.58
N THR B 242 -5.01 -0.31 9.03
CA THR B 242 -5.56 1.01 8.65
C THR B 242 -5.81 1.84 9.92
N ALA B 243 -5.98 1.20 11.08
CA ALA B 243 -6.15 1.89 12.38
C ALA B 243 -4.85 2.59 12.73
N ASN B 244 -3.70 2.03 12.37
CA ASN B 244 -2.36 2.68 12.55
C ASN B 244 -2.32 4.02 11.81
N ASP B 245 -2.84 4.05 10.57
CA ASP B 245 -2.73 5.22 9.68
C ASP B 245 -3.55 6.37 10.24
N ILE B 246 -4.77 6.06 10.69
CA ILE B 246 -5.73 7.08 11.22
C ILE B 246 -5.09 7.66 12.49
N TYR B 247 -4.45 6.83 13.32
CA TYR B 247 -3.88 7.27 14.61
C TYR B 247 -2.62 8.10 14.35
N ALA B 248 -1.78 7.72 13.38
CA ALA B 248 -0.61 8.52 12.96
C ALA B 248 -1.03 9.98 12.75
N GLU B 249 -2.14 10.20 12.04
CA GLU B 249 -2.69 11.56 11.75
C GLU B 249 -3.27 12.19 13.02
N PHE B 250 -4.14 11.47 13.74
CA PHE B 250 -4.73 11.94 15.02
C PHE B 250 -3.59 12.37 15.94
N TRP B 251 -2.57 11.56 16.11
CA TRP B 251 -1.45 11.86 17.06
C TRP B 251 -0.73 13.13 16.63
N ALA B 252 -0.48 13.28 15.34
CA ALA B 252 0.16 14.48 14.74
C ALA B 252 -0.68 15.72 15.07
N GLU B 253 -2.01 15.62 14.94
CA GLU B 253 -2.93 16.75 15.21
C GLU B 253 -2.92 17.05 16.71
N GLY B 254 -2.91 16.02 17.56
CA GLY B 254 -2.87 16.22 19.01
C GLY B 254 -1.56 16.85 19.44
N ASP B 255 -0.46 16.52 18.75
CA ASP B 255 0.85 17.22 18.87
C ASP B 255 0.68 18.69 18.48
N GLU B 256 -0.08 18.98 17.42
CA GLU B 256 -0.13 20.36 16.85
C GLU B 256 -1.09 21.19 17.70
N MET B 257 -2.09 20.57 18.31
CA MET B 257 -2.92 21.17 19.40
C MET B 257 -2.03 21.54 20.59
N LYS B 258 -1.10 20.66 20.99
CA LYS B 258 -0.21 20.90 22.16
C LYS B 258 0.71 22.08 21.87
N LYS B 259 1.12 22.24 20.61
CA LYS B 259 1.92 23.41 20.14
C LYS B 259 1.12 24.70 20.19
N LEU B 260 -0.23 24.66 20.10
CA LEU B 260 -1.09 25.88 20.22
C LEU B 260 -1.31 26.15 21.72
N GLY B 261 -0.91 25.21 22.58
CA GLY B 261 -1.11 25.31 24.02
C GLY B 261 -2.51 24.89 24.38
N ILE B 262 -3.07 23.92 23.65
CA ILE B 262 -4.39 23.31 24.00
C ILE B 262 -4.15 21.83 24.27
N GLN B 263 -4.61 21.37 25.43
CA GLN B 263 -4.56 19.92 25.76
C GLN B 263 -5.52 19.22 24.81
N PRO B 264 -5.01 18.30 23.97
CA PRO B 264 -5.84 17.65 22.96
C PRO B 264 -6.72 16.58 23.60
N ILE B 265 -7.82 16.24 22.94
CA ILE B 265 -8.74 15.16 23.38
C ILE B 265 -7.92 13.88 23.39
N PRO B 266 -8.26 12.89 24.26
CA PRO B 266 -7.37 11.75 24.51
C PRO B 266 -7.05 10.95 23.23
N MET B 267 -8.06 10.79 22.39
CA MET B 267 -7.95 10.17 21.05
C MET B 267 -6.68 10.66 20.36
N MET B 268 -6.38 11.96 20.41
CA MET B 268 -5.30 12.59 19.58
C MET B 268 -4.01 12.73 20.39
N ASP B 269 -4.03 12.33 21.67
CA ASP B 269 -2.84 12.37 22.55
C ASP B 269 -2.11 11.03 22.43
N ARG B 270 -0.87 11.05 21.92
CA ARG B 270 -0.03 9.83 21.70
C ARG B 270 0.55 9.35 23.04
N ASP B 271 0.45 10.15 24.11
CA ASP B 271 0.84 9.74 25.49
C ASP B 271 -0.30 8.97 26.15
N LYS B 272 -1.42 8.75 25.43
CA LYS B 272 -2.58 7.94 25.89
C LYS B 272 -2.84 6.79 24.90
N LYS B 273 -1.78 6.19 24.36
CA LYS B 273 -1.88 5.05 23.42
C LYS B 273 -2.66 3.89 24.04
N ASP B 274 -2.67 3.74 25.37
CA ASP B 274 -3.22 2.52 26.02
C ASP B 274 -4.76 2.60 26.00
N GLU B 275 -5.34 3.76 25.75
CA GLU B 275 -6.82 3.97 25.73
C GLU B 275 -7.38 3.81 24.30
N VAL B 276 -6.55 3.37 23.34
CA VAL B 276 -6.99 3.21 21.93
C VAL B 276 -8.08 2.14 21.85
N PRO B 277 -7.87 0.92 22.41
CA PRO B 277 -8.88 -0.14 22.28
C PRO B 277 -10.27 0.27 22.82
N GLN B 278 -10.31 0.98 23.95
CA GLN B 278 -11.58 1.44 24.57
C GLN B 278 -12.23 2.54 23.71
N GLY B 279 -11.44 3.44 23.11
CA GLY B 279 -11.92 4.51 22.23
C GLY B 279 -12.48 3.97 20.90
N GLN B 280 -11.87 2.92 20.34
CA GLN B 280 -12.43 2.21 19.16
C GLN B 280 -13.77 1.56 19.51
N LEU B 281 -13.83 0.82 20.63
CA LEU B 281 -15.09 0.24 21.19
C LEU B 281 -16.17 1.32 21.14
N GLY B 282 -15.89 2.50 21.69
CA GLY B 282 -16.85 3.61 21.78
C GLY B 282 -17.16 4.22 20.43
N PHE B 283 -16.20 4.26 19.50
CA PHE B 283 -16.41 4.74 18.11
C PHE B 283 -17.39 3.82 17.37
N TYR B 284 -17.17 2.49 17.48
CA TYR B 284 -18.02 1.45 16.84
C TYR B 284 -19.48 1.54 17.34
N ASN B 285 -19.66 1.79 18.65
CA ASN B 285 -20.99 1.84 19.32
C ASN B 285 -21.67 3.20 19.03
N ALA B 286 -20.91 4.27 18.88
CA ALA B 286 -21.49 5.64 18.76
C ALA B 286 -21.76 6.02 17.31
N VAL B 287 -21.07 5.39 16.35
CA VAL B 287 -20.97 5.87 14.94
C VAL B 287 -21.17 4.70 13.97
N ALA B 288 -20.19 3.80 13.88
CA ALA B 288 -20.10 2.77 12.83
C ALA B 288 -21.36 1.90 12.84
N ILE B 289 -21.70 1.28 13.98
CA ILE B 289 -22.79 0.27 14.04
C ILE B 289 -24.09 0.98 13.69
N PRO B 290 -24.44 2.09 14.38
CA PRO B 290 -25.63 2.85 14.01
C PRO B 290 -25.70 3.21 12.52
N CYS B 291 -24.57 3.57 11.90
CA CYS B 291 -24.46 3.94 10.46
C CYS B 291 -24.86 2.76 9.57
N TYR B 292 -24.21 1.62 9.80
CA TYR B 292 -24.32 0.41 8.94
C TYR B 292 -25.67 -0.28 9.20
N THR B 293 -26.18 -0.19 10.43
CA THR B 293 -27.51 -0.73 10.83
C THR B 293 -28.57 0.00 10.00
N THR B 294 -28.64 1.32 10.14
CA THR B 294 -29.61 2.19 9.45
C THR B 294 -29.48 2.00 7.93
N LEU B 295 -28.25 1.97 7.40
CA LEU B 295 -27.98 1.75 5.94
C LEU B 295 -28.60 0.41 5.51
N THR B 296 -28.37 -0.64 6.29
CA THR B 296 -28.82 -2.02 5.99
C THR B 296 -30.35 -2.09 5.99
N GLN B 297 -31.00 -1.30 6.85
CA GLN B 297 -32.48 -1.17 6.89
C GLN B 297 -32.95 -0.60 5.56
N ILE B 298 -32.35 0.50 5.11
CA ILE B 298 -32.80 1.21 3.88
C ILE B 298 -32.34 0.45 2.62
N LEU B 299 -31.10 -0.07 2.60
CA LEU B 299 -30.51 -0.81 1.45
C LEU B 299 -30.06 -2.20 1.92
N PRO B 300 -30.99 -3.18 2.05
CA PRO B 300 -30.67 -4.51 2.56
C PRO B 300 -29.44 -5.23 1.99
N PRO B 301 -29.14 -5.15 0.69
CA PRO B 301 -27.94 -5.78 0.13
C PRO B 301 -26.59 -5.25 0.68
N THR B 302 -26.62 -4.10 1.38
CA THR B 302 -25.45 -3.54 2.12
C THR B 302 -25.18 -4.32 3.42
N GLU B 303 -25.95 -5.36 3.70
CA GLU B 303 -25.81 -6.23 4.90
C GLU B 303 -24.33 -6.51 5.20
N PRO B 304 -23.48 -6.90 4.23
CA PRO B 304 -22.13 -7.36 4.55
C PRO B 304 -21.27 -6.30 5.24
N LEU B 305 -21.60 -5.01 5.05
CA LEU B 305 -20.90 -3.90 5.74
C LEU B 305 -21.15 -4.06 7.24
N LEU B 306 -22.41 -4.12 7.66
CA LEU B 306 -22.80 -4.22 9.10
C LEU B 306 -22.12 -5.44 9.71
N LYS B 307 -22.21 -6.57 9.03
CA LYS B 307 -21.65 -7.86 9.48
C LYS B 307 -20.15 -7.67 9.76
N ALA B 308 -19.39 -7.30 8.73
CA ALA B 308 -17.94 -7.02 8.81
C ALA B 308 -17.65 -6.04 9.97
N CYS B 309 -18.47 -4.99 10.10
CA CYS B 309 -18.35 -3.98 11.17
C CYS B 309 -18.49 -4.67 12.52
N ARG B 310 -19.59 -5.42 12.70
CA ARG B 310 -19.89 -6.11 13.98
CA ARG B 310 -19.91 -6.14 13.96
C ARG B 310 -18.73 -7.03 14.35
N ASP B 311 -18.15 -7.76 13.39
CA ASP B 311 -17.04 -8.72 13.65
C ASP B 311 -15.81 -7.95 14.13
N ASN B 312 -15.45 -6.85 13.48
CA ASN B 312 -14.35 -5.94 13.93
C ASN B 312 -14.66 -5.37 15.33
N LEU B 313 -15.92 -5.14 15.68
CA LEU B 313 -16.27 -4.66 17.06
C LEU B 313 -15.87 -5.75 18.04
N SER B 314 -16.38 -6.96 17.80
CA SER B 314 -16.03 -8.19 18.55
C SER B 314 -14.51 -8.30 18.73
N GLN B 315 -13.73 -8.06 17.68
CA GLN B 315 -12.24 -8.23 17.69
C GLN B 315 -11.60 -7.24 18.65
N TRP B 316 -12.15 -6.02 18.78
CA TRP B 316 -11.64 -5.00 19.72
C TRP B 316 -11.99 -5.41 21.17
N GLU B 317 -13.20 -5.93 21.38
CA GLU B 317 -13.62 -6.50 22.68
C GLU B 317 -12.56 -7.50 23.13
N LYS B 318 -12.05 -8.34 22.23
CA LYS B 318 -10.98 -9.34 22.52
C LYS B 318 -9.72 -8.62 23.02
N VAL B 319 -9.23 -7.64 22.27
CA VAL B 319 -7.98 -6.88 22.61
C VAL B 319 -8.14 -6.27 24.00
N ILE B 320 -9.28 -5.63 24.27
CA ILE B 320 -9.59 -5.00 25.59
C ILE B 320 -9.43 -6.05 26.71
N ARG B 321 -9.88 -7.28 26.46
CA ARG B 321 -9.85 -8.42 27.40
C ARG B 321 -8.49 -9.14 27.42
N GLY B 322 -7.62 -8.94 26.41
CA GLY B 322 -6.25 -9.49 26.38
C GLY B 322 -6.10 -10.69 25.44
N GLU B 323 -7.18 -11.12 24.78
CA GLU B 323 -7.18 -12.30 23.88
C GLU B 323 -6.66 -11.94 22.46
N GLU B 324 -6.11 -10.73 22.24
CA GLU B 324 -5.29 -10.40 21.03
C GLU B 324 -4.46 -9.14 21.25
N THR B 325 -3.26 -9.07 20.63
CA THR B 325 -2.39 -7.87 20.54
C THR B 325 -2.28 -7.44 19.07
N GLY C 12 38.96 10.42 -24.09
CA GLY C 12 38.81 9.97 -22.67
C GLY C 12 39.63 10.84 -21.71
N LEU C 13 39.37 12.15 -21.70
CA LEU C 13 40.31 13.14 -21.11
C LEU C 13 39.98 13.39 -19.63
N MET C 14 38.69 13.49 -19.30
CA MET C 14 38.19 13.67 -17.91
C MET C 14 38.34 12.35 -17.17
N GLN C 15 38.99 12.35 -16.01
CA GLN C 15 39.07 11.16 -15.12
C GLN C 15 38.59 11.54 -13.72
N PHE C 16 37.92 10.60 -13.06
CA PHE C 16 37.40 10.81 -11.69
C PHE C 16 38.53 10.47 -10.70
N THR C 17 38.63 11.27 -9.65
CA THR C 17 39.43 10.97 -8.45
C THR C 17 38.48 11.02 -7.26
N LEU C 18 38.75 10.19 -6.26
CA LEU C 18 37.99 10.18 -4.99
C LEU C 18 38.89 10.78 -3.91
N PRO C 19 38.29 11.36 -2.84
CA PRO C 19 39.05 11.70 -1.65
C PRO C 19 39.93 10.51 -1.27
N VAL C 20 41.05 10.78 -0.59
CA VAL C 20 42.12 9.80 -0.24
C VAL C 20 41.51 8.57 0.47
N ARG C 21 40.68 8.77 1.50
CA ARG C 21 40.09 7.64 2.27
C ARG C 21 39.31 6.72 1.32
N LEU C 22 38.45 7.29 0.47
CA LEU C 22 37.56 6.52 -0.45
C LEU C 22 38.39 5.76 -1.48
N CYS C 23 39.33 6.46 -2.13
CA CYS C 23 40.29 5.89 -3.12
C CYS C 23 40.91 4.57 -2.60
N LYS C 24 41.35 4.56 -1.34
CA LYS C 24 42.01 3.42 -0.65
C LYS C 24 40.94 2.40 -0.24
N GLU C 25 39.85 2.84 0.38
CA GLU C 25 38.79 1.96 0.93
C GLU C 25 38.03 1.26 -0.19
N ILE C 26 37.81 1.89 -1.36
CA ILE C 26 36.93 1.34 -2.45
C ILE C 26 37.50 0.03 -3.00
N GLU C 27 38.80 -0.21 -2.85
CA GLU C 27 39.46 -1.45 -3.31
C GLU C 27 39.08 -2.61 -2.39
N LEU C 28 38.68 -2.34 -1.14
CA LEU C 28 38.32 -3.37 -0.13
C LEU C 28 36.88 -3.89 -0.30
N PHE C 29 36.68 -5.19 -0.12
CA PHE C 29 35.37 -5.88 -0.32
C PHE C 29 34.29 -5.33 0.63
N HIS C 30 34.65 -4.86 1.82
CA HIS C 30 33.67 -4.51 2.88
C HIS C 30 33.41 -3.00 2.88
N PHE C 31 33.91 -2.28 1.87
CA PHE C 31 33.64 -0.83 1.65
C PHE C 31 32.14 -0.54 1.65
N ASP C 32 31.75 0.47 2.44
CA ASP C 32 30.40 1.10 2.49
C ASP C 32 30.46 2.39 1.65
N ILE C 33 29.48 2.62 0.80
CA ILE C 33 29.53 3.73 -0.21
C ILE C 33 29.13 5.06 0.45
N GLY C 34 28.75 5.07 1.74
CA GLY C 34 28.43 6.32 2.47
C GLY C 34 26.98 6.76 2.28
N PRO C 35 26.53 7.81 3.03
CA PRO C 35 25.15 8.31 2.94
C PRO C 35 24.92 9.47 1.95
N PHE C 36 25.96 9.94 1.25
CA PHE C 36 25.86 11.06 0.28
C PHE C 36 25.41 10.57 -1.10
N GLU C 37 24.12 10.72 -1.39
CA GLU C 37 23.51 10.26 -2.67
C GLU C 37 24.35 10.79 -3.83
N ASN C 38 24.63 12.09 -3.82
CA ASN C 38 25.15 12.82 -5.01
C ASN C 38 26.63 12.48 -5.24
N MET C 39 27.23 11.62 -4.43
CA MET C 39 28.60 11.10 -4.65
C MET C 39 28.56 9.74 -5.37
N TRP C 40 27.43 9.04 -5.33
CA TRP C 40 27.33 7.64 -5.82
C TRP C 40 27.60 7.58 -7.32
N PRO C 41 26.98 8.44 -8.17
CA PRO C 41 27.23 8.41 -9.61
C PRO C 41 28.71 8.46 -9.94
N GLY C 42 29.45 9.38 -9.30
CA GLY C 42 30.90 9.54 -9.50
C GLY C 42 31.67 8.32 -9.04
N ILE C 43 31.29 7.76 -7.89
CA ILE C 43 31.91 6.51 -7.33
C ILE C 43 31.70 5.40 -8.37
N PHE C 44 30.52 5.33 -8.99
CA PHE C 44 30.22 4.32 -10.04
C PHE C 44 31.12 4.51 -11.27
N VAL C 45 31.23 5.74 -11.79
CA VAL C 45 31.99 6.02 -13.04
C VAL C 45 33.49 5.78 -12.77
N TYR C 46 33.98 6.10 -11.57
CA TYR C 46 35.38 5.84 -11.12
C TYR C 46 35.69 4.35 -11.27
N MET C 47 34.76 3.49 -10.82
CA MET C 47 34.87 2.01 -10.83
C MET C 47 34.88 1.51 -12.27
N VAL C 48 33.97 2.02 -13.12
CA VAL C 48 33.85 1.63 -14.57
C VAL C 48 35.16 2.01 -15.31
N HIS C 49 35.78 3.14 -15.00
CA HIS C 49 37.05 3.60 -15.65
C HIS C 49 38.24 2.71 -15.26
N ARG C 50 38.33 2.33 -13.98
CA ARG C 50 39.41 1.46 -13.46
C ARG C 50 39.22 -0.01 -13.85
N SER C 51 37.98 -0.47 -14.03
CA SER C 51 37.71 -1.93 -14.22
C SER C 51 37.53 -2.21 -15.71
N CYS C 52 36.98 -1.26 -16.45
CA CYS C 52 36.71 -1.42 -17.90
C CYS C 52 37.79 -0.67 -18.71
N GLY C 53 38.07 0.60 -18.37
CA GLY C 53 38.92 1.54 -19.11
C GLY C 53 38.18 2.85 -19.37
N THR C 54 38.90 3.95 -19.60
CA THR C 54 38.33 5.31 -19.84
C THR C 54 37.64 5.38 -21.22
N SER C 55 37.77 4.36 -22.07
CA SER C 55 37.28 4.33 -23.48
C SER C 55 36.21 3.26 -23.75
N CYS C 56 35.65 2.60 -22.73
CA CYS C 56 34.55 1.62 -22.89
C CYS C 56 33.26 2.36 -23.25
N PHE C 57 33.06 3.54 -22.63
CA PHE C 57 31.82 4.36 -22.77
C PHE C 57 32.16 5.82 -23.06
N GLU C 58 31.24 6.54 -23.72
CA GLU C 58 31.25 8.02 -23.83
C GLU C 58 30.68 8.60 -22.54
N LEU C 59 31.47 9.44 -21.87
CA LEU C 59 31.22 9.89 -20.49
C LEU C 59 29.85 10.58 -20.40
N GLU C 60 29.48 11.38 -21.39
CA GLU C 60 28.18 12.11 -21.43
C GLU C 60 27.03 11.09 -21.43
N LYS C 61 27.10 10.06 -22.29
CA LYS C 61 26.05 9.01 -22.45
C LYS C 61 25.92 8.18 -21.20
N LEU C 62 27.06 7.84 -20.58
CA LEU C 62 27.15 7.08 -19.32
C LEU C 62 26.42 7.88 -18.24
N CME C 63 26.69 9.17 -18.19
CA CME C 63 26.17 10.08 -17.14
CB CME C 63 26.91 11.39 -17.07
SG CME C 63 28.28 11.35 -15.87
SD CME C 63 27.30 11.04 -14.10
CE CME C 63 28.26 12.00 -12.90
CZ CME C 63 27.45 13.07 -12.25
OH CME C 63 28.09 13.61 -11.10
C CME C 63 24.66 10.23 -17.31
O CME C 63 24.00 10.45 -16.28
N ARG C 64 24.11 10.12 -18.51
CA ARG C 64 22.65 10.30 -18.66
C ARG C 64 21.97 8.94 -18.56
N PHE C 65 22.73 7.86 -18.76
CA PHE C 65 22.27 6.47 -18.47
C PHE C 65 22.10 6.29 -16.96
N ILE C 66 23.10 6.74 -16.22
CA ILE C 66 23.10 6.56 -14.74
C ILE C 66 21.90 7.32 -14.18
N MET C 67 21.66 8.57 -14.58
CA MET C 67 20.64 9.42 -13.90
C MET C 67 19.23 8.95 -14.28
N SER C 68 19.09 8.30 -15.42
CA SER C 68 17.80 7.69 -15.86
C SER C 68 17.52 6.47 -14.99
N VAL C 69 18.54 5.65 -14.72
CA VAL C 69 18.44 4.43 -13.88
C VAL C 69 18.09 4.84 -12.45
N LYS C 70 18.83 5.80 -11.89
CA LYS C 70 18.55 6.40 -10.56
C LYS C 70 17.08 6.78 -10.48
N LYS C 71 16.60 7.43 -11.55
CA LYS C 71 15.26 8.05 -11.67
C LYS C 71 14.22 6.95 -11.53
N ASN C 72 14.61 5.71 -11.84
CA ASN C 72 13.68 4.55 -11.96
C ASN C 72 13.85 3.58 -10.78
N TYR C 73 14.74 3.85 -9.83
CA TYR C 73 14.74 3.22 -8.49
C TYR C 73 13.74 3.98 -7.61
N ARG C 74 12.93 3.24 -6.85
CA ARG C 74 11.89 3.81 -5.97
C ARG C 74 12.44 4.04 -4.57
N ARG C 75 11.66 4.79 -3.78
CA ARG C 75 11.98 5.18 -2.39
C ARG C 75 11.47 4.07 -1.49
N VAL C 76 12.29 3.03 -1.41
CA VAL C 76 12.05 1.84 -0.55
C VAL C 76 13.24 1.71 0.39
N PRO C 77 13.11 0.96 1.49
CA PRO C 77 14.14 0.88 2.51
C PRO C 77 15.44 0.16 2.09
N TYR C 78 15.32 -0.95 1.34
CA TYR C 78 16.45 -1.82 0.94
C TYR C 78 16.64 -1.75 -0.58
N HIS C 79 15.68 -2.24 -1.35
CA HIS C 79 15.83 -2.50 -2.80
C HIS C 79 15.79 -1.16 -3.52
N ASN C 80 16.76 -0.29 -3.21
CA ASN C 80 16.75 1.14 -3.60
C ASN C 80 17.99 1.41 -4.44
N TRP C 81 18.21 2.68 -4.77
CA TRP C 81 19.33 3.16 -5.60
C TRP C 81 20.66 2.77 -4.96
N LYS C 82 20.77 2.90 -3.65
CA LYS C 82 22.03 2.68 -2.89
C LYS C 82 22.41 1.20 -2.97
N HIS C 83 21.40 0.31 -2.95
CA HIS C 83 21.57 -1.17 -3.10
C HIS C 83 22.24 -1.42 -4.45
N ALA C 84 21.75 -0.77 -5.50
CA ALA C 84 22.24 -0.89 -6.90
C ALA C 84 23.73 -0.62 -6.90
N VAL C 85 24.14 0.52 -6.36
CA VAL C 85 25.57 0.94 -6.41
C VAL C 85 26.40 0.05 -5.49
N THR C 86 25.89 -0.30 -4.31
CA THR C 86 26.55 -1.23 -3.34
C THR C 86 26.85 -2.58 -4.00
N VAL C 87 25.96 -3.06 -4.88
CA VAL C 87 26.15 -4.32 -5.64
C VAL C 87 27.16 -4.09 -6.78
N ALA C 88 27.08 -2.99 -7.52
CA ALA C 88 28.07 -2.68 -8.60
C ALA C 88 29.46 -2.71 -7.98
N HIS C 89 29.59 -2.24 -6.75
CA HIS C 89 30.90 -2.14 -6.08
C HIS C 89 31.43 -3.56 -5.78
N CYS C 90 30.63 -4.41 -5.18
CA CYS C 90 31.06 -5.81 -4.94
C CYS C 90 31.65 -6.36 -6.24
N MET C 91 30.91 -6.21 -7.36
CA MET C 91 31.31 -6.71 -8.70
C MET C 91 32.63 -6.06 -9.10
N TYR C 92 32.83 -4.77 -8.79
CA TYR C 92 34.11 -4.05 -9.01
C TYR C 92 35.24 -4.74 -8.24
N ALA C 93 35.08 -4.93 -6.93
CA ALA C 93 36.04 -5.69 -6.08
C ALA C 93 36.38 -7.02 -6.77
N ILE C 94 35.39 -7.70 -7.32
CA ILE C 94 35.57 -9.08 -7.88
C ILE C 94 36.34 -8.98 -9.19
N LEU C 95 35.98 -8.03 -10.07
CA LEU C 95 36.65 -7.80 -11.38
C LEU C 95 38.10 -7.37 -11.16
N GLN C 96 38.40 -6.63 -10.08
CA GLN C 96 39.74 -6.03 -9.86
C GLN C 96 40.71 -7.06 -9.30
N ASN C 97 40.25 -8.03 -8.51
CA ASN C 97 41.09 -9.09 -7.93
C ASN C 97 41.13 -10.33 -8.85
N ASN C 98 40.38 -10.31 -9.96
CA ASN C 98 40.26 -11.46 -10.90
C ASN C 98 40.28 -10.89 -12.32
N HIS C 99 41.17 -9.94 -12.60
CA HIS C 99 41.11 -9.06 -13.81
C HIS C 99 41.41 -9.86 -15.08
N THR C 100 42.08 -11.01 -14.96
CA THR C 100 42.55 -11.85 -16.10
C THR C 100 41.39 -12.68 -16.68
N LEU C 101 40.49 -13.20 -15.83
CA LEU C 101 39.51 -14.28 -16.20
C LEU C 101 38.38 -13.75 -17.08
N PHE C 102 38.15 -12.44 -17.14
CA PHE C 102 36.96 -11.87 -17.82
C PHE C 102 37.38 -11.06 -19.04
N THR C 103 36.48 -11.03 -20.02
CA THR C 103 36.63 -10.34 -21.33
C THR C 103 36.14 -8.89 -21.16
N ASP C 104 36.47 -8.01 -22.11
CA ASP C 104 36.03 -6.58 -22.11
C ASP C 104 34.50 -6.55 -22.02
N LEU C 105 33.83 -7.19 -22.99
CA LEU C 105 32.34 -7.28 -23.08
C LEU C 105 31.73 -7.64 -21.72
N GLU C 106 32.28 -8.63 -21.02
CA GLU C 106 31.77 -9.08 -19.71
C GLU C 106 31.95 -7.97 -18.67
N ARG C 107 33.09 -7.28 -18.69
CA ARG C 107 33.44 -6.24 -17.69
C ARG C 107 32.45 -5.07 -17.78
N LYS C 108 32.25 -4.53 -19.00
CA LYS C 108 31.19 -3.54 -19.34
C LYS C 108 29.81 -4.02 -18.86
N GLY C 109 29.37 -5.20 -19.32
CA GLY C 109 28.01 -5.74 -19.09
C GLY C 109 27.70 -5.96 -17.63
N LEU C 110 28.66 -6.44 -16.84
CA LEU C 110 28.41 -6.89 -15.44
C LEU C 110 28.19 -5.69 -14.52
N LEU C 111 28.99 -4.63 -14.66
CA LEU C 111 28.89 -3.40 -13.82
C LEU C 111 27.56 -2.68 -14.07
N ILE C 112 27.13 -2.63 -15.33
CA ILE C 112 25.79 -2.14 -15.80
C ILE C 112 24.66 -3.06 -15.29
N ALA C 113 24.78 -4.37 -15.50
CA ALA C 113 23.83 -5.38 -14.98
C ALA C 113 23.55 -5.14 -13.49
N CYS C 114 24.59 -5.02 -12.67
CA CYS C 114 24.50 -4.82 -11.20
C CYS C 114 23.78 -3.50 -10.88
N LEU C 115 24.07 -2.46 -11.65
CA LEU C 115 23.44 -1.12 -11.44
C LEU C 115 21.96 -1.21 -11.80
N CYS C 116 21.60 -2.05 -12.77
CA CYS C 116 20.22 -2.12 -13.31
C CYS C 116 19.44 -3.28 -12.69
N HIS C 117 20.02 -4.13 -11.83
CA HIS C 117 19.50 -5.48 -11.51
C HIS C 117 18.20 -5.45 -10.70
N ASP C 118 17.92 -4.37 -9.94
CA ASP C 118 16.64 -4.21 -9.20
C ASP C 118 15.90 -2.96 -9.71
N LEU C 119 16.02 -2.65 -11.00
CA LEU C 119 15.32 -1.50 -11.63
C LEU C 119 13.82 -1.62 -11.37
N ASP C 120 13.22 -0.56 -10.80
CA ASP C 120 11.78 -0.35 -10.57
C ASP C 120 11.24 -1.31 -9.50
N HIS C 121 12.10 -1.78 -8.60
CA HIS C 121 11.65 -2.71 -7.54
C HIS C 121 10.68 -1.96 -6.62
N ARG C 122 9.57 -2.61 -6.25
CA ARG C 122 8.48 -1.97 -5.45
CA ARG C 122 8.44 -2.02 -5.47
C ARG C 122 8.55 -2.47 -4.01
N GLY C 123 9.60 -3.24 -3.66
CA GLY C 123 9.86 -3.81 -2.31
C GLY C 123 9.12 -5.12 -2.02
N PHE C 124 8.62 -5.85 -3.04
CA PHE C 124 7.79 -7.06 -2.90
C PHE C 124 8.46 -8.23 -3.64
N SER C 125 8.31 -9.43 -3.09
CA SER C 125 8.88 -10.69 -3.63
C SER C 125 8.08 -11.19 -4.83
N ASN C 126 8.66 -12.14 -5.56
CA ASN C 126 7.97 -12.87 -6.66
C ASN C 126 6.73 -13.58 -6.10
N SER C 127 6.80 -14.15 -4.89
CA SER C 127 5.62 -14.78 -4.23
C SER C 127 4.46 -13.77 -4.19
N TYR C 128 4.70 -12.61 -3.59
CA TYR C 128 3.62 -11.63 -3.32
C TYR C 128 2.99 -11.19 -4.66
N LEU C 129 3.78 -10.88 -5.69
CA LEU C 129 3.21 -10.53 -7.03
C LEU C 129 2.41 -11.72 -7.57
N GLN C 130 2.82 -12.95 -7.27
CA GLN C 130 2.06 -14.14 -7.76
C GLN C 130 0.75 -14.25 -6.97
N LYS C 131 0.82 -14.25 -5.64
CA LYS C 131 -0.37 -14.40 -4.77
C LYS C 131 -1.29 -13.17 -4.93
N PHE C 132 -0.74 -12.02 -5.32
CA PHE C 132 -1.51 -10.77 -5.52
C PHE C 132 -2.23 -10.85 -6.86
N ASP C 133 -1.72 -11.73 -7.73
CA ASP C 133 -2.09 -11.85 -9.16
C ASP C 133 -1.81 -10.51 -9.85
N HIS C 134 -0.64 -9.92 -9.61
CA HIS C 134 -0.14 -8.70 -10.33
C HIS C 134 -0.01 -9.01 -11.82
N PRO C 135 -0.34 -8.04 -12.70
CA PRO C 135 -0.18 -8.19 -14.15
C PRO C 135 1.20 -8.69 -14.61
N LEU C 136 2.28 -8.19 -13.99
CA LEU C 136 3.69 -8.61 -14.26
C LEU C 136 3.83 -10.12 -14.06
N ALA C 137 3.04 -10.71 -13.17
CA ALA C 137 3.03 -12.17 -12.88
C ALA C 137 2.40 -12.94 -14.06
N ALA C 138 1.44 -12.37 -14.79
CA ALA C 138 0.86 -13.00 -16.01
C ALA C 138 1.86 -12.92 -17.17
N LEU C 139 2.56 -11.80 -17.30
CA LEU C 139 3.57 -11.51 -18.35
C LEU C 139 4.83 -12.38 -18.17
N TYR C 140 5.29 -12.61 -16.93
CA TYR C 140 6.58 -13.29 -16.64
C TYR C 140 6.39 -14.33 -15.53
N SER C 141 6.00 -15.55 -15.87
CA SER C 141 5.40 -16.49 -14.89
C SER C 141 6.47 -16.93 -13.87
N THR C 142 7.74 -16.91 -14.27
CA THR C 142 8.91 -17.20 -13.39
C THR C 142 9.88 -16.00 -13.40
N SER C 143 10.72 -15.89 -12.36
CA SER C 143 11.68 -14.78 -12.18
C SER C 143 11.01 -13.42 -12.51
N THR C 144 9.73 -13.26 -12.17
CA THR C 144 8.80 -12.14 -12.54
C THR C 144 9.45 -10.75 -12.44
N MET C 145 9.92 -10.36 -11.26
CA MET C 145 10.61 -9.06 -11.05
C MET C 145 11.88 -9.03 -11.91
N GLU C 146 12.64 -10.13 -11.94
CA GLU C 146 14.00 -10.16 -12.53
C GLU C 146 13.87 -9.95 -14.05
N GLN C 147 12.83 -10.52 -14.65
CA GLN C 147 12.53 -10.28 -16.07
C GLN C 147 11.99 -8.85 -16.27
N HIS C 148 11.31 -8.25 -15.29
CA HIS C 148 10.95 -6.80 -15.31
C HIS C 148 12.22 -5.93 -15.22
N HIS C 149 13.20 -6.27 -14.37
CA HIS C 149 14.41 -5.43 -14.16
C HIS C 149 15.16 -5.35 -15.49
N PHE C 150 15.35 -6.50 -16.14
CA PHE C 150 16.01 -6.57 -17.46
C PHE C 150 15.21 -5.71 -18.46
N SER C 151 13.90 -6.01 -18.56
CA SER C 151 12.92 -5.27 -19.39
C SER C 151 13.09 -3.76 -19.23
N GLN C 152 13.03 -3.28 -17.98
CA GLN C 152 13.23 -1.86 -17.61
C GLN C 152 14.59 -1.36 -18.08
N THR C 153 15.65 -2.18 -18.00
CA THR C 153 17.00 -1.80 -18.48
C THR C 153 16.93 -1.48 -19.97
N VAL C 154 16.32 -2.39 -20.75
CA VAL C 154 16.21 -2.26 -22.24
C VAL C 154 15.48 -0.94 -22.55
N SER C 155 14.38 -0.66 -21.86
CA SER C 155 13.62 0.62 -21.99
C SER C 155 14.56 1.83 -21.92
N ILE C 156 15.51 1.83 -20.97
CA ILE C 156 16.42 2.99 -20.73
C ILE C 156 17.44 3.05 -21.85
N LEU C 157 17.94 1.90 -22.32
CA LEU C 157 19.00 1.86 -23.37
C LEU C 157 18.46 2.42 -24.69
N GLN C 158 17.13 2.36 -24.89
CA GLN C 158 16.44 2.80 -26.14
C GLN C 158 15.98 4.25 -26.04
N LEU C 159 16.17 4.92 -24.90
CA LEU C 159 15.96 6.40 -24.80
C LEU C 159 17.04 7.07 -25.64
N GLU C 160 16.68 8.17 -26.31
CA GLU C 160 17.63 9.00 -27.09
C GLU C 160 18.74 9.47 -26.16
N GLY C 161 20.00 9.31 -26.58
CA GLY C 161 21.20 9.69 -25.81
C GLY C 161 21.66 8.62 -24.82
N HIS C 162 20.89 7.53 -24.63
CA HIS C 162 21.16 6.52 -23.56
C HIS C 162 21.86 5.26 -24.10
N ASN C 163 21.98 5.06 -25.42
CA ASN C 163 22.61 3.81 -25.92
C ASN C 163 24.14 3.86 -25.72
N ILE C 164 24.59 3.49 -24.51
CA ILE C 164 26.03 3.49 -24.08
C ILE C 164 26.82 2.41 -24.83
N PHE C 165 26.13 1.55 -25.58
CA PHE C 165 26.75 0.46 -26.38
C PHE C 165 26.57 0.77 -27.87
N SER C 166 26.67 2.05 -28.25
CA SER C 166 26.54 2.52 -29.66
C SER C 166 27.74 2.01 -30.49
N THR C 167 28.98 2.21 -30.01
CA THR C 167 30.26 1.84 -30.71
C THR C 167 30.34 0.33 -30.98
N LEU C 168 29.66 -0.50 -30.18
CA LEU C 168 29.64 -1.97 -30.39
C LEU C 168 29.00 -2.27 -31.75
N SER C 169 29.44 -3.35 -32.39
CA SER C 169 28.81 -3.97 -33.59
C SER C 169 27.52 -4.69 -33.16
N SER C 170 26.57 -4.88 -34.08
CA SER C 170 25.28 -5.58 -33.81
C SER C 170 25.51 -6.94 -33.12
N SER C 171 26.59 -7.68 -33.43
CA SER C 171 26.91 -9.01 -32.83
C SER C 171 27.32 -8.83 -31.36
N GLU C 172 28.34 -8.00 -31.13
CA GLU C 172 28.84 -7.62 -29.78
C GLU C 172 27.70 -7.01 -28.95
N TYR C 173 26.84 -6.20 -29.56
CA TYR C 173 25.66 -5.60 -28.87
C TYR C 173 24.77 -6.74 -28.39
N GLU C 174 24.43 -7.67 -29.27
CA GLU C 174 23.55 -8.82 -28.92
C GLU C 174 24.19 -9.60 -27.77
N GLN C 175 25.53 -9.76 -27.78
CA GLN C 175 26.28 -10.49 -26.71
C GLN C 175 26.11 -9.76 -25.38
N VAL C 176 26.57 -8.52 -25.26
CA VAL C 176 26.55 -7.78 -23.97
C VAL C 176 25.13 -7.80 -23.38
N LEU C 177 24.09 -7.64 -24.20
CA LEU C 177 22.69 -7.59 -23.68
C LEU C 177 22.37 -8.96 -23.09
N GLU C 178 22.84 -10.01 -23.75
CA GLU C 178 22.66 -11.42 -23.34
C GLU C 178 23.42 -11.65 -22.01
N ILE C 179 24.68 -11.25 -21.93
CA ILE C 179 25.43 -11.22 -20.63
C ILE C 179 24.54 -10.56 -19.58
N ILE C 180 24.00 -9.37 -19.87
CA ILE C 180 23.25 -8.54 -18.89
C ILE C 180 21.96 -9.26 -18.51
N ARG C 181 21.25 -9.81 -19.49
CA ARG C 181 19.95 -10.48 -19.25
C ARG C 181 20.15 -11.60 -18.24
N LYS C 182 21.09 -12.50 -18.52
CA LYS C 182 21.34 -13.72 -17.72
C LYS C 182 21.89 -13.31 -16.37
N ALA C 183 22.65 -12.22 -16.31
CA ALA C 183 23.22 -11.68 -15.07
C ALA C 183 22.05 -11.26 -14.17
N ILE C 184 21.07 -10.51 -14.70
CA ILE C 184 19.87 -10.01 -13.95
C ILE C 184 18.93 -11.18 -13.57
N ILE C 185 18.67 -12.11 -14.48
CA ILE C 185 17.82 -13.33 -14.21
C ILE C 185 18.44 -14.13 -13.06
N ALA C 186 19.78 -14.25 -13.01
CA ALA C 186 20.49 -15.01 -11.95
C ALA C 186 20.21 -14.46 -10.56
N THR C 187 19.91 -13.16 -10.41
CA THR C 187 19.68 -12.53 -9.08
C THR C 187 18.39 -13.08 -8.48
N ASP C 188 17.61 -13.87 -9.23
CA ASP C 188 16.45 -14.59 -8.66
C ASP C 188 17.00 -15.63 -7.68
N LEU C 189 16.77 -15.49 -6.37
CA LEU C 189 17.39 -16.42 -5.39
C LEU C 189 16.83 -17.83 -5.61
N ALA C 190 15.62 -17.95 -6.16
CA ALA C 190 14.96 -19.27 -6.42
C ALA C 190 15.82 -20.10 -7.37
N LEU C 191 16.62 -19.43 -8.22
CA LEU C 191 17.50 -20.04 -9.26
C LEU C 191 18.93 -20.18 -8.75
N TYR C 192 19.28 -19.50 -7.67
CA TYR C 192 20.62 -19.62 -7.03
C TYR C 192 20.93 -21.05 -6.60
N PHE C 193 19.95 -21.78 -6.07
CA PHE C 193 20.14 -23.06 -5.33
C PHE C 193 20.63 -24.13 -6.31
N GLY C 194 19.86 -24.32 -7.39
CA GLY C 194 20.21 -25.16 -8.56
C GLY C 194 21.55 -24.80 -9.20
N ASN C 195 21.85 -23.51 -9.35
CA ASN C 195 23.06 -23.03 -10.06
C ASN C 195 24.28 -23.45 -9.26
N ARG C 196 24.31 -23.09 -7.98
CA ARG C 196 25.46 -23.35 -7.08
C ARG C 196 25.71 -24.86 -6.95
N LYS C 197 24.67 -25.67 -6.88
CA LYS C 197 24.79 -27.15 -6.76
C LYS C 197 25.50 -27.70 -8.00
N GLN C 198 25.04 -27.30 -9.20
CA GLN C 198 25.67 -27.66 -10.50
C GLN C 198 27.11 -27.17 -10.52
N LEU C 199 27.36 -25.92 -10.14
CA LEU C 199 28.73 -25.34 -10.11
C LEU C 199 29.60 -26.15 -9.15
N GLU C 200 29.07 -26.51 -7.97
CA GLU C 200 29.84 -27.22 -6.90
C GLU C 200 30.28 -28.58 -7.44
N GLU C 201 29.40 -29.30 -8.10
CA GLU C 201 29.70 -30.59 -8.78
C GLU C 201 30.79 -30.39 -9.85
N MET C 202 30.70 -29.36 -10.68
CA MET C 202 31.66 -29.20 -11.81
C MET C 202 33.04 -28.89 -11.22
N TYR C 203 33.12 -28.05 -10.20
CA TYR C 203 34.40 -27.70 -9.53
C TYR C 203 35.03 -28.97 -8.92
N GLN C 204 34.27 -29.73 -8.13
CA GLN C 204 34.80 -30.87 -7.33
C GLN C 204 35.20 -32.03 -8.24
N THR C 205 34.44 -32.33 -9.31
CA THR C 205 34.79 -33.41 -10.25
C THR C 205 35.95 -32.93 -11.15
N GLY C 206 36.20 -31.62 -11.22
CA GLY C 206 37.30 -31.03 -12.01
C GLY C 206 36.90 -30.81 -13.47
N SER C 207 35.61 -30.83 -13.78
CA SER C 207 35.06 -30.65 -15.14
C SER C 207 34.86 -29.16 -15.44
N LEU C 208 34.87 -28.31 -14.42
CA LEU C 208 34.60 -26.85 -14.56
C LEU C 208 35.65 -26.27 -15.50
N ASN C 209 35.21 -25.51 -16.51
CA ASN C 209 36.05 -25.11 -17.67
C ASN C 209 35.62 -23.71 -18.12
N LEU C 210 36.41 -22.67 -17.83
CA LEU C 210 36.02 -21.26 -18.11
C LEU C 210 35.98 -20.99 -19.63
N ASN C 211 36.52 -21.89 -20.47
CA ASN C 211 36.42 -21.78 -21.95
C ASN C 211 35.06 -22.30 -22.44
N ASN C 212 34.28 -23.00 -21.61
CA ASN C 212 32.89 -23.40 -21.97
C ASN C 212 31.95 -22.24 -21.57
N GLN C 213 31.14 -21.73 -22.51
CA GLN C 213 30.29 -20.52 -22.29
C GLN C 213 29.16 -20.81 -21.29
N SER C 214 28.61 -22.03 -21.24
CA SER C 214 27.52 -22.38 -20.29
C SER C 214 28.07 -22.54 -18.86
N HIS C 215 29.39 -22.71 -18.71
CA HIS C 215 30.10 -22.74 -17.41
C HIS C 215 30.36 -21.31 -16.95
N ARG C 216 30.77 -20.44 -17.87
CA ARG C 216 30.97 -18.99 -17.61
C ARG C 216 29.65 -18.36 -17.17
N ASP C 217 28.55 -18.75 -17.79
CA ASP C 217 27.20 -18.22 -17.48
C ASP C 217 26.83 -18.61 -16.06
N ARG C 218 27.10 -19.86 -15.67
CA ARG C 218 26.86 -20.32 -14.27
C ARG C 218 27.71 -19.48 -13.33
N VAL C 219 29.02 -19.40 -13.56
CA VAL C 219 30.04 -18.72 -12.69
C VAL C 219 29.62 -17.26 -12.47
N ILE C 220 29.19 -16.59 -13.54
CA ILE C 220 28.71 -15.18 -13.47
C ILE C 220 27.42 -15.15 -12.63
N GLY C 221 26.54 -16.14 -12.82
CA GLY C 221 25.36 -16.34 -11.95
C GLY C 221 25.74 -16.31 -10.48
N LEU C 222 26.75 -17.09 -10.09
CA LEU C 222 27.21 -17.13 -8.68
C LEU C 222 27.78 -15.76 -8.25
N MET C 223 28.53 -15.07 -9.12
CA MET C 223 29.07 -13.72 -8.83
C MET C 223 27.92 -12.73 -8.57
N MET C 224 26.86 -12.77 -9.36
CA MET C 224 25.68 -11.88 -9.17
C MET C 224 25.03 -12.17 -7.81
N THR C 225 24.82 -13.44 -7.48
CA THR C 225 24.18 -13.80 -6.19
C THR C 225 25.05 -13.20 -5.09
N ALA C 226 26.36 -13.38 -5.22
CA ALA C 226 27.39 -13.00 -4.22
C ALA C 226 27.34 -11.48 -4.00
N CYS C 227 27.33 -10.72 -5.10
CA CYS C 227 27.28 -9.23 -5.10
C CYS C 227 25.96 -8.75 -4.53
N ASP C 228 24.86 -9.38 -4.94
CA ASP C 228 23.49 -9.04 -4.48
C ASP C 228 23.37 -9.18 -2.96
N LEU C 229 24.00 -10.21 -2.37
CA LEU C 229 23.81 -10.55 -0.94
C LEU C 229 24.94 -9.90 -0.12
N CYS C 230 25.75 -9.03 -0.73
CA CYS C 230 27.04 -8.61 -0.15
C CYS C 230 26.83 -7.78 1.12
N SER C 231 25.61 -7.34 1.41
CA SER C 231 25.30 -6.64 2.68
C SER C 231 25.65 -7.54 3.87
N VAL C 232 25.65 -8.87 3.68
CA VAL C 232 25.98 -9.88 4.73
C VAL C 232 27.50 -9.91 4.97
N THR C 233 28.29 -9.33 4.05
CA THR C 233 29.77 -9.43 4.00
C THR C 233 30.43 -8.12 4.45
N LYS C 234 29.66 -7.16 4.95
CA LYS C 234 30.19 -5.87 5.46
C LYS C 234 30.63 -6.05 6.92
N LEU C 235 31.24 -5.01 7.51
CA LEU C 235 31.58 -4.99 8.95
C LEU C 235 30.27 -4.98 9.71
N TRP C 236 30.26 -5.48 10.96
CA TRP C 236 29.02 -5.80 11.71
C TRP C 236 28.13 -4.55 11.85
N PRO C 237 28.66 -3.37 12.15
CA PRO C 237 27.83 -2.19 12.30
C PRO C 237 27.09 -1.83 11.00
N VAL C 238 27.70 -2.06 9.82
CA VAL C 238 27.02 -1.82 8.52
C VAL C 238 25.98 -2.91 8.29
N THR C 239 26.31 -4.19 8.53
CA THR C 239 25.45 -5.35 8.23
C THR C 239 24.20 -5.33 9.10
N LYS C 240 24.37 -5.05 10.40
CA LYS C 240 23.29 -4.97 11.41
C LYS C 240 22.29 -3.87 11.05
N LEU C 241 22.75 -2.69 10.62
CA LEU C 241 21.85 -1.59 10.19
C LEU C 241 21.16 -2.00 8.89
N THR C 242 21.89 -2.60 7.95
CA THR C 242 21.29 -3.00 6.65
C THR C 242 20.26 -4.10 6.89
N ALA C 243 20.36 -4.84 8.01
CA ALA C 243 19.38 -5.89 8.38
C ALA C 243 18.04 -5.22 8.68
N ASN C 244 18.06 -4.07 9.38
CA ASN C 244 16.85 -3.28 9.70
C ASN C 244 16.12 -2.86 8.42
N ASP C 245 16.87 -2.63 7.34
CA ASP C 245 16.32 -2.12 6.05
C ASP C 245 15.63 -3.27 5.33
N ILE C 246 16.24 -4.46 5.29
CA ILE C 246 15.61 -5.66 4.64
C ILE C 246 14.34 -6.04 5.40
N TYR C 247 14.38 -6.07 6.74
CA TYR C 247 13.23 -6.47 7.58
C TYR C 247 12.07 -5.47 7.43
N ALA C 248 12.36 -4.16 7.34
CA ALA C 248 11.29 -3.15 7.08
C ALA C 248 10.51 -3.57 5.83
N GLU C 249 11.20 -4.01 4.78
CA GLU C 249 10.56 -4.44 3.52
C GLU C 249 9.77 -5.73 3.74
N PHE C 250 10.41 -6.72 4.35
CA PHE C 250 9.76 -8.00 4.75
C PHE C 250 8.46 -7.71 5.51
N TRP C 251 8.53 -6.94 6.60
CA TRP C 251 7.36 -6.74 7.49
C TRP C 251 6.25 -6.01 6.72
N ALA C 252 6.59 -5.07 5.84
CA ALA C 252 5.62 -4.47 4.90
C ALA C 252 5.01 -5.57 4.05
N GLU C 253 5.82 -6.45 3.46
CA GLU C 253 5.31 -7.53 2.59
C GLU C 253 4.36 -8.43 3.41
N GLY C 254 4.74 -8.74 4.65
CA GLY C 254 3.95 -9.60 5.54
C GLY C 254 2.59 -8.99 5.82
N ASP C 255 2.57 -7.71 6.20
CA ASP C 255 1.31 -6.92 6.37
C ASP C 255 0.45 -7.10 5.13
N GLU C 256 1.03 -7.10 3.93
CA GLU C 256 0.23 -7.11 2.69
C GLU C 256 -0.25 -8.54 2.43
N MET C 257 0.52 -9.54 2.84
CA MET C 257 0.09 -10.96 2.81
C MET C 257 -1.16 -11.06 3.68
N LYS C 258 -1.12 -10.44 4.85
CA LYS C 258 -2.20 -10.43 5.86
C LYS C 258 -3.47 -9.79 5.29
N LYS C 259 -3.33 -8.82 4.38
CA LYS C 259 -4.47 -8.12 3.72
C LYS C 259 -5.01 -8.94 2.55
N LEU C 260 -4.23 -9.92 2.09
CA LEU C 260 -4.69 -10.91 1.08
C LEU C 260 -5.31 -12.10 1.82
N GLY C 261 -5.32 -12.08 3.14
CA GLY C 261 -5.91 -13.16 3.94
C GLY C 261 -5.09 -14.43 3.81
N ILE C 262 -3.76 -14.29 3.88
CA ILE C 262 -2.76 -15.38 3.82
C ILE C 262 -1.80 -15.13 4.97
N GLN C 263 -1.60 -16.09 5.86
CA GLN C 263 -0.63 -15.92 6.96
C GLN C 263 0.75 -15.81 6.32
N PRO C 264 1.55 -14.79 6.66
CA PRO C 264 2.88 -14.66 6.09
C PRO C 264 3.84 -15.61 6.80
N ILE C 265 4.92 -15.99 6.11
CA ILE C 265 6.00 -16.83 6.70
C ILE C 265 6.63 -16.03 7.83
N PRO C 266 7.14 -16.69 8.90
CA PRO C 266 7.63 -15.99 10.10
C PRO C 266 8.59 -14.81 9.89
N MET C 267 9.41 -14.89 8.85
CA MET C 267 10.46 -13.90 8.49
C MET C 267 9.82 -12.53 8.25
N MET C 268 8.60 -12.50 7.71
CA MET C 268 7.90 -11.27 7.22
C MET C 268 6.73 -10.89 8.15
N ASP C 269 6.61 -11.51 9.32
CA ASP C 269 5.59 -11.21 10.35
C ASP C 269 6.21 -10.32 11.42
N ARG C 270 5.72 -9.08 11.60
CA ARG C 270 6.39 -8.09 12.49
C ARG C 270 6.06 -8.42 13.95
N ASP C 271 5.08 -9.28 14.18
CA ASP C 271 4.77 -9.81 15.53
C ASP C 271 5.96 -10.63 16.04
N LYS C 272 6.74 -11.27 15.15
CA LYS C 272 7.77 -12.29 15.49
C LYS C 272 9.20 -11.76 15.30
N LYS C 273 9.49 -10.53 15.75
CA LYS C 273 10.85 -9.92 15.66
C LYS C 273 11.83 -10.62 16.62
N ASP C 274 11.32 -11.42 17.56
CA ASP C 274 12.14 -12.18 18.55
C ASP C 274 12.80 -13.39 17.85
N GLU C 275 12.20 -13.92 16.77
CA GLU C 275 12.66 -15.10 15.99
C GLU C 275 13.67 -14.70 14.89
N VAL C 276 13.98 -13.41 14.74
CA VAL C 276 14.89 -12.87 13.68
C VAL C 276 16.31 -13.42 13.88
N PRO C 277 16.96 -13.26 15.06
CA PRO C 277 18.29 -13.83 15.30
C PRO C 277 18.46 -15.28 14.79
N GLN C 278 17.53 -16.15 15.18
CA GLN C 278 17.51 -17.57 14.74
C GLN C 278 17.34 -17.63 13.21
N GLY C 279 16.49 -16.74 12.69
CA GLY C 279 16.18 -16.62 11.25
C GLY C 279 17.39 -16.20 10.43
N GLN C 280 18.29 -15.42 11.01
CA GLN C 280 19.51 -14.96 10.30
C GLN C 280 20.51 -16.12 10.22
N LEU C 281 20.71 -16.89 11.31
CA LEU C 281 21.54 -18.15 11.26
C LEU C 281 21.04 -19.02 10.12
N GLY C 282 19.73 -19.27 10.09
CA GLY C 282 19.10 -20.14 9.06
C GLY C 282 19.48 -19.70 7.65
N PHE C 283 19.65 -18.39 7.45
CA PHE C 283 19.98 -17.76 6.15
C PHE C 283 21.48 -17.92 5.84
N TYR C 284 22.35 -17.58 6.80
CA TYR C 284 23.82 -17.65 6.62
C TYR C 284 24.23 -19.10 6.30
N ASN C 285 23.67 -20.07 7.01
CA ASN C 285 23.95 -21.52 6.82
C ASN C 285 23.37 -22.02 5.50
N ALA C 286 22.15 -21.61 5.15
CA ALA C 286 21.37 -22.14 4.01
C ALA C 286 21.79 -21.45 2.69
N VAL C 287 22.29 -20.22 2.75
CA VAL C 287 22.34 -19.32 1.57
C VAL C 287 23.71 -18.64 1.50
N ALA C 288 24.01 -17.77 2.45
CA ALA C 288 25.19 -16.89 2.37
C ALA C 288 26.45 -17.77 2.34
N ILE C 289 26.68 -18.63 3.34
CA ILE C 289 27.99 -19.34 3.49
C ILE C 289 28.23 -20.24 2.28
N PRO C 290 27.32 -21.16 1.90
CA PRO C 290 27.51 -21.94 0.68
C PRO C 290 27.91 -21.11 -0.56
N CYS C 291 27.30 -19.94 -0.71
CA CYS C 291 27.43 -19.06 -1.90
C CYS C 291 28.86 -18.52 -1.97
N TYR C 292 29.34 -17.96 -0.88
CA TYR C 292 30.70 -17.39 -0.70
C TYR C 292 31.74 -18.52 -0.61
N THR C 293 31.32 -19.73 -0.27
CA THR C 293 32.19 -20.92 -0.09
C THR C 293 32.57 -21.40 -1.49
N THR C 294 31.58 -21.59 -2.36
CA THR C 294 31.77 -22.07 -3.75
C THR C 294 32.46 -20.98 -4.59
N LEU C 295 32.11 -19.71 -4.36
CA LEU C 295 32.73 -18.57 -5.09
C LEU C 295 34.23 -18.57 -4.81
N THR C 296 34.60 -18.76 -3.55
CA THR C 296 36.01 -18.75 -3.09
C THR C 296 36.73 -19.96 -3.67
N GLN C 297 36.02 -21.08 -3.86
CA GLN C 297 36.59 -22.27 -4.52
C GLN C 297 36.94 -21.90 -5.95
N ILE C 298 36.03 -21.28 -6.68
CA ILE C 298 36.21 -21.03 -8.14
C ILE C 298 37.15 -19.83 -8.36
N LEU C 299 36.99 -18.77 -7.56
CA LEU C 299 37.73 -17.48 -7.62
C LEU C 299 38.30 -17.20 -6.23
N PRO C 300 39.49 -17.75 -5.90
CA PRO C 300 40.06 -17.66 -4.56
C PRO C 300 40.36 -16.26 -4.02
N PRO C 301 40.64 -15.25 -4.85
CA PRO C 301 40.78 -13.88 -4.35
C PRO C 301 39.50 -13.29 -3.73
N THR C 302 38.37 -14.00 -3.79
CA THR C 302 37.06 -13.56 -3.21
C THR C 302 36.94 -14.05 -1.77
N GLU C 303 38.03 -14.57 -1.21
CA GLU C 303 38.15 -15.09 0.19
C GLU C 303 37.63 -14.06 1.19
N PRO C 304 38.04 -12.77 1.14
CA PRO C 304 37.56 -11.78 2.11
C PRO C 304 36.04 -11.78 2.28
N LEU C 305 35.28 -12.03 1.21
CA LEU C 305 33.80 -12.07 1.28
C LEU C 305 33.40 -13.20 2.22
N LEU C 306 33.94 -14.40 2.00
CA LEU C 306 33.67 -15.59 2.86
C LEU C 306 34.06 -15.26 4.29
N LYS C 307 35.23 -14.64 4.52
CA LYS C 307 35.77 -14.35 5.87
C LYS C 307 34.80 -13.44 6.64
N ALA C 308 34.30 -12.36 6.01
CA ALA C 308 33.47 -11.31 6.64
C ALA C 308 32.09 -11.90 6.98
N CYS C 309 31.53 -12.65 6.03
CA CYS C 309 30.28 -13.41 6.18
C CYS C 309 30.36 -14.27 7.45
N ARG C 310 31.46 -15.04 7.60
CA ARG C 310 31.64 -15.97 8.75
CA ARG C 310 31.71 -15.96 8.75
C ARG C 310 31.68 -15.15 10.05
N ASP C 311 32.36 -14.01 10.06
CA ASP C 311 32.41 -13.14 11.26
C ASP C 311 31.00 -12.67 11.60
N ASN C 312 30.19 -12.34 10.58
CA ASN C 312 28.78 -11.89 10.77
C ASN C 312 27.94 -13.06 11.30
N LEU C 313 28.19 -14.29 10.83
CA LEU C 313 27.50 -15.50 11.35
C LEU C 313 27.80 -15.66 12.84
N SER C 314 29.03 -15.34 13.23
CA SER C 314 29.55 -15.43 14.62
C SER C 314 28.93 -14.33 15.49
N GLN C 315 28.76 -13.12 14.95
CA GLN C 315 28.08 -11.98 15.63
C GLN C 315 26.61 -12.34 15.92
N TRP C 316 25.90 -12.96 14.98
CA TRP C 316 24.49 -13.41 15.17
C TRP C 316 24.41 -14.50 16.23
N GLU C 317 25.45 -15.33 16.38
CA GLU C 317 25.44 -16.43 17.39
C GLU C 317 25.64 -15.81 18.77
N LYS C 318 26.36 -14.68 18.87
CA LYS C 318 26.47 -13.91 20.13
C LYS C 318 25.08 -13.38 20.48
N VAL C 319 24.45 -12.72 19.52
CA VAL C 319 23.11 -12.08 19.66
C VAL C 319 22.13 -13.11 20.24
N ILE C 320 22.08 -14.33 19.69
CA ILE C 320 21.15 -15.42 20.11
C ILE C 320 21.45 -15.87 21.55
N ARG C 321 22.72 -15.81 21.99
CA ARG C 321 23.10 -16.18 23.39
C ARG C 321 22.88 -14.99 24.33
N GLY C 322 22.49 -13.82 23.83
CA GLY C 322 22.13 -12.64 24.63
C GLY C 322 23.33 -11.77 25.02
N GLU C 323 24.45 -11.84 24.28
CA GLU C 323 25.70 -11.03 24.50
C GLU C 323 25.66 -9.73 23.67
N GLU C 324 24.76 -9.65 22.68
CA GLU C 324 24.34 -8.40 21.98
C GLU C 324 22.99 -8.64 21.28
N LEU D 13 -11.26 -46.83 -27.96
CA LEU D 13 -11.29 -46.28 -29.36
C LEU D 13 -12.72 -45.87 -29.77
N MET D 14 -13.73 -46.51 -29.16
CA MET D 14 -15.17 -46.25 -29.39
C MET D 14 -15.60 -45.04 -28.54
N GLN D 15 -15.58 -43.83 -29.12
CA GLN D 15 -15.84 -42.56 -28.38
C GLN D 15 -17.02 -41.78 -28.95
N PHE D 16 -17.55 -40.87 -28.14
CA PHE D 16 -18.74 -40.07 -28.45
C PHE D 16 -18.31 -38.72 -28.99
N THR D 17 -19.10 -38.20 -29.92
CA THR D 17 -18.97 -36.85 -30.53
C THR D 17 -20.36 -36.22 -30.50
N LEU D 18 -20.47 -34.95 -30.13
CA LEU D 18 -21.78 -34.24 -30.18
C LEU D 18 -21.79 -33.37 -31.45
N PRO D 19 -22.96 -33.01 -32.01
CA PRO D 19 -23.02 -31.98 -33.03
C PRO D 19 -22.23 -30.72 -32.63
N VAL D 20 -21.79 -29.96 -33.64
CA VAL D 20 -20.88 -28.79 -33.46
C VAL D 20 -21.47 -27.82 -32.45
N ARG D 21 -22.75 -27.51 -32.48
CA ARG D 21 -23.30 -26.47 -31.56
C ARG D 21 -23.14 -26.96 -30.11
N LEU D 22 -23.60 -28.18 -29.80
CA LEU D 22 -23.68 -28.67 -28.40
C LEU D 22 -22.26 -28.91 -27.89
N CYS D 23 -21.42 -29.51 -28.74
CA CYS D 23 -19.96 -29.74 -28.50
C CYS D 23 -19.29 -28.44 -28.04
N LYS D 24 -19.56 -27.33 -28.72
CA LYS D 24 -18.96 -26.00 -28.38
C LYS D 24 -19.66 -25.38 -27.16
N GLU D 25 -20.99 -25.49 -27.06
CA GLU D 25 -21.80 -24.79 -26.02
C GLU D 25 -21.77 -25.56 -24.69
N ILE D 26 -21.46 -26.87 -24.72
CA ILE D 26 -21.45 -27.78 -23.53
C ILE D 26 -20.38 -27.29 -22.53
N GLU D 27 -19.37 -26.56 -23.00
CA GLU D 27 -18.25 -26.07 -22.16
C GLU D 27 -18.65 -24.81 -21.39
N LEU D 28 -19.81 -24.21 -21.70
CA LEU D 28 -20.36 -23.00 -21.00
C LEU D 28 -21.25 -23.43 -19.82
N PHE D 29 -21.16 -22.75 -18.68
CA PHE D 29 -21.97 -23.05 -17.47
C PHE D 29 -23.48 -22.96 -17.78
N HIS D 30 -23.92 -22.02 -18.61
CA HIS D 30 -25.38 -21.74 -18.87
C HIS D 30 -25.94 -22.64 -19.98
N PHE D 31 -25.16 -23.60 -20.48
CA PHE D 31 -25.63 -24.61 -21.47
C PHE D 31 -26.91 -25.29 -20.95
N ASP D 32 -27.90 -25.46 -21.85
CA ASP D 32 -29.15 -26.22 -21.59
C ASP D 32 -29.05 -27.49 -22.45
N ILE D 33 -29.30 -28.66 -21.85
CA ILE D 33 -29.05 -30.02 -22.44
C ILE D 33 -30.10 -30.32 -23.52
N GLY D 34 -31.20 -29.55 -23.56
CA GLY D 34 -32.19 -29.61 -24.64
C GLY D 34 -33.42 -30.46 -24.31
N PRO D 35 -34.42 -30.49 -25.22
CA PRO D 35 -35.65 -31.25 -25.02
C PRO D 35 -35.69 -32.67 -25.61
N PHE D 36 -34.55 -33.16 -26.13
CA PHE D 36 -34.39 -34.48 -26.77
C PHE D 36 -33.76 -35.45 -25.76
N GLU D 37 -34.63 -36.13 -25.01
CA GLU D 37 -34.29 -37.15 -23.99
C GLU D 37 -33.20 -38.10 -24.51
N ASN D 38 -33.35 -38.64 -25.70
CA ASN D 38 -32.50 -39.76 -26.20
C ASN D 38 -31.03 -39.34 -26.29
N MET D 39 -30.76 -38.03 -26.24
CA MET D 39 -29.40 -37.48 -26.37
C MET D 39 -28.76 -37.30 -24.98
N TRP D 40 -29.55 -37.33 -23.92
CA TRP D 40 -29.07 -36.98 -22.55
C TRP D 40 -28.05 -38.01 -22.06
N PRO D 41 -28.28 -39.33 -22.24
CA PRO D 41 -27.23 -40.32 -21.97
C PRO D 41 -25.95 -40.16 -22.81
N GLY D 42 -26.11 -39.84 -24.10
CA GLY D 42 -24.97 -39.62 -25.02
C GLY D 42 -24.14 -38.42 -24.60
N ILE D 43 -24.80 -37.39 -24.09
CA ILE D 43 -24.15 -36.15 -23.54
C ILE D 43 -23.47 -36.49 -22.22
N PHE D 44 -24.11 -37.31 -21.38
CA PHE D 44 -23.54 -37.71 -20.08
C PHE D 44 -22.25 -38.49 -20.29
N VAL D 45 -22.23 -39.39 -21.27
CA VAL D 45 -21.08 -40.31 -21.55
C VAL D 45 -19.97 -39.50 -22.23
N TYR D 46 -20.37 -38.60 -23.12
CA TYR D 46 -19.46 -37.56 -23.67
C TYR D 46 -18.74 -36.86 -22.49
N MET D 47 -19.50 -36.34 -21.53
CA MET D 47 -18.92 -35.51 -20.42
C MET D 47 -17.98 -36.35 -19.57
N VAL D 48 -18.30 -37.63 -19.34
CA VAL D 48 -17.50 -38.51 -18.42
C VAL D 48 -16.19 -38.86 -19.13
N HIS D 49 -16.20 -39.06 -20.44
CA HIS D 49 -14.99 -39.34 -21.26
C HIS D 49 -14.05 -38.13 -21.26
N ARG D 50 -14.59 -36.92 -21.45
CA ARG D 50 -13.77 -35.69 -21.47
C ARG D 50 -13.30 -35.35 -20.06
N SER D 51 -14.05 -35.76 -19.04
CA SER D 51 -13.94 -35.22 -17.66
C SER D 51 -12.97 -36.08 -16.85
N CYS D 52 -12.98 -37.38 -17.13
CA CYS D 52 -12.38 -38.46 -16.30
C CYS D 52 -11.27 -39.17 -17.10
N GLY D 53 -11.49 -39.39 -18.39
CA GLY D 53 -10.65 -40.22 -19.28
C GLY D 53 -11.52 -41.27 -19.90
N THR D 54 -11.19 -41.74 -21.10
CA THR D 54 -12.07 -42.68 -21.88
C THR D 54 -12.17 -44.04 -21.17
N SER D 55 -11.21 -44.37 -20.30
CA SER D 55 -10.92 -45.71 -19.74
C SER D 55 -11.32 -45.79 -18.26
N CYS D 56 -11.93 -44.73 -17.72
CA CYS D 56 -12.45 -44.71 -16.33
C CYS D 56 -13.47 -45.84 -16.18
N PHE D 57 -14.41 -45.96 -17.11
CA PHE D 57 -15.53 -46.91 -17.06
C PHE D 57 -15.54 -47.79 -18.31
N GLU D 58 -15.99 -49.03 -18.16
CA GLU D 58 -16.30 -49.96 -19.28
C GLU D 58 -17.69 -49.59 -19.79
N LEU D 59 -17.81 -49.25 -21.09
CA LEU D 59 -18.99 -48.57 -21.68
C LEU D 59 -20.29 -49.36 -21.47
N GLU D 60 -20.28 -50.69 -21.65
CA GLU D 60 -21.47 -51.56 -21.46
C GLU D 60 -22.07 -51.37 -20.06
N LYS D 61 -21.23 -51.31 -19.02
CA LYS D 61 -21.67 -51.20 -17.60
C LYS D 61 -22.22 -49.81 -17.35
N LEU D 62 -21.47 -48.80 -17.79
CA LEU D 62 -21.85 -47.38 -17.68
C LEU D 62 -23.22 -47.19 -18.33
N CME D 63 -23.35 -47.64 -19.59
CA CME D 63 -24.56 -47.44 -20.43
CB CME D 63 -24.36 -47.88 -21.87
SG CME D 63 -23.92 -46.54 -23.01
SD CME D 63 -25.68 -45.50 -23.26
CE CME D 63 -26.88 -46.74 -23.85
CZ CME D 63 -27.60 -46.34 -25.11
OH CME D 63 -28.20 -47.45 -25.76
C CME D 63 -25.79 -48.05 -19.73
O CME D 63 -26.80 -47.33 -19.61
N ARG D 64 -25.71 -49.28 -19.24
CA ARG D 64 -26.86 -49.94 -18.57
C ARG D 64 -27.02 -49.38 -17.15
N PHE D 65 -25.95 -48.90 -16.51
CA PHE D 65 -26.03 -48.20 -15.21
C PHE D 65 -26.90 -46.94 -15.39
N ILE D 66 -26.77 -46.28 -16.53
CA ILE D 66 -27.43 -44.97 -16.82
C ILE D 66 -28.91 -45.20 -17.06
N MET D 67 -29.25 -46.20 -17.88
CA MET D 67 -30.65 -46.54 -18.22
C MET D 67 -31.33 -47.10 -16.96
N SER D 68 -30.57 -47.71 -16.05
CA SER D 68 -31.07 -48.19 -14.74
C SER D 68 -31.44 -46.99 -13.87
N VAL D 69 -30.61 -45.95 -13.88
CA VAL D 69 -30.83 -44.72 -13.05
C VAL D 69 -31.96 -43.90 -13.68
N LYS D 70 -32.01 -43.85 -15.00
CA LYS D 70 -33.07 -43.14 -15.76
C LYS D 70 -34.44 -43.71 -15.40
N LYS D 71 -34.57 -45.03 -15.52
CA LYS D 71 -35.75 -45.85 -15.16
C LYS D 71 -36.19 -45.54 -13.72
N ASN D 72 -35.28 -45.20 -12.80
CA ASN D 72 -35.58 -44.99 -11.36
C ASN D 72 -35.75 -43.49 -11.00
N TYR D 73 -35.67 -42.57 -11.99
CA TYR D 73 -36.23 -41.19 -11.88
C TYR D 73 -37.70 -41.21 -12.34
N ARG D 74 -38.56 -40.48 -11.65
CA ARG D 74 -40.03 -40.52 -11.87
C ARG D 74 -40.44 -39.36 -12.78
N ARG D 75 -41.68 -39.40 -13.29
CA ARG D 75 -42.25 -38.35 -14.18
C ARG D 75 -42.83 -37.26 -13.29
N VAL D 76 -41.96 -36.50 -12.62
CA VAL D 76 -42.31 -35.33 -11.76
C VAL D 76 -41.91 -34.04 -12.47
N PRO D 77 -42.59 -32.91 -12.19
CA PRO D 77 -42.38 -31.67 -12.94
C PRO D 77 -40.94 -31.13 -12.91
N TYR D 78 -40.19 -31.33 -11.82
CA TYR D 78 -38.85 -30.70 -11.63
C TYR D 78 -37.75 -31.69 -11.27
N HIS D 79 -37.95 -32.55 -10.26
CA HIS D 79 -36.90 -33.47 -9.73
C HIS D 79 -36.84 -34.74 -10.56
N ASN D 80 -36.54 -34.58 -11.85
CA ASN D 80 -36.76 -35.62 -12.89
C ASN D 80 -35.41 -36.00 -13.49
N TRP D 81 -35.42 -36.84 -14.53
CA TRP D 81 -34.20 -37.29 -15.24
C TRP D 81 -33.43 -36.08 -15.79
N LYS D 82 -34.16 -35.09 -16.29
CA LYS D 82 -33.57 -33.88 -16.92
C LYS D 82 -32.72 -33.12 -15.88
N HIS D 83 -33.20 -33.05 -14.65
CA HIS D 83 -32.54 -32.34 -13.53
C HIS D 83 -31.24 -33.06 -13.16
N ALA D 84 -31.25 -34.40 -13.17
CA ALA D 84 -30.09 -35.27 -12.86
C ALA D 84 -28.94 -34.94 -13.80
N VAL D 85 -29.24 -34.88 -15.09
CA VAL D 85 -28.22 -34.63 -16.15
C VAL D 85 -27.81 -33.15 -16.14
N THR D 86 -28.74 -32.22 -15.91
CA THR D 86 -28.46 -30.76 -15.84
C THR D 86 -27.47 -30.48 -14.71
N VAL D 87 -27.72 -31.04 -13.53
CA VAL D 87 -26.78 -30.97 -12.37
C VAL D 87 -25.42 -31.57 -12.76
N ALA D 88 -25.40 -32.78 -13.33
CA ALA D 88 -24.18 -33.51 -13.74
C ALA D 88 -23.35 -32.64 -14.68
N HIS D 89 -24.01 -31.89 -15.54
CA HIS D 89 -23.32 -31.00 -16.50
C HIS D 89 -22.61 -29.88 -15.71
N CYS D 90 -23.28 -29.27 -14.74
CA CYS D 90 -22.68 -28.20 -13.91
C CYS D 90 -21.37 -28.72 -13.31
N MET D 91 -21.43 -29.90 -12.70
CA MET D 91 -20.24 -30.57 -12.13
C MET D 91 -19.20 -30.76 -13.22
N TYR D 92 -19.63 -31.07 -14.45
CA TYR D 92 -18.73 -31.23 -15.62
C TYR D 92 -18.04 -29.89 -15.88
N ALA D 93 -18.82 -28.85 -16.10
CA ALA D 93 -18.30 -27.46 -16.27
C ALA D 93 -17.25 -27.19 -15.18
N ILE D 94 -17.55 -27.48 -13.90
CA ILE D 94 -16.66 -27.18 -12.74
C ILE D 94 -15.37 -27.99 -12.84
N LEU D 95 -15.47 -29.29 -13.13
CA LEU D 95 -14.31 -30.21 -13.18
C LEU D 95 -13.37 -29.80 -14.33
N GLN D 96 -13.88 -29.39 -15.48
CA GLN D 96 -13.04 -29.02 -16.66
C GLN D 96 -12.27 -27.72 -16.37
N ASN D 97 -12.88 -26.79 -15.64
CA ASN D 97 -12.34 -25.44 -15.39
C ASN D 97 -11.58 -25.38 -14.07
N ASN D 98 -11.57 -26.46 -13.26
CA ASN D 98 -10.71 -26.59 -12.06
C ASN D 98 -10.03 -27.97 -12.05
N HIS D 99 -9.35 -28.34 -13.15
CA HIS D 99 -8.99 -29.75 -13.49
C HIS D 99 -7.73 -30.21 -12.76
N THR D 100 -6.91 -29.30 -12.23
CA THR D 100 -5.67 -29.66 -11.47
C THR D 100 -6.02 -29.94 -10.00
N LEU D 101 -7.20 -29.54 -9.51
CA LEU D 101 -7.57 -29.57 -8.06
C LEU D 101 -8.06 -30.94 -7.59
N PHE D 102 -8.73 -31.74 -8.44
CA PHE D 102 -9.48 -32.95 -8.01
C PHE D 102 -8.70 -34.21 -8.38
N THR D 103 -8.77 -35.22 -7.50
CA THR D 103 -8.16 -36.56 -7.71
C THR D 103 -8.98 -37.29 -8.75
N ASP D 104 -8.43 -38.39 -9.25
CA ASP D 104 -9.06 -39.29 -10.26
C ASP D 104 -10.33 -39.91 -9.64
N LEU D 105 -10.25 -40.35 -8.37
CA LEU D 105 -11.40 -40.91 -7.59
C LEU D 105 -12.56 -39.93 -7.58
N GLU D 106 -12.28 -38.66 -7.24
CA GLU D 106 -13.30 -37.60 -7.07
C GLU D 106 -13.91 -37.31 -8.44
N ARG D 107 -13.10 -37.33 -9.50
CA ARG D 107 -13.58 -37.19 -10.90
C ARG D 107 -14.59 -38.30 -11.21
N LYS D 108 -14.24 -39.57 -10.94
CA LYS D 108 -15.16 -40.72 -11.14
C LYS D 108 -16.42 -40.51 -10.27
N GLY D 109 -16.23 -40.11 -9.02
CA GLY D 109 -17.27 -40.14 -7.97
C GLY D 109 -18.32 -39.04 -8.05
N LEU D 110 -18.04 -37.92 -8.72
CA LEU D 110 -18.86 -36.69 -8.54
C LEU D 110 -19.91 -36.56 -9.66
N LEU D 111 -19.57 -36.92 -10.90
CA LEU D 111 -20.55 -37.00 -12.00
C LEU D 111 -21.60 -38.07 -11.67
N ILE D 112 -21.16 -39.23 -11.18
CA ILE D 112 -22.07 -40.32 -10.71
C ILE D 112 -22.88 -39.79 -9.52
N ALA D 113 -22.29 -39.01 -8.62
CA ALA D 113 -23.04 -38.43 -7.49
C ALA D 113 -24.21 -37.63 -8.07
N CYS D 114 -23.91 -36.74 -9.01
CA CYS D 114 -24.87 -35.72 -9.51
C CYS D 114 -25.98 -36.42 -10.29
N LEU D 115 -25.66 -37.45 -11.07
CA LEU D 115 -26.66 -38.17 -11.89
C LEU D 115 -27.66 -38.84 -10.97
N CYS D 116 -27.16 -39.39 -9.86
CA CYS D 116 -27.95 -40.19 -8.88
C CYS D 116 -28.59 -39.30 -7.78
N HIS D 117 -28.24 -38.02 -7.65
CA HIS D 117 -28.42 -37.26 -6.37
C HIS D 117 -29.89 -37.19 -5.92
N ASP D 118 -30.88 -37.38 -6.82
CA ASP D 118 -32.35 -37.26 -6.52
C ASP D 118 -33.08 -38.55 -6.97
N LEU D 119 -32.40 -39.69 -6.97
CA LEU D 119 -32.98 -40.96 -7.44
C LEU D 119 -34.29 -41.22 -6.68
N ASP D 120 -35.39 -41.48 -7.39
CA ASP D 120 -36.68 -41.94 -6.82
C ASP D 120 -37.35 -40.80 -6.03
N HIS D 121 -37.13 -39.56 -6.45
CA HIS D 121 -37.77 -38.37 -5.82
C HIS D 121 -39.23 -38.36 -6.26
N ARG D 122 -40.17 -38.15 -5.33
CA ARG D 122 -41.63 -38.10 -5.62
C ARG D 122 -42.06 -36.64 -5.69
N GLY D 123 -41.12 -35.70 -5.58
CA GLY D 123 -41.40 -34.26 -5.63
C GLY D 123 -41.84 -33.69 -4.29
N PHE D 124 -41.73 -34.45 -3.19
CA PHE D 124 -42.11 -34.02 -1.81
C PHE D 124 -40.85 -33.81 -0.95
N SER D 125 -40.81 -32.68 -0.24
CA SER D 125 -39.72 -32.25 0.66
C SER D 125 -39.69 -33.13 1.92
N ASN D 126 -38.49 -33.31 2.48
CA ASN D 126 -38.19 -33.98 3.78
C ASN D 126 -39.18 -33.57 4.88
N SER D 127 -39.53 -32.27 4.97
CA SER D 127 -40.55 -31.71 5.88
C SER D 127 -41.88 -32.45 5.69
N TYR D 128 -42.37 -32.48 4.45
CA TYR D 128 -43.71 -33.04 4.12
C TYR D 128 -43.76 -34.51 4.57
N LEU D 129 -42.70 -35.27 4.27
CA LEU D 129 -42.62 -36.72 4.58
C LEU D 129 -42.74 -36.91 6.10
N GLN D 130 -42.14 -36.00 6.89
CA GLN D 130 -42.19 -36.06 8.38
C GLN D 130 -43.63 -35.81 8.82
N LYS D 131 -44.29 -34.83 8.23
CA LYS D 131 -45.65 -34.38 8.64
C LYS D 131 -46.68 -35.41 8.14
N PHE D 132 -46.42 -36.01 6.98
CA PHE D 132 -47.20 -37.18 6.49
C PHE D 132 -47.01 -38.37 7.43
N ASP D 133 -45.83 -38.49 8.04
CA ASP D 133 -45.40 -39.65 8.85
C ASP D 133 -45.05 -40.81 7.89
N HIS D 134 -44.37 -40.52 6.78
CA HIS D 134 -43.93 -41.52 5.75
C HIS D 134 -42.96 -42.51 6.39
N PRO D 135 -43.00 -43.81 6.01
CA PRO D 135 -42.02 -44.77 6.48
C PRO D 135 -40.56 -44.31 6.32
N LEU D 136 -40.29 -43.50 5.30
CA LEU D 136 -38.90 -43.01 5.00
C LEU D 136 -38.40 -42.15 6.18
N ALA D 137 -39.25 -41.29 6.74
CA ALA D 137 -38.95 -40.46 7.93
C ALA D 137 -38.63 -41.28 9.18
N ALA D 138 -39.26 -42.45 9.37
CA ALA D 138 -38.98 -43.35 10.51
C ALA D 138 -37.62 -44.05 10.27
N LEU D 139 -37.30 -44.35 9.02
CA LEU D 139 -36.08 -45.10 8.62
C LEU D 139 -34.86 -44.16 8.68
N TYR D 140 -35.05 -42.91 8.23
CA TYR D 140 -34.06 -41.81 8.11
C TYR D 140 -34.61 -40.54 8.77
N SER D 141 -34.07 -40.14 9.94
CA SER D 141 -34.63 -39.07 10.79
C SER D 141 -34.22 -37.68 10.29
N THR D 142 -33.06 -37.55 9.63
CA THR D 142 -32.59 -36.28 9.01
C THR D 142 -32.08 -36.57 7.59
N SER D 143 -32.23 -35.59 6.68
CA SER D 143 -31.84 -35.72 5.26
C SER D 143 -32.55 -36.95 4.71
N THR D 144 -33.84 -37.04 5.00
CA THR D 144 -34.68 -38.24 4.78
C THR D 144 -34.52 -38.70 3.32
N MET D 145 -34.85 -37.86 2.35
CA MET D 145 -34.82 -38.23 0.91
C MET D 145 -33.38 -38.53 0.49
N GLU D 146 -32.44 -37.71 0.97
CA GLU D 146 -31.00 -37.71 0.57
C GLU D 146 -30.37 -39.07 0.90
N GLN D 147 -30.75 -39.64 2.05
CA GLN D 147 -30.30 -40.99 2.51
C GLN D 147 -31.03 -42.06 1.70
N HIS D 148 -32.26 -41.78 1.28
CA HIS D 148 -33.00 -42.64 0.31
C HIS D 148 -32.29 -42.57 -1.05
N HIS D 149 -31.94 -41.37 -1.55
CA HIS D 149 -31.25 -41.22 -2.86
C HIS D 149 -29.98 -42.07 -2.86
N PHE D 150 -29.22 -42.06 -1.77
CA PHE D 150 -27.95 -42.83 -1.68
C PHE D 150 -28.23 -44.34 -1.69
N SER D 151 -29.24 -44.79 -0.94
CA SER D 151 -29.58 -46.22 -0.81
C SER D 151 -29.97 -46.78 -2.17
N GLN D 152 -30.71 -45.99 -2.96
CA GLN D 152 -31.14 -46.34 -4.34
C GLN D 152 -29.92 -46.41 -5.27
N THR D 153 -28.97 -45.49 -5.09
CA THR D 153 -27.67 -45.47 -5.81
C THR D 153 -26.97 -46.81 -5.62
N VAL D 154 -26.88 -47.27 -4.37
CA VAL D 154 -26.13 -48.51 -3.99
C VAL D 154 -26.87 -49.71 -4.56
N SER D 155 -28.19 -49.81 -4.35
CA SER D 155 -29.05 -50.85 -4.95
C SER D 155 -28.71 -51.04 -6.42
N ILE D 156 -28.61 -49.96 -7.19
CA ILE D 156 -28.39 -50.06 -8.66
C ILE D 156 -26.96 -50.54 -8.94
N LEU D 157 -25.96 -50.09 -8.17
CA LEU D 157 -24.53 -50.51 -8.34
C LEU D 157 -24.33 -52.00 -8.00
N GLN D 158 -25.24 -52.61 -7.25
CA GLN D 158 -25.18 -54.02 -6.78
C GLN D 158 -26.07 -54.91 -7.66
N LEU D 159 -26.82 -54.30 -8.60
CA LEU D 159 -27.49 -55.01 -9.73
C LEU D 159 -26.42 -55.72 -10.56
N GLU D 160 -26.81 -56.77 -11.26
CA GLU D 160 -25.91 -57.57 -12.13
C GLU D 160 -25.45 -56.71 -13.32
N GLY D 161 -24.14 -56.70 -13.59
CA GLY D 161 -23.57 -56.03 -14.78
C GLY D 161 -23.45 -54.52 -14.63
N HIS D 162 -23.82 -53.95 -13.48
CA HIS D 162 -23.90 -52.47 -13.25
C HIS D 162 -22.70 -51.92 -12.48
N ASN D 163 -21.95 -52.73 -11.71
CA ASN D 163 -20.88 -52.15 -10.85
C ASN D 163 -19.79 -51.56 -11.74
N ILE D 164 -19.94 -50.25 -12.00
CA ILE D 164 -19.09 -49.39 -12.86
C ILE D 164 -17.71 -49.21 -12.22
N PHE D 165 -17.57 -49.57 -10.93
CA PHE D 165 -16.32 -49.41 -10.12
C PHE D 165 -15.65 -50.77 -9.83
N SER D 166 -15.99 -51.81 -10.61
CA SER D 166 -15.53 -53.21 -10.45
C SER D 166 -14.01 -53.31 -10.51
N THR D 167 -13.37 -52.44 -11.30
CA THR D 167 -11.91 -52.43 -11.57
C THR D 167 -11.15 -51.79 -10.39
N LEU D 168 -11.86 -51.10 -9.49
CA LEU D 168 -11.23 -50.38 -8.36
C LEU D 168 -11.01 -51.37 -7.23
N SER D 169 -9.81 -51.39 -6.63
CA SER D 169 -9.50 -52.09 -5.37
C SER D 169 -10.66 -51.89 -4.39
N SER D 170 -10.75 -52.68 -3.32
CA SER D 170 -11.85 -52.61 -2.33
C SER D 170 -11.69 -51.32 -1.51
N SER D 171 -10.45 -50.86 -1.34
CA SER D 171 -10.09 -49.65 -0.55
C SER D 171 -10.52 -48.40 -1.34
N GLU D 172 -10.10 -48.30 -2.59
CA GLU D 172 -10.52 -47.24 -3.54
C GLU D 172 -11.99 -47.37 -3.88
N TYR D 173 -12.59 -48.54 -3.68
CA TYR D 173 -14.04 -48.76 -3.94
C TYR D 173 -14.86 -48.15 -2.82
N GLU D 174 -14.52 -48.44 -1.55
CA GLU D 174 -15.29 -47.91 -0.41
C GLU D 174 -14.97 -46.42 -0.26
N GLN D 175 -13.94 -45.94 -0.98
CA GLN D 175 -13.49 -44.53 -0.92
C GLN D 175 -14.30 -43.68 -1.89
N VAL D 176 -14.60 -44.21 -3.08
CA VAL D 176 -15.48 -43.54 -4.09
C VAL D 176 -16.91 -43.51 -3.55
N LEU D 177 -17.36 -44.58 -2.89
CA LEU D 177 -18.76 -44.72 -2.39
C LEU D 177 -18.98 -43.73 -1.24
N GLU D 178 -17.90 -43.39 -0.51
CA GLU D 178 -17.92 -42.41 0.60
C GLU D 178 -18.01 -41.00 -0.01
N ILE D 179 -17.15 -40.68 -0.99
CA ILE D 179 -17.24 -39.43 -1.80
C ILE D 179 -18.69 -39.25 -2.24
N ILE D 180 -19.33 -40.30 -2.77
CA ILE D 180 -20.68 -40.24 -3.41
C ILE D 180 -21.74 -40.01 -2.33
N ARG D 181 -21.57 -40.62 -1.17
CA ARG D 181 -22.53 -40.51 -0.04
C ARG D 181 -22.50 -39.08 0.52
N LYS D 182 -21.31 -38.53 0.69
CA LYS D 182 -21.13 -37.19 1.31
C LYS D 182 -21.67 -36.16 0.33
N ALA D 183 -21.37 -36.35 -0.96
CA ALA D 183 -21.79 -35.43 -2.02
C ALA D 183 -23.33 -35.39 -2.08
N ILE D 184 -23.99 -36.56 -1.97
CA ILE D 184 -25.46 -36.70 -2.17
C ILE D 184 -26.20 -36.19 -0.94
N ILE D 185 -25.65 -36.40 0.25
CA ILE D 185 -26.20 -35.84 1.52
C ILE D 185 -26.16 -34.31 1.46
N ALA D 186 -25.06 -33.74 0.97
CA ALA D 186 -24.80 -32.28 0.92
C ALA D 186 -25.83 -31.58 0.04
N THR D 187 -26.55 -32.31 -0.84
CA THR D 187 -27.67 -31.76 -1.66
C THR D 187 -28.90 -31.45 -0.78
N ASP D 188 -28.91 -31.87 0.48
CA ASP D 188 -29.85 -31.35 1.53
C ASP D 188 -29.58 -29.87 1.81
N LEU D 189 -30.49 -28.99 1.38
CA LEU D 189 -30.30 -27.52 1.50
C LEU D 189 -30.18 -27.08 2.97
N ALA D 190 -30.76 -27.82 3.92
CA ALA D 190 -30.70 -27.46 5.36
C ALA D 190 -29.24 -27.51 5.85
N LEU D 191 -28.40 -28.35 5.26
CA LEU D 191 -27.00 -28.55 5.71
C LEU D 191 -26.07 -27.52 5.07
N TYR D 192 -26.51 -26.86 4.00
CA TYR D 192 -25.66 -25.97 3.17
C TYR D 192 -25.31 -24.71 3.96
N PHE D 193 -26.33 -24.11 4.60
CA PHE D 193 -26.20 -22.84 5.37
C PHE D 193 -24.94 -22.92 6.26
N GLY D 194 -24.91 -23.87 7.19
CA GLY D 194 -23.77 -24.13 8.09
C GLY D 194 -22.46 -24.30 7.34
N ASN D 195 -22.48 -25.03 6.22
CA ASN D 195 -21.31 -25.35 5.37
C ASN D 195 -20.79 -24.04 4.76
N ARG D 196 -21.66 -23.23 4.19
CA ARG D 196 -21.25 -21.95 3.56
C ARG D 196 -20.64 -21.02 4.62
N LYS D 197 -21.27 -20.90 5.80
CA LYS D 197 -20.79 -20.02 6.91
C LYS D 197 -19.41 -20.51 7.38
N GLN D 198 -19.23 -21.82 7.53
CA GLN D 198 -17.92 -22.42 7.91
C GLN D 198 -16.86 -22.07 6.83
N LEU D 199 -17.10 -22.38 5.56
CA LEU D 199 -16.11 -22.22 4.44
C LEU D 199 -15.72 -20.75 4.23
N GLU D 200 -16.61 -19.81 4.54
CA GLU D 200 -16.36 -18.36 4.38
C GLU D 200 -15.35 -17.96 5.46
N GLU D 201 -15.60 -18.35 6.71
CA GLU D 201 -14.66 -18.10 7.83
C GLU D 201 -13.30 -18.74 7.50
N MET D 202 -13.28 -20.00 7.09
CA MET D 202 -12.03 -20.73 6.76
C MET D 202 -11.28 -20.01 5.63
N TYR D 203 -11.99 -19.63 4.56
CA TYR D 203 -11.41 -19.00 3.36
C TYR D 203 -10.86 -17.61 3.69
N GLN D 204 -11.74 -16.70 4.13
CA GLN D 204 -11.42 -15.27 4.41
C GLN D 204 -10.23 -15.17 5.37
N THR D 205 -10.24 -15.94 6.47
CA THR D 205 -9.16 -15.89 7.49
C THR D 205 -7.97 -16.77 7.07
N GLY D 206 -7.98 -17.34 5.85
CA GLY D 206 -6.82 -18.02 5.25
C GLY D 206 -6.50 -19.38 5.87
N SER D 207 -7.35 -19.92 6.77
CA SER D 207 -7.16 -21.24 7.40
C SER D 207 -7.58 -22.40 6.46
N LEU D 208 -8.36 -22.14 5.39
CA LEU D 208 -8.79 -23.17 4.40
C LEU D 208 -7.56 -23.84 3.77
N ASN D 209 -7.65 -25.15 3.51
CA ASN D 209 -6.51 -26.06 3.20
C ASN D 209 -7.09 -27.31 2.50
N LEU D 210 -6.84 -27.48 1.20
CA LEU D 210 -7.44 -28.58 0.39
C LEU D 210 -6.56 -29.86 0.49
N ASN D 211 -5.62 -29.92 1.43
CA ASN D 211 -4.89 -31.16 1.82
C ASN D 211 -5.59 -31.79 3.02
N ASN D 212 -6.44 -31.01 3.69
CA ASN D 212 -7.28 -31.41 4.85
C ASN D 212 -8.59 -32.01 4.33
N GLN D 213 -8.74 -33.34 4.43
CA GLN D 213 -9.92 -34.08 3.90
C GLN D 213 -11.23 -33.44 4.40
N SER D 214 -11.26 -33.01 5.66
CA SER D 214 -12.44 -32.40 6.31
C SER D 214 -12.84 -31.11 5.58
N HIS D 215 -11.84 -30.44 4.99
CA HIS D 215 -11.97 -29.17 4.21
C HIS D 215 -12.38 -29.51 2.78
N ARG D 216 -11.84 -30.59 2.22
CA ARG D 216 -12.21 -31.10 0.87
C ARG D 216 -13.70 -31.39 0.82
N ASP D 217 -14.20 -32.13 1.81
CA ASP D 217 -15.62 -32.58 1.90
C ASP D 217 -16.57 -31.37 1.92
N ARG D 218 -16.20 -30.33 2.68
CA ARG D 218 -16.95 -29.04 2.77
C ARG D 218 -17.05 -28.38 1.37
N VAL D 219 -15.95 -28.33 0.60
CA VAL D 219 -15.89 -27.66 -0.74
C VAL D 219 -16.61 -28.50 -1.81
N ILE D 220 -16.60 -29.83 -1.67
CA ILE D 220 -17.42 -30.75 -2.52
C ILE D 220 -18.90 -30.53 -2.14
N GLY D 221 -19.18 -30.46 -0.84
CA GLY D 221 -20.51 -30.14 -0.31
C GLY D 221 -21.06 -28.89 -0.97
N LEU D 222 -20.32 -27.78 -0.91
CA LEU D 222 -20.68 -26.51 -1.59
C LEU D 222 -20.76 -26.71 -3.12
N MET D 223 -19.83 -27.45 -3.72
CA MET D 223 -19.86 -27.72 -5.18
C MET D 223 -21.19 -28.37 -5.56
N MET D 224 -21.74 -29.22 -4.70
CA MET D 224 -22.98 -29.99 -4.98
C MET D 224 -24.21 -29.07 -4.86
N THR D 225 -24.35 -28.32 -3.77
CA THR D 225 -25.39 -27.27 -3.64
C THR D 225 -25.39 -26.44 -4.92
N ALA D 226 -24.21 -25.98 -5.35
CA ALA D 226 -23.97 -25.09 -6.52
C ALA D 226 -24.56 -25.74 -7.77
N CYS D 227 -24.13 -26.97 -8.04
CA CYS D 227 -24.64 -27.84 -9.14
C CYS D 227 -26.16 -28.02 -9.03
N ASP D 228 -26.64 -28.18 -7.80
CA ASP D 228 -28.03 -28.61 -7.52
C ASP D 228 -28.97 -27.43 -7.81
N LEU D 229 -28.49 -26.20 -7.63
CA LEU D 229 -29.29 -24.96 -7.83
C LEU D 229 -29.00 -24.34 -9.20
N CYS D 230 -28.22 -24.99 -10.07
CA CYS D 230 -27.68 -24.32 -11.28
C CYS D 230 -28.79 -23.89 -12.26
N SER D 231 -30.05 -24.23 -12.03
CA SER D 231 -31.15 -23.78 -12.94
C SER D 231 -31.34 -22.26 -12.76
N VAL D 232 -30.95 -21.70 -11.61
CA VAL D 232 -30.96 -20.22 -11.37
C VAL D 232 -29.71 -19.55 -12.00
N THR D 233 -28.84 -20.28 -12.70
CA THR D 233 -27.59 -19.75 -13.30
C THR D 233 -27.60 -19.90 -14.82
N LYS D 234 -28.75 -20.22 -15.38
CA LYS D 234 -28.98 -20.30 -16.85
C LYS D 234 -29.48 -18.94 -17.33
N LEU D 235 -29.39 -18.70 -18.63
CA LEU D 235 -29.92 -17.47 -19.28
C LEU D 235 -31.40 -17.41 -18.90
N TRP D 236 -31.92 -16.19 -18.79
CA TRP D 236 -33.20 -15.88 -18.10
C TRP D 236 -34.36 -16.69 -18.70
N PRO D 237 -34.51 -16.85 -20.03
CA PRO D 237 -35.61 -17.64 -20.58
C PRO D 237 -35.64 -19.10 -20.08
N VAL D 238 -34.47 -19.69 -19.75
CA VAL D 238 -34.33 -21.09 -19.24
C VAL D 238 -34.67 -21.08 -17.75
N THR D 239 -34.16 -20.11 -16.98
CA THR D 239 -34.39 -19.95 -15.52
C THR D 239 -35.85 -19.58 -15.23
N LYS D 240 -36.51 -18.86 -16.12
CA LYS D 240 -37.93 -18.44 -15.96
C LYS D 240 -38.85 -19.64 -16.21
N LEU D 241 -38.65 -20.39 -17.29
CA LEU D 241 -39.46 -21.61 -17.58
C LEU D 241 -39.22 -22.67 -16.49
N THR D 242 -38.01 -22.83 -15.95
CA THR D 242 -37.72 -23.86 -14.92
C THR D 242 -38.38 -23.46 -13.59
N ALA D 243 -38.45 -22.17 -13.30
CA ALA D 243 -39.17 -21.68 -12.11
C ALA D 243 -40.57 -22.32 -12.08
N ASN D 244 -41.29 -22.41 -13.22
CA ASN D 244 -42.66 -23.02 -13.29
C ASN D 244 -42.63 -24.50 -12.87
N ASP D 245 -41.61 -25.24 -13.30
CA ASP D 245 -41.47 -26.69 -13.01
C ASP D 245 -41.26 -26.84 -11.50
N ILE D 246 -40.31 -26.10 -10.89
CA ILE D 246 -40.08 -26.14 -9.40
C ILE D 246 -41.41 -25.83 -8.71
N TYR D 247 -42.14 -24.83 -9.17
CA TYR D 247 -43.36 -24.31 -8.49
C TYR D 247 -44.53 -25.26 -8.75
N ALA D 248 -44.54 -25.99 -9.87
CA ALA D 248 -45.59 -26.99 -10.12
C ALA D 248 -45.56 -27.97 -8.94
N GLU D 249 -44.35 -28.39 -8.53
CA GLU D 249 -44.11 -29.32 -7.38
C GLU D 249 -44.49 -28.63 -6.07
N PHE D 250 -43.92 -27.44 -5.81
CA PHE D 250 -44.16 -26.65 -4.58
C PHE D 250 -45.65 -26.55 -4.30
N TRP D 251 -46.45 -26.22 -5.32
CA TRP D 251 -47.93 -26.12 -5.21
C TRP D 251 -48.57 -27.50 -4.98
N ALA D 252 -48.04 -28.56 -5.59
CA ALA D 252 -48.52 -29.94 -5.35
C ALA D 252 -48.37 -30.25 -3.86
N GLU D 253 -47.19 -29.99 -3.29
CA GLU D 253 -46.92 -30.24 -1.84
C GLU D 253 -47.80 -29.32 -0.99
N GLY D 254 -47.95 -28.06 -1.42
CA GLY D 254 -48.84 -27.12 -0.74
C GLY D 254 -50.20 -27.73 -0.53
N ASP D 255 -50.81 -28.27 -1.60
CA ASP D 255 -52.19 -28.85 -1.62
C ASP D 255 -52.24 -30.05 -0.68
N GLU D 256 -51.16 -30.84 -0.64
CA GLU D 256 -51.04 -32.05 0.21
C GLU D 256 -50.90 -31.62 1.68
N MET D 257 -50.22 -30.51 1.96
CA MET D 257 -50.16 -29.94 3.34
C MET D 257 -51.59 -29.56 3.73
N LYS D 258 -52.31 -28.87 2.84
CA LYS D 258 -53.71 -28.44 3.09
C LYS D 258 -54.59 -29.67 3.37
N LYS D 259 -54.29 -30.80 2.74
CA LYS D 259 -55.03 -32.08 2.90
C LYS D 259 -54.69 -32.76 4.24
N LEU D 260 -53.52 -32.48 4.84
CA LEU D 260 -53.17 -32.99 6.21
C LEU D 260 -53.79 -32.07 7.27
N GLY D 261 -54.29 -30.89 6.89
CA GLY D 261 -54.96 -29.90 7.76
C GLY D 261 -54.07 -28.71 8.14
N ILE D 262 -52.87 -28.62 7.56
CA ILE D 262 -51.81 -27.62 7.89
C ILE D 262 -51.77 -26.54 6.81
N GLN D 263 -51.64 -25.27 7.20
CA GLN D 263 -51.51 -24.12 6.27
C GLN D 263 -50.08 -24.11 5.76
N PRO D 264 -49.86 -24.33 4.44
CA PRO D 264 -48.49 -24.36 3.92
C PRO D 264 -47.84 -22.97 3.89
N ILE D 265 -46.51 -22.92 4.10
CA ILE D 265 -45.70 -21.68 3.90
C ILE D 265 -46.06 -21.09 2.53
N PRO D 266 -46.05 -19.74 2.38
CA PRO D 266 -46.61 -19.10 1.18
C PRO D 266 -46.08 -19.63 -0.17
N MET D 267 -44.76 -19.81 -0.24
CA MET D 267 -44.01 -20.34 -1.41
C MET D 267 -44.78 -21.51 -2.04
N MET D 268 -45.37 -22.36 -1.21
CA MET D 268 -46.06 -23.62 -1.59
C MET D 268 -47.58 -23.43 -1.69
N ASP D 269 -48.10 -22.22 -1.44
CA ASP D 269 -49.56 -21.94 -1.59
C ASP D 269 -49.84 -21.43 -3.00
N ARG D 270 -50.68 -22.13 -3.76
CA ARG D 270 -51.00 -21.82 -5.18
C ARG D 270 -52.08 -20.75 -5.26
N ASP D 271 -52.70 -20.35 -4.14
CA ASP D 271 -53.59 -19.16 -4.10
C ASP D 271 -52.76 -17.89 -3.92
N LYS D 272 -51.43 -18.02 -3.72
CA LYS D 272 -50.50 -16.88 -3.47
C LYS D 272 -49.48 -16.74 -4.60
N LYS D 273 -49.84 -17.06 -5.85
CA LYS D 273 -48.93 -16.99 -7.02
C LYS D 273 -48.42 -15.55 -7.24
N ASP D 274 -49.20 -14.55 -6.81
CA ASP D 274 -48.81 -13.11 -6.89
C ASP D 274 -47.54 -12.83 -6.06
N GLU D 275 -47.31 -13.56 -4.96
CA GLU D 275 -46.15 -13.33 -4.06
C GLU D 275 -44.89 -14.07 -4.55
N VAL D 276 -44.94 -14.74 -5.72
CA VAL D 276 -43.80 -15.56 -6.24
C VAL D 276 -42.59 -14.65 -6.44
N PRO D 277 -42.60 -13.67 -7.37
CA PRO D 277 -41.41 -12.85 -7.64
C PRO D 277 -40.68 -12.27 -6.42
N GLN D 278 -41.42 -11.78 -5.42
CA GLN D 278 -40.86 -11.31 -4.12
C GLN D 278 -40.21 -12.50 -3.39
N GLY D 279 -40.83 -13.69 -3.47
CA GLY D 279 -40.31 -14.94 -2.87
C GLY D 279 -39.01 -15.36 -3.52
N GLN D 280 -38.96 -15.33 -4.85
CA GLN D 280 -37.74 -15.56 -5.68
C GLN D 280 -36.62 -14.60 -5.30
N LEU D 281 -36.94 -13.31 -5.17
CA LEU D 281 -35.97 -12.29 -4.70
C LEU D 281 -35.36 -12.75 -3.38
N GLY D 282 -36.19 -13.09 -2.39
CA GLY D 282 -35.76 -13.64 -1.09
C GLY D 282 -34.79 -14.81 -1.25
N PHE D 283 -35.02 -15.66 -2.26
CA PHE D 283 -34.31 -16.93 -2.47
C PHE D 283 -32.91 -16.66 -3.04
N TYR D 284 -32.80 -15.72 -3.98
CA TYR D 284 -31.48 -15.29 -4.53
C TYR D 284 -30.65 -14.60 -3.44
N ASN D 285 -31.26 -13.70 -2.66
CA ASN D 285 -30.59 -12.89 -1.60
C ASN D 285 -30.13 -13.82 -0.47
N ALA D 286 -30.98 -14.77 -0.04
CA ALA D 286 -30.82 -15.56 1.21
C ALA D 286 -30.09 -16.89 1.00
N VAL D 287 -30.14 -17.47 -0.22
CA VAL D 287 -29.58 -18.82 -0.53
C VAL D 287 -28.63 -18.76 -1.73
N ALA D 288 -29.16 -18.41 -2.91
CA ALA D 288 -28.50 -18.61 -4.22
C ALA D 288 -27.24 -17.75 -4.34
N ILE D 289 -27.31 -16.45 -4.03
CA ILE D 289 -26.20 -15.50 -4.34
C ILE D 289 -25.04 -15.75 -3.39
N PRO D 290 -25.25 -15.95 -2.07
CA PRO D 290 -24.13 -16.33 -1.21
C PRO D 290 -23.42 -17.60 -1.71
N CYS D 291 -24.19 -18.61 -2.10
CA CYS D 291 -23.70 -19.94 -2.54
C CYS D 291 -22.64 -19.79 -3.65
N TYR D 292 -22.97 -19.03 -4.69
CA TYR D 292 -22.10 -18.84 -5.89
C TYR D 292 -21.02 -17.79 -5.61
N THR D 293 -21.33 -16.79 -4.76
CA THR D 293 -20.34 -15.84 -4.19
C THR D 293 -19.22 -16.64 -3.52
N THR D 294 -19.56 -17.45 -2.51
CA THR D 294 -18.57 -18.25 -1.75
C THR D 294 -17.81 -19.20 -2.68
N LEU D 295 -18.46 -19.79 -3.67
CA LEU D 295 -17.79 -20.77 -4.58
C LEU D 295 -16.77 -20.05 -5.47
N THR D 296 -17.11 -18.85 -5.94
CA THR D 296 -16.21 -18.03 -6.80
C THR D 296 -14.98 -17.62 -5.99
N GLN D 297 -15.16 -17.31 -4.70
CA GLN D 297 -14.02 -17.02 -3.78
C GLN D 297 -12.99 -18.15 -3.89
N ILE D 298 -13.41 -19.42 -3.77
CA ILE D 298 -12.57 -20.64 -3.57
C ILE D 298 -12.15 -21.22 -4.93
N LEU D 299 -13.07 -21.26 -5.89
CA LEU D 299 -12.81 -21.74 -7.28
C LEU D 299 -13.14 -20.61 -8.24
N PRO D 300 -12.28 -19.58 -8.34
CA PRO D 300 -12.49 -18.45 -9.24
C PRO D 300 -13.10 -18.71 -10.61
N PRO D 301 -12.66 -19.73 -11.39
CA PRO D 301 -13.21 -19.95 -12.73
C PRO D 301 -14.69 -20.38 -12.76
N THR D 302 -15.31 -20.64 -11.59
CA THR D 302 -16.79 -20.79 -11.40
C THR D 302 -17.52 -19.43 -11.43
N GLU D 303 -16.81 -18.32 -11.68
CA GLU D 303 -17.40 -16.95 -11.67
C GLU D 303 -18.65 -16.90 -12.55
N PRO D 304 -18.65 -17.44 -13.80
CA PRO D 304 -19.81 -17.28 -14.69
C PRO D 304 -21.12 -17.75 -14.05
N LEU D 305 -21.07 -18.64 -13.05
CA LEU D 305 -22.30 -19.02 -12.30
C LEU D 305 -22.83 -17.80 -11.54
N LEU D 306 -21.97 -17.08 -10.82
CA LEU D 306 -22.31 -15.89 -10.01
C LEU D 306 -22.80 -14.77 -10.94
N LYS D 307 -22.06 -14.49 -12.02
CA LYS D 307 -22.51 -13.52 -13.06
C LYS D 307 -23.96 -13.83 -13.47
N ALA D 308 -24.26 -15.05 -13.91
CA ALA D 308 -25.58 -15.47 -14.44
C ALA D 308 -26.65 -15.42 -13.33
N CYS D 309 -26.29 -15.80 -12.11
CA CYS D 309 -27.17 -15.65 -10.92
C CYS D 309 -27.54 -14.17 -10.73
N ARG D 310 -26.54 -13.31 -10.67
CA ARG D 310 -26.71 -11.84 -10.43
C ARG D 310 -27.66 -11.25 -11.49
N ASP D 311 -27.60 -11.74 -12.73
CA ASP D 311 -28.46 -11.25 -13.83
C ASP D 311 -29.92 -11.70 -13.63
N ASN D 312 -30.15 -12.93 -13.19
CA ASN D 312 -31.51 -13.48 -12.94
C ASN D 312 -32.16 -12.75 -11.74
N LEU D 313 -31.38 -12.36 -10.73
CA LEU D 313 -31.88 -11.53 -9.61
C LEU D 313 -32.48 -10.25 -10.20
N SER D 314 -31.72 -9.58 -11.08
CA SER D 314 -32.05 -8.27 -11.69
C SER D 314 -33.23 -8.39 -12.65
N GLN D 315 -33.46 -9.58 -13.21
CA GLN D 315 -34.65 -9.87 -14.05
C GLN D 315 -35.88 -10.02 -13.13
N TRP D 316 -35.75 -10.68 -11.98
CA TRP D 316 -36.82 -10.75 -10.95
C TRP D 316 -37.14 -9.34 -10.42
N GLU D 317 -36.10 -8.53 -10.17
CA GLU D 317 -36.24 -7.11 -9.75
C GLU D 317 -37.10 -6.37 -10.79
N LYS D 318 -36.92 -6.65 -12.08
CA LYS D 318 -37.72 -6.03 -13.17
C LYS D 318 -39.18 -6.48 -13.04
N VAL D 319 -39.41 -7.79 -12.92
CA VAL D 319 -40.77 -8.41 -12.93
C VAL D 319 -41.62 -7.72 -11.84
N ILE D 320 -41.00 -7.38 -10.70
CA ILE D 320 -41.68 -6.68 -9.56
C ILE D 320 -42.14 -5.26 -9.98
N ARG D 321 -41.92 -4.82 -11.24
CA ARG D 321 -42.56 -3.61 -11.83
C ARG D 321 -42.81 -3.81 -13.34
N GLY D 322 -41.80 -3.57 -14.20
CA GLY D 322 -41.87 -3.80 -15.66
C GLY D 322 -40.58 -4.40 -16.19
ZN ZN E . 20.56 26.20 11.63
MG MG F . 24.07 25.28 10.31
N1 K49 G . 26.86 20.42 22.17
C4 K49 G . 25.37 18.11 23.52
C5 K49 G . 24.53 17.16 24.13
C7 K49 G . 22.67 17.79 22.80
C10 K49 G . 20.48 22.93 18.32
N12 K49 G . 22.06 21.41 19.20
C13 K49 G . 21.19 20.99 20.13
C15 K49 G . 22.81 22.71 17.34
C20 K49 G . 17.09 21.75 19.79
C22 K49 G . 14.98 21.72 20.76
C24 K49 G . 16.72 21.16 22.11
C26 K49 G . 23.66 21.65 16.59
C2 K49 G . 23.45 18.76 22.13
C3 K49 G . 24.82 18.94 22.50
N6 K49 G . 23.25 17.03 23.76
N8 K49 G . 22.91 19.63 21.16
C9 K49 G . 19.54 22.55 19.28
C11 K49 G . 21.74 22.33 18.32
C14 K49 G . 19.89 21.56 20.21
C16 K49 G . 21.59 19.98 21.12
O17 K49 G . 20.75 19.53 21.88
N18 K49 G . 18.98 21.14 21.19
C19 K49 G . 17.60 21.36 21.03
N21 K49 G . 15.78 21.91 19.71
N23 K49 G . 15.44 21.35 21.95
C25 K49 G . 24.21 22.30 17.85
C27 K49 G . 25.63 19.96 21.76
O28 K49 G . 25.16 20.34 20.69
C29 K49 G . 27.60 21.44 21.38
C30 K49 G . 29.04 21.00 21.05
O31 K49 G . 29.24 21.03 19.64
C32 K49 G . 30.00 21.99 21.71
C33 K49 G . 29.30 19.56 21.52
ZN ZN H . -12.62 10.59 3.73
MG MG I . -13.13 14.21 4.89
N1 K49 J . -15.37 9.89 16.97
C4 K49 J . -13.28 8.66 18.74
C5 K49 J . -12.48 7.74 19.40
C7 K49 J . -11.62 6.94 17.34
C10 K49 J . -12.47 7.16 10.35
N12 K49 J . -12.47 8.11 12.53
C13 K49 J . -12.05 6.98 13.04
C15 K49 J . -13.12 9.64 10.76
C20 K49 J . -10.43 3.84 10.78
C22 K49 J . -9.59 1.66 10.67
C24 K49 J . -10.55 2.35 12.65
C26 K49 J . -12.49 10.88 11.47
C2 K49 J . -12.40 7.85 16.61
C3 K49 J . -13.26 8.72 17.33
N6 K49 J . -11.70 6.92 18.69
N8 K49 J . -12.41 7.91 15.22
C9 K49 J . -12.06 5.91 10.86
C11 K49 J . -12.67 8.26 11.24
C14 K49 J . -11.85 5.81 12.25
C16 K49 J . -11.92 6.90 14.49
O17 K49 J . -11.46 5.89 14.99
N18 K49 J . -11.45 4.62 12.86
C19 K49 J . -10.82 3.60 12.10
N21 K49 J . -9.83 2.85 10.14
N23 K49 J . -9.94 1.41 11.90
C25 K49 J . -13.93 10.51 11.75
C27 K49 J . -14.08 9.68 16.57
O28 K49 J . -13.56 10.23 15.60
C29 K49 J . -16.33 10.83 16.32
C30 K49 J . -16.40 12.18 17.11
O31 K49 J . -16.02 13.18 16.17
C32 K49 J . -17.84 12.47 17.59
C33 K49 J . -15.44 12.31 18.31
ZN ZN K . 19.31 -6.83 -5.38
MG MG L . 16.14 -8.45 -6.89
N1 K49 M . 15.51 -16.97 2.36
C4 K49 M . 15.01 -16.43 5.11
C5 K49 M . 15.08 -16.20 6.48
C7 K49 M . 16.15 -14.15 6.15
C10 K49 M . 19.07 -10.22 1.02
N12 K49 M . 17.52 -11.75 1.99
C13 K49 M . 18.02 -11.54 3.22
C15 K49 M . 17.29 -11.42 -0.40
C20 K49 M . 20.60 -8.28 4.32
C22 K49 M . 22.00 -7.34 5.92
C24 K49 M . 21.13 -9.41 6.33
C26 K49 M . 15.75 -11.52 -0.43
C2 K49 M . 16.13 -14.31 4.75
C3 K49 M . 15.58 -15.49 4.23
N6 K49 M . 15.63 -15.08 6.95
N8 K49 M . 16.71 -13.38 3.88
C9 K49 M . 19.65 -10.00 2.28
C11 K49 M . 17.99 -11.12 0.92
C14 K49 M . 19.13 -10.67 3.42
C16 K49 M . 17.43 -12.32 4.32
O17 K49 M . 17.60 -12.05 5.53
N18 K49 M . 19.66 -10.50 4.72
C19 K49 M . 20.45 -9.41 5.11
N21 K49 M . 21.36 -7.28 4.77
N23 K49 M . 21.88 -8.39 6.71
C25 K49 M . 16.59 -12.80 -0.48
C27 K49 M . 15.50 -15.71 2.77
O28 K49 M . 15.41 -14.76 1.96
C29 K49 M . 15.43 -17.31 0.95
C30 K49 M . 14.59 -18.58 0.87
O31 K49 M . 14.96 -19.13 -0.42
C32 K49 M . 14.93 -19.59 1.99
C33 K49 M . 13.09 -18.19 1.00
ZN ZN N . -31.53 -31.98 -7.03
MG MG O . -32.68 -33.22 -3.79
N1 K49 P . -36.05 -21.53 0.39
C4 K49 P . -38.16 -19.89 -0.91
C5 K49 P . -38.95 -19.06 -1.66
C7 K49 P . -38.49 -20.23 -3.61
C10 K49 P . -34.27 -25.03 -6.44
N12 K49 P . -35.55 -24.11 -4.68
C13 K49 P . -35.91 -23.09 -5.48
C15 K49 P . -34.43 -26.25 -4.15
C20 K49 P . -35.13 -22.91 -9.70
C22 K49 P . -35.05 -21.63 -11.64
C24 K49 P . -35.70 -20.57 -9.70
C26 K49 P . -35.58 -27.00 -3.44
C2 K49 P . -37.67 -21.13 -2.92
C3 K49 P . -37.48 -20.96 -1.54
N6 K49 P . -39.10 -19.25 -2.96
N8 K49 P . -36.97 -22.17 -3.56
C9 K49 P . -34.58 -23.96 -7.31
C11 K49 P . -34.76 -25.09 -5.11
C14 K49 P . -35.42 -22.96 -6.82
C16 K49 P . -36.72 -22.04 -4.87
O17 K49 P . -37.04 -21.04 -5.51
N18 K49 P . -35.80 -21.85 -7.60
C19 K49 P . -35.55 -21.78 -8.98
N21 K49 P . -34.89 -22.79 -11.01
N23 K49 P . -35.45 -20.53 -11.01
C25 K49 P . -34.63 -26.14 -2.62
C27 K49 P . -36.61 -21.89 -0.80
O28 K49 P . -36.38 -22.99 -1.31
C29 K49 P . -35.16 -22.43 1.16
C30 K49 P . -35.76 -22.71 2.55
O31 K49 P . -35.88 -24.13 2.69
C32 K49 P . -34.84 -22.12 3.64
C33 K49 P . -37.15 -22.05 2.72
#